data_7PX3
#
_entry.id   7PX3
#
_cell.length_a   1.00
_cell.length_b   1.00
_cell.length_c   1.00
_cell.angle_alpha   90.00
_cell.angle_beta   90.00
_cell.angle_gamma   90.00
#
_symmetry.space_group_name_H-M   'P 1'
#
loop_
_entity.id
_entity.type
_entity.pdbx_description
1 polymer 'U5 small nuclear ribonucleoprotein 200 kDa helicase'
2 polymer 'Pre-mRNA-processing-splicing factor 8'
3 polymer 'Protein TSSC4'
#
loop_
_entity_poly.entity_id
_entity_poly.type
_entity_poly.pdbx_seq_one_letter_code
_entity_poly.pdbx_strand_id
1 'polypeptide(L)'
;GAEFMDLDQGGEALAPRQVLDLEDLVFTQGSHFMANKRCQLPDGSFRRQRKGYEEVHVPALKPKPFGSEEQLLPVEKLPK
YAQAGFEGFKTLNRIQSKLYRAALETDENLLLCAPTGAGKTNVALMCMLREIGKHINMDGTINVDDFKIIYIAPMRSLVQ
EMVGSFGKRLATYGITVAELTGDHQLCKEEISATQIIVCTPEKWDIITRKGGERTYTQLVRLIILDEIHLLHDDRGPVLE
ALVARAIRNIEMTQEDVRLIGLSATLPNYEDVATFLRVDPAKGLFYFDNSFRPVPLEQTYVGITEKKAIKRFQIMNEIVY
EKIMEHAGKNQVLVFVHSRKETGKTARAIRDMCLEKDTLGLFLREGSASTEVLRTEAEQCKNLELKDLLPYGFAIHHAGM
TRVDRTLVEDLFADKHIQVLVSTATLAWGVNLPAHTVIIKGTQVYSPEKGRWTELGALDILQMLGRAGRPQYDTKGEGIL
ITSHGELQYYLSLLNQQLPIESQMVSKLPDMLNAEIVLGNVQNAKDAVNWLGYAYLYIRMLRSPTLYGISHDDLKGDPLL
DQRRLDLVHTAALMLDKNNLVKYDKKTGNFQVTELGRIASHYYITNDTVQTYNQLLKPTLSEIELFRVFSLSSEFKNITV
REEEKLELQKLLERVPIPVKESIEEPSAKINVLLQAFISQLKLEGFALMADMVYVTQSAGRLMRAIFEIVLNRGWAQLTD
KTLNLCKMIDKRMWQSMCPLRQFRKLPEEVVKKIEKKNFPFERLYDLNHNEIGELIRMPKMGKTIHKYVHLFPKLELSVH
LQPITRSTLKVELTITPDFQWDEKVHGSSEAFWILVEDVDSEVILHHEYFLLKAKYAQDEHLITFFVPVFEPLPPQYFIR
VVSDRWLSCETQLPVSFRHLILPEKYPPPTELLDLQPLPVSALRNSAFESLYQDKFPFFNPIQTQVFNTVYNSDDNVFVG
APTGSGKTICAEFAILRMLLQSSEGRCVYITPMEALAEQVYMDWYEKFQDRLNKKVVLLTGETSTDLKLLGKGNIIISTP
EKWDILSRRWKQRKNVQNINLFVVDEVHLIGGENGPVLEVICSRMRYISSQIERPIRIVALSSSLSNAKDVAHWLGCSAT
STFNFHPNVRPVPLELHIQGFNISHTQTRLLSMAKPVYHAITKHSPKKPVIVFVPSRKQTRLTAIDILTTCAADIQRQRF
LHCTEKDLIPYLEKLSDSTLKETLLNGVGYLHEGLSPMERRLVEQLFSSGAIQVVVASRSLCWGMNVAAHLVIIMDTQYY
NGKIHAYVDYPIYDVLQMVGHANRPLQDDEGRCVIMCQGSKKDFFKKFLYEPLPVESHLDHCMHDHFNAEIVTKTIENKQ
DAVDYLTWTFLYRRMTQNPNYYNLQGISHRHLSDHLSELVEQTLSDLEQSKCISIEDEMDVAPLNLGMIAAYYYINYTTI
ELFSMSLNAKTKVRGLIEIISNAAEYENIPIRHHEDNLLRQLAQKVPHKLNNPKFNDPHVKTNLLLQAHLSRMQLSAELQ
SDTEEILSKAIRLIQACVDVLSSNGWLSPALAAMELAQMVTQAMWSKDSYLKQLPHFTSEHIKRCTDKGVESVFDIMEME
DEERNALLQLTDSQIADVARFCNRYPNIELSYEVVDKDSIRSGGPVVVLVQLEREEEVTGPVIAPLFPQKREEGWWVVIG
DAKSNSLISIKRLTLQQKAKVKLDFVAPATGAHNYTLYFMSDAYMGCDQEYKFSVDVKEAETDSDSD
;
B
2 'polypeptide(L)'
;GPLGSMTQTFSSKTEWRVRAISAANLHLRTNHIYVSSDDIKETGYTYILPKNVLKKFICISDLRAQIAGYLYGVSPPDNP
QVKEIRCIVMVPQWGTHQTVHLPGQLPQHEYLKEMEPLGWIHTQPNESPQLSPQDVTTHAKIMADNPSWDGEKTIIITCS
FTPGSCTLTAYKLTPSGYEWGRQNTDKGNNPKGYLPSHYERVQMLLSDRFLGFFMVPAQSSWNYNFMGVRHDPNMKYELQ
LANPKEFYHEVHRPSHFLNFALL
;
J
3 'polypeptide(L)'
;MAEAGTGEPSPSVEGEHGTEYDTLPSDTVSLSDSDSDLSLPGGAEVEALSPMGLPGEEDSGPDEPPSPPSGLLPATVQPF
HLRGMSSTFSQRSRDIFDCLEGAARRAPSSVAHTSMSDNGGFKRPLAPSGRSPVEGLGRAHRSPASPRVPPVPDYVAHPE
RWTKYSLEDVTEVSEQSNQATALAFLGSQSLAAPTDCVSSFNQDPSSCGEGRVIFTKPVRGVEARHERKRVLGKVGEPGR
GGLGNPATDRGEGPVELAHLAGPGSPEAEEWGSHHGGLQEVEALSGSVHSGSVPGLPPVETVGFHGSRKRSRDHFRNKSS
SPEDPGAEV
;
T
#
# COMPACT_ATOMS: atom_id res chain seq x y z
N LEU A 14 33.50 -11.02 -21.75
CA LEU A 14 32.77 -10.64 -22.96
C LEU A 14 33.70 -9.94 -23.95
N ALA A 15 33.10 -9.16 -24.85
CA ALA A 15 33.88 -8.43 -25.83
C ALA A 15 34.72 -7.36 -25.13
N PRO A 16 35.88 -7.00 -25.67
CA PRO A 16 36.71 -5.98 -25.03
C PRO A 16 35.96 -4.65 -24.92
N ARG A 17 36.17 -3.96 -23.81
CA ARG A 17 35.53 -2.70 -23.52
C ARG A 17 36.59 -1.62 -23.40
N GLN A 18 36.42 -0.55 -24.15
CA GLN A 18 37.32 0.61 -24.08
C GLN A 18 36.61 1.76 -23.39
N VAL A 19 37.41 2.70 -22.88
CA VAL A 19 36.90 3.85 -22.15
C VAL A 19 37.12 5.08 -23.03
N LEU A 20 36.04 5.78 -23.36
CA LEU A 20 36.09 7.00 -24.15
C LEU A 20 35.58 8.16 -23.31
N ASP A 21 36.36 9.24 -23.28
CA ASP A 21 35.94 10.43 -22.55
C ASP A 21 34.69 11.03 -23.21
N LEU A 22 33.60 11.08 -22.44
CA LEU A 22 32.35 11.60 -22.97
C LEU A 22 32.47 13.07 -23.34
N GLU A 23 33.18 13.84 -22.52
CA GLU A 23 33.34 15.26 -22.79
C GLU A 23 34.01 15.51 -24.13
N ASP A 24 34.88 14.58 -24.55
CA ASP A 24 35.51 14.70 -25.86
C ASP A 24 34.47 14.64 -26.98
N LEU A 25 33.48 13.77 -26.84
CA LEU A 25 32.44 13.59 -27.84
C LEU A 25 31.23 14.47 -27.60
N VAL A 26 31.24 15.29 -26.55
CA VAL A 26 30.10 16.16 -26.25
C VAL A 26 30.18 17.44 -27.06
N PHE A 27 29.06 17.78 -27.70
CA PHE A 27 28.93 19.06 -28.41
C PHE A 27 28.78 20.15 -27.36
N THR A 28 29.84 20.93 -27.17
CA THR A 28 29.88 21.90 -26.10
C THR A 28 28.81 22.98 -26.28
N GLN A 29 28.59 23.42 -27.52
CA GLN A 29 27.64 24.50 -27.77
C GLN A 29 26.21 24.13 -27.43
N GLY A 30 25.88 22.85 -27.30
CA GLY A 30 24.52 22.46 -26.96
C GLY A 30 23.57 22.83 -28.07
N SER A 31 22.55 23.63 -27.72
CA SER A 31 21.56 24.06 -28.69
C SER A 31 22.11 25.05 -29.71
N HIS A 32 23.31 25.58 -29.49
CA HIS A 32 23.93 26.54 -30.39
C HIS A 32 24.84 25.89 -31.42
N PHE A 33 25.04 24.58 -31.35
CA PHE A 33 25.90 23.88 -32.29
C PHE A 33 25.26 23.84 -33.67
N MET A 34 26.07 24.01 -34.70
CA MET A 34 25.60 24.01 -36.07
C MET A 34 26.51 23.11 -36.91
N ALA A 35 25.91 22.26 -37.74
CA ALA A 35 26.64 21.41 -38.66
C ALA A 35 26.41 21.79 -40.11
N ASN A 36 25.68 22.87 -40.37
CA ASN A 36 25.40 23.28 -41.74
C ASN A 36 26.66 23.76 -42.44
N LYS A 37 27.57 24.39 -41.71
CA LYS A 37 28.81 24.98 -42.26
C LYS A 37 28.40 26.04 -43.26
N ARG A 38 28.67 25.88 -44.55
CA ARG A 38 28.22 26.82 -45.57
C ARG A 38 26.70 26.91 -45.57
N CYS A 39 26.18 28.14 -45.66
CA CYS A 39 24.74 28.39 -45.66
C CYS A 39 24.37 29.02 -46.99
N GLN A 40 23.65 28.28 -47.82
CA GLN A 40 23.18 28.81 -49.09
C GLN A 40 21.97 29.70 -48.87
N LEU A 41 22.09 30.96 -49.25
CA LEU A 41 21.01 31.92 -49.11
C LEU A 41 19.96 31.67 -50.19
N PRO A 42 18.73 32.12 -49.97
CA PRO A 42 17.68 31.91 -50.99
C PRO A 42 17.87 32.78 -52.22
N ASP A 43 16.89 32.74 -53.13
CA ASP A 43 17.02 33.45 -54.40
C ASP A 43 17.22 34.95 -54.19
N GLY A 44 16.47 35.55 -53.27
CA GLY A 44 16.64 36.94 -52.92
C GLY A 44 17.51 37.06 -51.68
N SER A 45 18.72 37.58 -51.86
CA SER A 45 19.70 37.60 -50.79
C SER A 45 20.49 38.90 -50.72
N PHE A 46 19.91 40.02 -51.15
CA PHE A 46 20.60 41.30 -51.08
C PHE A 46 20.90 41.66 -49.62
N ARG A 47 22.13 42.06 -49.37
CA ARG A 47 22.62 42.32 -48.02
C ARG A 47 22.90 43.82 -47.88
N ARG A 48 22.31 44.44 -46.86
CA ARG A 48 22.35 45.88 -46.67
C ARG A 48 23.09 46.20 -45.37
N GLN A 49 24.40 46.41 -45.48
CA GLN A 49 25.19 46.82 -44.34
C GLN A 49 24.86 48.27 -43.98
N ARG A 50 24.58 48.50 -42.70
CA ARG A 50 24.26 49.83 -42.20
C ARG A 50 25.43 50.49 -41.47
N LYS A 51 26.61 49.87 -41.54
CA LYS A 51 27.84 50.35 -40.91
C LYS A 51 27.77 50.25 -39.39
N GLY A 52 26.59 49.90 -38.87
CA GLY A 52 26.47 49.58 -37.45
C GLY A 52 25.89 48.22 -37.21
N TYR A 53 25.13 47.69 -38.16
CA TYR A 53 24.46 46.41 -38.04
C TYR A 53 24.16 45.85 -39.41
N GLU A 54 24.78 44.73 -39.75
CA GLU A 54 24.57 44.12 -41.06
C GLU A 54 23.19 43.47 -41.13
N GLU A 55 22.50 43.71 -42.23
CA GLU A 55 21.14 43.21 -42.42
C GLU A 55 21.10 42.23 -43.60
N VAL A 56 20.34 41.16 -43.42
CA VAL A 56 20.13 40.15 -44.46
C VAL A 56 18.63 40.06 -44.73
N HIS A 57 18.26 40.14 -46.01
CA HIS A 57 16.86 40.11 -46.41
C HIS A 57 16.63 38.92 -47.33
N VAL A 58 15.54 38.20 -47.11
CA VAL A 58 15.11 37.10 -47.97
C VAL A 58 13.65 37.34 -48.32
N PRO A 59 13.22 37.04 -49.54
CA PRO A 59 11.84 37.34 -49.93
C PRO A 59 10.91 36.18 -49.62
N ALA A 60 9.62 36.47 -49.69
CA ALA A 60 8.61 35.43 -49.53
C ALA A 60 8.68 34.46 -50.70
N LEU A 61 8.55 33.17 -50.40
CA LEU A 61 8.61 32.13 -51.41
C LEU A 61 7.27 32.00 -52.11
N LYS A 62 7.30 31.81 -53.43
CA LYS A 62 6.07 31.63 -54.18
C LYS A 62 5.41 30.31 -53.78
N PRO A 63 4.11 30.35 -53.45
CA PRO A 63 3.41 29.11 -53.09
C PRO A 63 3.42 28.10 -54.22
N LYS A 64 3.53 26.81 -53.88
CA LYS A 64 3.60 25.76 -54.87
C LYS A 64 2.28 25.68 -55.62
N PRO A 65 2.29 25.70 -56.96
CA PRO A 65 1.03 25.62 -57.71
C PRO A 65 0.33 24.29 -57.46
N PHE A 66 -1.00 24.36 -57.42
CA PHE A 66 -1.80 23.15 -57.19
C PHE A 66 -1.59 22.14 -58.31
N GLY A 67 -1.36 20.88 -57.91
CA GLY A 67 -1.26 19.81 -58.88
C GLY A 67 -2.61 19.25 -59.25
N SER A 68 -2.58 18.19 -60.06
CA SER A 68 -3.81 17.53 -60.46
C SER A 68 -4.47 16.88 -59.25
N GLU A 69 -5.80 17.07 -59.14
CA GLU A 69 -6.60 16.52 -58.05
C GLU A 69 -6.05 16.92 -56.68
N GLU A 70 -5.64 18.19 -56.56
CA GLU A 70 -5.14 18.73 -55.31
C GLU A 70 -6.18 19.60 -54.61
N GLN A 71 -7.46 19.38 -54.89
CA GLN A 71 -8.51 20.20 -54.30
C GLN A 71 -8.53 20.02 -52.78
N LEU A 72 -8.82 21.11 -52.07
CA LEU A 72 -8.94 21.03 -50.62
C LEU A 72 -10.13 20.17 -50.24
N LEU A 73 -9.90 19.22 -49.34
CA LEU A 73 -10.96 18.30 -48.94
C LEU A 73 -11.87 18.98 -47.91
N PRO A 74 -13.17 19.10 -48.17
CA PRO A 74 -14.07 19.72 -47.19
C PRO A 74 -14.44 18.77 -46.07
N VAL A 75 -15.10 19.31 -45.03
CA VAL A 75 -15.56 18.47 -43.93
C VAL A 75 -16.59 17.44 -44.38
N GLU A 76 -17.34 17.73 -45.46
CA GLU A 76 -18.32 16.78 -45.96
C GLU A 76 -17.66 15.48 -46.41
N LYS A 77 -16.52 15.58 -47.09
CA LYS A 77 -15.81 14.39 -47.53
C LYS A 77 -15.11 13.69 -46.36
N LEU A 78 -14.91 14.41 -45.26
CA LEU A 78 -14.34 13.78 -44.07
C LEU A 78 -15.35 12.80 -43.48
N PRO A 79 -14.89 11.80 -42.72
CA PRO A 79 -15.82 10.85 -42.11
C PRO A 79 -16.82 11.55 -41.20
N LYS A 80 -18.05 11.04 -41.19
CA LYS A 80 -19.13 11.70 -40.45
C LYS A 80 -18.86 11.74 -38.95
N TYR A 81 -18.37 10.63 -38.39
CA TYR A 81 -18.04 10.62 -36.97
C TYR A 81 -16.93 11.60 -36.60
N ALA A 82 -16.06 11.94 -37.55
CA ALA A 82 -14.99 12.89 -37.33
C ALA A 82 -15.38 14.32 -37.71
N GLN A 83 -16.58 14.51 -38.27
CA GLN A 83 -17.02 15.87 -38.60
C GLN A 83 -17.22 16.69 -37.33
N ALA A 84 -17.77 16.08 -36.28
CA ALA A 84 -17.88 16.76 -35.00
C ALA A 84 -16.48 17.06 -34.47
N GLY A 85 -16.37 18.21 -33.79
CA GLY A 85 -15.07 18.70 -33.40
C GLY A 85 -14.33 19.47 -34.47
N PHE A 86 -14.98 19.74 -35.60
CA PHE A 86 -14.39 20.55 -36.66
C PHE A 86 -15.23 21.77 -37.01
N GLU A 87 -16.19 22.15 -36.18
CA GLU A 87 -17.02 23.32 -36.46
C GLU A 87 -16.16 24.58 -36.50
N GLY A 88 -16.47 25.47 -37.43
CA GLY A 88 -15.67 26.66 -37.65
C GLY A 88 -14.70 26.56 -38.81
N PHE A 89 -14.61 25.40 -39.45
CA PHE A 89 -13.74 25.19 -40.60
C PHE A 89 -14.55 24.54 -41.71
N LYS A 90 -14.52 25.12 -42.90
CA LYS A 90 -15.28 24.58 -44.02
C LYS A 90 -14.50 23.50 -44.76
N THR A 91 -13.23 23.74 -45.06
CA THR A 91 -12.39 22.77 -45.73
C THR A 91 -11.00 22.81 -45.11
N LEU A 92 -10.31 21.68 -45.18
CA LEU A 92 -8.97 21.58 -44.63
C LEU A 92 -7.96 22.31 -45.52
N ASN A 93 -6.83 22.66 -44.93
CA ASN A 93 -5.76 23.29 -45.67
C ASN A 93 -5.02 22.27 -46.54
N ARG A 94 -4.13 22.77 -47.39
CA ARG A 94 -3.39 21.90 -48.31
C ARG A 94 -2.64 20.82 -47.55
N ILE A 95 -1.84 21.22 -46.56
CA ILE A 95 -1.06 20.26 -45.78
C ILE A 95 -1.99 19.33 -45.01
N GLN A 96 -3.03 19.89 -44.41
CA GLN A 96 -4.01 19.08 -43.68
C GLN A 96 -4.73 18.10 -44.60
N SER A 97 -5.09 18.56 -45.80
CA SER A 97 -5.78 17.69 -46.75
C SER A 97 -4.86 16.55 -47.21
N LYS A 98 -3.60 16.85 -47.46
CA LYS A 98 -2.68 15.81 -47.94
C LYS A 98 -2.48 14.73 -46.87
N LEU A 99 -2.47 15.12 -45.60
CA LEU A 99 -2.31 14.18 -44.51
C LEU A 99 -3.62 13.62 -43.99
N TYR A 100 -4.73 13.92 -44.64
CA TYR A 100 -6.02 13.41 -44.20
C TYR A 100 -6.05 11.88 -44.22
N ARG A 101 -5.55 11.28 -45.31
CA ARG A 101 -5.55 9.82 -45.41
C ARG A 101 -4.67 9.20 -44.34
N ALA A 102 -3.45 9.71 -44.17
CA ALA A 102 -2.54 9.16 -43.17
C ALA A 102 -3.10 9.34 -41.76
N ALA A 103 -3.70 10.50 -41.48
CA ALA A 103 -4.21 10.78 -40.15
C ALA A 103 -5.43 9.93 -39.82
N LEU A 104 -6.32 9.73 -40.80
CA LEU A 104 -7.61 9.11 -40.53
C LEU A 104 -7.81 7.74 -41.14
N GLU A 105 -7.23 7.46 -42.31
CA GLU A 105 -7.47 6.19 -42.98
C GLU A 105 -6.45 5.11 -42.63
N THR A 106 -5.38 5.45 -41.92
CA THR A 106 -4.36 4.47 -41.57
C THR A 106 -3.88 4.73 -40.15
N ASP A 107 -3.19 3.74 -39.60
CA ASP A 107 -2.55 3.85 -38.29
C ASP A 107 -1.03 3.92 -38.40
N GLU A 108 -0.51 4.25 -39.58
CA GLU A 108 0.93 4.35 -39.78
C GLU A 108 1.50 5.47 -38.92
N ASN A 109 2.70 5.25 -38.39
CA ASN A 109 3.39 6.30 -37.66
C ASN A 109 3.73 7.45 -38.59
N LEU A 110 3.47 8.68 -38.13
CA LEU A 110 3.57 9.87 -38.97
C LEU A 110 4.67 10.80 -38.48
N LEU A 111 5.50 11.25 -39.41
CA LEU A 111 6.52 12.25 -39.15
C LEU A 111 6.22 13.44 -40.06
N LEU A 112 5.64 14.49 -39.49
CA LEU A 112 5.20 15.64 -40.26
C LEU A 112 6.24 16.75 -40.15
N CYS A 113 6.83 17.12 -41.28
CA CYS A 113 7.71 18.27 -41.37
C CYS A 113 7.00 19.36 -42.16
N ALA A 114 6.56 20.40 -41.47
CA ALA A 114 5.80 21.47 -42.08
C ALA A 114 6.34 22.80 -41.58
N PRO A 115 6.25 23.86 -42.38
CA PRO A 115 6.66 25.18 -41.90
C PRO A 115 5.81 25.63 -40.73
N THR A 116 6.44 26.42 -39.85
CA THR A 116 5.77 26.86 -38.64
C THR A 116 4.50 27.65 -38.98
N GLY A 117 3.43 27.39 -38.23
CA GLY A 117 2.16 27.99 -38.51
C GLY A 117 1.32 27.27 -39.55
N ALA A 118 1.75 26.09 -39.99
CA ALA A 118 0.99 25.35 -40.99
C ALA A 118 -0.37 24.92 -40.44
N GLY A 119 -0.41 24.48 -39.18
CA GLY A 119 -1.65 24.01 -38.61
C GLY A 119 -1.66 22.53 -38.33
N LYS A 120 -0.51 22.00 -37.91
CA LYS A 120 -0.41 20.56 -37.62
C LYS A 120 -1.34 20.13 -36.50
N THR A 121 -1.81 21.08 -35.69
CA THR A 121 -2.78 20.77 -34.65
C THR A 121 -4.01 20.09 -35.22
N ASN A 122 -4.44 20.51 -36.42
CA ASN A 122 -5.56 19.85 -37.07
C ASN A 122 -5.24 18.41 -37.43
N VAL A 123 -4.01 18.14 -37.89
CA VAL A 123 -3.62 16.77 -38.19
C VAL A 123 -3.63 15.92 -36.92
N ALA A 124 -3.11 16.46 -35.83
CA ALA A 124 -3.15 15.74 -34.56
C ALA A 124 -4.58 15.47 -34.13
N LEU A 125 -5.46 16.46 -34.30
CA LEU A 125 -6.86 16.27 -33.95
C LEU A 125 -7.51 15.21 -34.82
N MET A 126 -7.15 15.15 -36.10
CA MET A 126 -7.67 14.10 -36.98
C MET A 126 -7.21 12.72 -36.50
N CYS A 127 -5.95 12.60 -36.10
CA CYS A 127 -5.46 11.33 -35.58
C CYS A 127 -6.22 10.94 -34.31
N MET A 128 -6.44 11.91 -33.42
CA MET A 128 -7.22 11.66 -32.21
C MET A 128 -8.63 11.23 -32.57
N LEU A 129 -9.22 11.86 -33.58
CA LEU A 129 -10.57 11.51 -34.01
C LEU A 129 -10.62 10.09 -34.55
N ARG A 130 -9.60 9.67 -35.30
CA ARG A 130 -9.54 8.28 -35.74
C ARG A 130 -9.47 7.33 -34.55
N GLU A 131 -8.61 7.65 -33.58
CA GLU A 131 -8.49 6.82 -32.38
C GLU A 131 -9.82 6.70 -31.65
N ILE A 132 -10.54 7.81 -31.54
CA ILE A 132 -11.86 7.79 -30.90
C ILE A 132 -12.85 7.02 -31.75
N GLY A 133 -12.78 7.15 -33.08
CA GLY A 133 -13.76 6.54 -33.95
C GLY A 133 -13.63 5.04 -34.04
N LYS A 134 -12.45 4.50 -33.74
CA LYS A 134 -12.34 3.06 -33.57
C LYS A 134 -12.71 2.63 -32.15
N HIS A 135 -13.46 3.48 -31.44
CA HIS A 135 -14.07 3.14 -30.15
C HIS A 135 -15.50 3.68 -30.11
N ILE A 136 -16.23 3.49 -31.22
CA ILE A 136 -17.58 4.03 -31.33
C ILE A 136 -18.58 3.36 -30.38
N ASN A 137 -18.48 2.05 -30.19
CA ASN A 137 -19.32 1.31 -29.24
C ASN A 137 -20.80 1.38 -29.63
N MET A 138 -21.07 1.33 -30.94
CA MET A 138 -22.42 1.19 -31.47
C MET A 138 -23.40 2.22 -30.92
N ASP A 139 -24.44 1.74 -30.22
CA ASP A 139 -25.44 2.65 -29.66
C ASP A 139 -24.82 3.60 -28.63
N GLY A 140 -23.91 3.08 -27.81
CA GLY A 140 -23.18 3.92 -26.89
C GLY A 140 -22.39 4.98 -27.63
N THR A 141 -22.25 6.16 -27.02
CA THR A 141 -21.60 7.27 -27.72
C THR A 141 -20.15 6.95 -28.05
N ILE A 142 -19.37 6.56 -27.04
CA ILE A 142 -17.95 6.24 -27.21
C ILE A 142 -17.50 5.36 -26.05
N ASN A 143 -16.37 4.69 -26.25
CA ASN A 143 -15.70 3.94 -25.19
C ASN A 143 -14.65 4.86 -24.56
N VAL A 144 -15.14 5.72 -23.66
CA VAL A 144 -14.29 6.78 -23.10
C VAL A 144 -13.19 6.19 -22.22
N ASP A 145 -13.44 5.06 -21.59
CA ASP A 145 -12.49 4.47 -20.63
C ASP A 145 -11.68 3.33 -21.22
N ASP A 146 -11.70 3.14 -22.55
CA ASP A 146 -11.02 2.01 -23.16
C ASP A 146 -9.70 2.38 -23.82
N PHE A 147 -9.38 3.65 -23.93
CA PHE A 147 -8.13 4.06 -24.58
C PHE A 147 -7.65 5.36 -23.92
N LYS A 148 -6.42 5.76 -24.25
CA LYS A 148 -5.86 7.00 -23.77
C LYS A 148 -4.86 7.52 -24.79
N ILE A 149 -4.70 8.84 -24.82
CA ILE A 149 -3.79 9.52 -25.74
C ILE A 149 -2.89 10.42 -24.92
N ILE A 150 -1.60 10.42 -25.23
CA ILE A 150 -0.62 11.26 -24.55
C ILE A 150 -0.09 12.30 -25.53
N TYR A 151 -0.08 13.56 -25.11
CA TYR A 151 0.44 14.66 -25.91
C TYR A 151 1.65 15.25 -25.18
N ILE A 152 2.77 15.38 -25.89
CA ILE A 152 3.99 15.93 -25.33
C ILE A 152 4.31 17.23 -26.05
N ALA A 153 4.42 18.31 -25.28
CA ALA A 153 4.63 19.64 -25.84
C ALA A 153 5.84 20.27 -25.18
N PRO A 154 6.57 21.15 -25.88
CA PRO A 154 7.79 21.72 -25.27
C PRO A 154 7.52 22.69 -24.13
N MET A 155 6.53 23.57 -24.25
CA MET A 155 6.28 24.62 -23.28
C MET A 155 4.92 24.41 -22.61
N ARG A 156 4.85 24.77 -21.33
CA ARG A 156 3.63 24.54 -20.56
C ARG A 156 2.50 25.46 -21.02
N SER A 157 2.84 26.65 -21.51
CA SER A 157 1.82 27.52 -22.11
C SER A 157 1.17 26.85 -23.30
N LEU A 158 1.98 26.23 -24.17
CA LEU A 158 1.42 25.44 -25.26
C LEU A 158 0.61 24.28 -24.74
N VAL A 159 1.03 23.70 -23.61
CA VAL A 159 0.27 22.60 -23.00
C VAL A 159 -1.13 23.06 -22.64
N GLN A 160 -1.24 24.21 -21.95
CA GLN A 160 -2.54 24.74 -21.58
C GLN A 160 -3.37 25.10 -22.81
N GLU A 161 -2.74 25.72 -23.80
CA GLU A 161 -3.47 26.09 -25.02
C GLU A 161 -4.02 24.85 -25.71
N MET A 162 -3.20 23.80 -25.84
CA MET A 162 -3.67 22.58 -26.48
C MET A 162 -4.77 21.91 -25.67
N VAL A 163 -4.65 21.92 -24.34
CA VAL A 163 -5.69 21.33 -23.51
C VAL A 163 -7.01 22.05 -23.73
N GLY A 164 -6.99 23.39 -23.72
CA GLY A 164 -8.20 24.15 -23.95
C GLY A 164 -8.80 23.91 -25.33
N SER A 165 -7.95 23.95 -26.35
CA SER A 165 -8.43 23.77 -27.72
C SER A 165 -9.03 22.38 -27.91
N PHE A 166 -8.32 21.35 -27.44
CA PHE A 166 -8.81 19.98 -27.61
C PHE A 166 -10.06 19.74 -26.78
N GLY A 167 -10.18 20.34 -25.60
CA GLY A 167 -11.42 20.25 -24.86
C GLY A 167 -12.58 20.88 -25.59
N LYS A 168 -12.37 22.07 -26.16
CA LYS A 168 -13.42 22.71 -26.92
C LYS A 168 -13.82 21.87 -28.13
N ARG A 169 -12.84 21.26 -28.81
CA ARG A 169 -13.15 20.47 -30.00
C ARG A 169 -13.89 19.18 -29.62
N LEU A 170 -13.42 18.48 -28.59
CA LEU A 170 -13.91 17.15 -28.27
C LEU A 170 -15.00 17.14 -27.19
N ALA A 171 -15.48 18.30 -26.76
CA ALA A 171 -16.62 18.31 -25.85
C ALA A 171 -17.84 17.64 -26.47
N THR A 172 -17.92 17.63 -27.80
CA THR A 172 -18.99 16.93 -28.49
C THR A 172 -18.89 15.41 -28.36
N TYR A 173 -17.71 14.88 -28.08
CA TYR A 173 -17.52 13.44 -27.91
C TYR A 173 -17.50 13.01 -26.45
N GLY A 174 -17.65 13.94 -25.52
CA GLY A 174 -17.67 13.59 -24.11
C GLY A 174 -16.34 13.14 -23.55
N ILE A 175 -15.24 13.54 -24.17
CA ILE A 175 -13.90 13.17 -23.73
C ILE A 175 -13.24 14.38 -23.08
N THR A 176 -12.66 14.17 -21.90
CA THR A 176 -12.05 15.24 -21.12
C THR A 176 -10.53 15.15 -21.26
N VAL A 177 -9.92 16.29 -21.58
CA VAL A 177 -8.47 16.39 -21.73
C VAL A 177 -7.96 17.36 -20.67
N ALA A 178 -7.03 16.90 -19.85
CA ALA A 178 -6.45 17.70 -18.78
C ALA A 178 -4.94 17.64 -18.87
N GLU A 179 -4.29 18.64 -18.28
CA GLU A 179 -2.84 18.75 -18.30
C GLU A 179 -2.29 18.38 -16.93
N LEU A 180 -1.27 17.53 -16.91
CA LEU A 180 -0.57 17.13 -15.69
C LEU A 180 0.92 17.42 -15.87
N THR A 181 1.30 18.66 -15.57
CA THR A 181 2.68 19.12 -15.75
C THR A 181 3.09 19.95 -14.54
N GLY A 182 4.32 19.75 -14.10
CA GLY A 182 4.85 20.48 -12.97
C GLY A 182 5.55 19.52 -12.01
N ASP A 183 5.32 19.74 -10.72
CA ASP A 183 5.92 18.95 -9.65
C ASP A 183 4.99 17.90 -9.09
N HIS A 184 3.99 17.46 -9.86
CA HIS A 184 3.05 16.46 -9.38
C HIS A 184 3.77 15.17 -9.02
N GLN A 185 3.46 14.64 -7.84
CA GLN A 185 3.99 13.36 -7.38
C GLN A 185 2.84 12.55 -6.79
N LEU A 186 2.83 11.25 -7.07
CA LEU A 186 1.72 10.36 -6.75
C LEU A 186 0.41 10.93 -7.30
N CYS A 187 0.36 11.02 -8.63
CA CYS A 187 -0.75 11.66 -9.31
C CYS A 187 -2.06 10.92 -9.01
N LYS A 188 -3.12 11.70 -8.88
CA LYS A 188 -4.40 11.19 -8.42
C LYS A 188 -5.14 10.46 -9.54
N GLU A 189 -6.40 10.12 -9.30
CA GLU A 189 -7.22 9.45 -10.29
C GLU A 189 -7.62 10.38 -11.43
N GLU A 190 -7.35 11.68 -11.31
CA GLU A 190 -7.73 12.62 -12.36
C GLU A 190 -7.10 12.25 -13.70
N ILE A 191 -5.88 11.72 -13.68
CA ILE A 191 -5.24 11.26 -14.91
C ILE A 191 -5.99 10.05 -15.46
N SER A 192 -6.51 9.19 -14.58
CA SER A 192 -7.33 8.08 -15.04
C SER A 192 -8.67 8.56 -15.59
N ALA A 193 -9.15 9.71 -15.11
CA ALA A 193 -10.42 10.25 -15.59
C ALA A 193 -10.29 10.85 -16.99
N THR A 194 -9.19 11.54 -17.28
CA THR A 194 -9.00 12.14 -18.58
C THR A 194 -8.50 11.10 -19.58
N GLN A 195 -8.60 11.45 -20.86
CA GLN A 195 -8.14 10.58 -21.94
C GLN A 195 -6.96 11.14 -22.72
N ILE A 196 -6.85 12.46 -22.86
CA ILE A 196 -5.74 13.08 -23.54
C ILE A 196 -4.95 13.87 -22.49
N ILE A 197 -3.69 13.49 -22.30
CA ILE A 197 -2.82 14.11 -21.31
C ILE A 197 -1.76 14.91 -22.05
N VAL A 198 -1.62 16.18 -21.69
CA VAL A 198 -0.65 17.07 -22.31
C VAL A 198 0.35 17.49 -21.24
N CYS A 199 1.63 17.31 -21.52
CA CYS A 199 2.69 17.62 -20.56
C CYS A 199 3.98 17.87 -21.32
N THR A 200 5.00 18.30 -20.59
CA THR A 200 6.34 18.54 -21.09
C THR A 200 7.14 17.25 -21.13
N PRO A 201 8.18 17.17 -21.98
CA PRO A 201 8.95 15.92 -22.09
C PRO A 201 9.54 15.45 -20.76
N GLU A 202 10.12 16.37 -19.99
CA GLU A 202 10.73 15.99 -18.73
C GLU A 202 9.68 15.54 -17.72
N LYS A 203 8.50 16.15 -17.75
CA LYS A 203 7.42 15.74 -16.85
C LYS A 203 7.00 14.30 -17.12
N TRP A 204 6.84 13.95 -18.40
CA TRP A 204 6.49 12.57 -18.74
C TRP A 204 7.64 11.63 -18.43
N ASP A 205 8.88 12.10 -18.60
CA ASP A 205 10.04 11.28 -18.27
C ASP A 205 10.06 10.94 -16.79
N ILE A 206 9.75 11.91 -15.94
CA ILE A 206 9.72 11.66 -14.49
C ILE A 206 8.64 10.64 -14.15
N ILE A 207 7.48 10.77 -14.76
CA ILE A 207 6.38 9.84 -14.50
C ILE A 207 6.78 8.43 -14.90
N THR A 208 7.40 8.28 -16.07
CA THR A 208 7.86 6.96 -16.50
C THR A 208 8.93 6.42 -15.55
N ARG A 209 9.84 7.28 -15.09
CA ARG A 209 10.88 6.85 -14.16
C ARG A 209 10.31 6.36 -12.84
N LYS A 210 9.14 6.87 -12.43
CA LYS A 210 8.58 6.51 -11.12
C LYS A 210 8.29 5.02 -11.05
N GLY A 211 8.00 4.38 -12.19
CA GLY A 211 7.63 2.99 -12.22
C GLY A 211 6.14 2.73 -12.11
N GLY A 212 5.34 3.76 -11.90
CA GLY A 212 3.89 3.63 -11.94
C GLY A 212 3.29 3.91 -13.30
N GLU A 213 4.10 4.05 -14.35
CA GLU A 213 3.58 4.39 -15.67
C GLU A 213 2.74 3.26 -16.25
N ARG A 214 2.99 2.02 -15.84
CA ARG A 214 2.32 0.87 -16.48
C ARG A 214 0.82 0.92 -16.27
N THR A 215 0.36 1.22 -15.05
CA THR A 215 -1.08 1.28 -14.80
C THR A 215 -1.72 2.43 -15.57
N TYR A 216 -0.93 3.45 -15.91
CA TYR A 216 -1.45 4.56 -16.72
C TYR A 216 -1.52 4.17 -18.18
N THR A 217 -0.39 3.72 -18.75
CA THR A 217 -0.24 3.41 -20.16
C THR A 217 -0.76 2.05 -20.53
N GLN A 218 -1.54 1.39 -19.67
CA GLN A 218 -2.14 0.12 -20.05
C GLN A 218 -3.08 0.30 -21.23
N LEU A 219 -3.80 1.42 -21.26
CA LEU A 219 -4.75 1.71 -22.32
C LEU A 219 -4.25 2.72 -23.33
N VAL A 220 -3.00 3.17 -23.20
CA VAL A 220 -2.48 4.20 -24.10
C VAL A 220 -2.17 3.56 -25.46
N ARG A 221 -2.70 4.15 -26.52
CA ARG A 221 -2.49 3.67 -27.88
C ARG A 221 -1.94 4.73 -28.83
N LEU A 222 -1.87 5.99 -28.41
CA LEU A 222 -1.39 7.05 -29.28
C LEU A 222 -0.62 8.06 -28.46
N ILE A 223 0.61 8.37 -28.89
CA ILE A 223 1.42 9.42 -28.29
C ILE A 223 1.85 10.37 -29.40
N ILE A 224 1.76 11.67 -29.13
CA ILE A 224 2.09 12.71 -30.10
C ILE A 224 3.28 13.48 -29.56
N LEU A 225 4.36 13.51 -30.35
CA LEU A 225 5.58 14.21 -29.98
C LEU A 225 5.58 15.52 -30.75
N ASP A 226 5.01 16.55 -30.16
CA ASP A 226 4.96 17.86 -30.79
C ASP A 226 6.32 18.53 -30.74
N GLU A 227 6.69 19.17 -31.85
CA GLU A 227 7.98 19.85 -31.97
C GLU A 227 9.13 18.91 -31.64
N ILE A 228 9.26 17.86 -32.45
CA ILE A 228 10.25 16.81 -32.22
C ILE A 228 11.58 17.23 -32.80
N HIS A 229 11.63 18.43 -33.37
CA HIS A 229 12.89 19.02 -33.83
C HIS A 229 13.69 19.60 -32.69
N LEU A 230 13.19 19.51 -31.46
CA LEU A 230 13.91 19.89 -30.26
C LEU A 230 15.04 18.92 -29.92
N LEU A 231 15.21 17.87 -30.71
CA LEU A 231 16.22 16.86 -30.43
C LEU A 231 17.61 17.48 -30.41
N HIS A 232 17.82 18.55 -31.19
CA HIS A 232 19.14 19.17 -31.23
C HIS A 232 19.47 19.90 -29.93
N ASP A 233 18.44 20.32 -29.19
CA ASP A 233 18.66 21.11 -27.98
C ASP A 233 19.19 20.23 -26.85
N ASP A 234 19.52 20.87 -25.73
CA ASP A 234 20.01 20.16 -24.55
C ASP A 234 18.95 19.26 -23.93
N ARG A 235 17.67 19.52 -24.18
CA ARG A 235 16.59 18.68 -23.70
C ARG A 235 16.30 17.52 -24.65
N GLY A 236 17.06 17.41 -25.74
CA GLY A 236 16.91 16.34 -26.70
C GLY A 236 17.04 14.94 -26.13
N PRO A 237 18.04 14.71 -25.27
CA PRO A 237 18.16 13.38 -24.67
C PRO A 237 16.91 12.90 -23.95
N VAL A 238 16.13 13.80 -23.37
CA VAL A 238 14.87 13.41 -22.75
C VAL A 238 13.93 12.81 -23.80
N LEU A 239 13.81 13.48 -24.94
CA LEU A 239 12.97 12.98 -26.02
C LEU A 239 13.49 11.65 -26.55
N GLU A 240 14.82 11.53 -26.69
CA GLU A 240 15.41 10.29 -27.17
C GLU A 240 15.09 9.14 -26.23
N ALA A 241 15.24 9.38 -24.93
CA ALA A 241 14.95 8.35 -23.93
C ALA A 241 13.48 7.97 -23.97
N LEU A 242 12.59 8.96 -24.08
CA LEU A 242 11.16 8.67 -24.12
C LEU A 242 10.81 7.82 -25.35
N VAL A 243 11.34 8.19 -26.52
CA VAL A 243 11.02 7.45 -27.74
C VAL A 243 11.58 6.04 -27.68
N ALA A 244 12.83 5.90 -27.21
CA ALA A 244 13.44 4.58 -27.10
C ALA A 244 12.67 3.69 -26.15
N ARG A 245 12.25 4.25 -25.01
CA ARG A 245 11.46 3.48 -24.05
C ARG A 245 10.12 3.08 -24.66
N ALA A 246 9.48 3.98 -25.40
CA ALA A 246 8.20 3.65 -26.04
C ALA A 246 8.38 2.53 -27.05
N ILE A 247 9.42 2.59 -27.87
CA ILE A 247 9.65 1.57 -28.89
C ILE A 247 9.96 0.22 -28.24
N ARG A 248 10.78 0.24 -27.19
CA ARG A 248 11.11 -0.99 -26.49
C ARG A 248 9.87 -1.60 -25.84
N ASN A 249 9.01 -0.77 -25.24
CA ASN A 249 7.77 -1.29 -24.68
C ASN A 249 6.85 -1.83 -25.75
N ILE A 250 6.82 -1.19 -26.92
CA ILE A 250 6.02 -1.69 -28.03
C ILE A 250 6.50 -3.08 -28.43
N GLU A 251 7.81 -3.25 -28.55
CA GLU A 251 8.35 -4.54 -28.96
C GLU A 251 8.11 -5.61 -27.90
N MET A 252 8.28 -5.25 -26.62
CA MET A 252 8.10 -6.20 -25.53
C MET A 252 6.64 -6.62 -25.39
N THR A 253 5.76 -5.66 -25.08
CA THR A 253 4.36 -5.96 -24.87
C THR A 253 3.66 -6.40 -26.16
N GLN A 254 4.28 -6.16 -27.32
CA GLN A 254 3.72 -6.50 -28.62
C GLN A 254 2.38 -5.82 -28.85
N GLU A 255 2.20 -4.64 -28.27
CA GLU A 255 1.00 -3.83 -28.46
C GLU A 255 1.35 -2.64 -29.33
N ASP A 256 0.64 -2.50 -30.45
CA ASP A 256 0.92 -1.41 -31.38
C ASP A 256 0.45 -0.08 -30.80
N VAL A 257 1.38 0.85 -30.66
CA VAL A 257 1.11 2.21 -30.21
C VAL A 257 1.63 3.17 -31.27
N ARG A 258 0.77 4.08 -31.71
CA ARG A 258 1.12 4.96 -32.82
C ARG A 258 1.94 6.13 -32.32
N LEU A 259 3.05 6.41 -32.99
CA LEU A 259 3.90 7.55 -32.69
C LEU A 259 3.79 8.56 -33.82
N ILE A 260 3.45 9.80 -33.47
CA ILE A 260 3.25 10.87 -34.43
C ILE A 260 4.05 12.07 -33.98
N GLY A 261 5.08 12.43 -34.74
CA GLY A 261 5.92 13.56 -34.42
C GLY A 261 5.71 14.69 -35.41
N LEU A 262 5.45 15.87 -34.89
CA LEU A 262 5.27 17.08 -35.69
C LEU A 262 6.57 17.87 -35.60
N SER A 263 7.28 17.99 -36.71
CA SER A 263 8.61 18.55 -36.73
C SER A 263 8.68 19.73 -37.67
N ALA A 264 9.66 20.59 -37.43
CA ALA A 264 9.96 21.69 -38.34
C ALA A 264 10.76 21.16 -39.53
N THR A 265 10.81 21.96 -40.58
CA THR A 265 11.49 21.58 -41.81
C THR A 265 12.99 21.78 -41.63
N LEU A 266 13.70 20.70 -41.30
CA LEU A 266 15.13 20.74 -41.07
C LEU A 266 15.76 19.53 -41.74
N PRO A 267 17.05 19.59 -42.09
CA PRO A 267 17.72 18.42 -42.66
C PRO A 267 17.75 17.25 -41.67
N ASN A 268 18.16 16.10 -42.19
CA ASN A 268 18.23 14.83 -41.46
C ASN A 268 16.87 14.36 -40.99
N TYR A 269 15.80 14.78 -41.66
CA TYR A 269 14.47 14.35 -41.26
C TYR A 269 14.25 12.86 -41.51
N GLU A 270 14.96 12.29 -42.49
CA GLU A 270 14.87 10.85 -42.72
C GLU A 270 15.45 10.07 -41.55
N ASP A 271 16.51 10.59 -40.93
CA ASP A 271 17.04 9.96 -39.72
C ASP A 271 16.00 9.93 -38.61
N VAL A 272 15.24 11.02 -38.46
CA VAL A 272 14.18 11.05 -37.45
C VAL A 272 13.07 10.08 -37.82
N ALA A 273 12.72 10.01 -39.11
CA ALA A 273 11.68 9.09 -39.55
C ALA A 273 12.07 7.64 -39.24
N THR A 274 13.33 7.28 -39.50
CA THR A 274 13.82 5.96 -39.10
C THR A 274 13.76 5.82 -37.58
N PHE A 275 14.15 6.87 -36.87
CA PHE A 275 14.16 6.90 -35.41
C PHE A 275 12.76 6.72 -34.85
N LEU A 276 11.75 7.17 -35.58
CA LEU A 276 10.36 7.07 -35.16
C LEU A 276 9.66 5.83 -35.71
N ARG A 277 10.40 4.93 -36.34
CA ARG A 277 9.83 3.75 -36.98
C ARG A 277 8.76 4.15 -38.02
N VAL A 278 9.05 5.22 -38.75
CA VAL A 278 8.16 5.76 -39.76
C VAL A 278 8.63 5.30 -41.13
N ASP A 279 7.72 4.70 -41.89
CA ASP A 279 8.03 4.23 -43.24
C ASP A 279 8.24 5.45 -44.12
N PRO A 280 9.41 5.61 -44.75
CA PRO A 280 9.63 6.79 -45.61
C PRO A 280 8.64 6.91 -46.75
N ALA A 281 8.18 5.79 -47.31
CA ALA A 281 7.25 5.86 -48.43
C ALA A 281 5.83 6.18 -47.98
N LYS A 282 5.43 5.75 -46.79
CA LYS A 282 4.04 5.83 -46.37
C LYS A 282 3.78 6.76 -45.19
N GLY A 283 4.81 7.23 -44.49
CA GLY A 283 4.57 8.04 -43.31
C GLY A 283 5.28 9.38 -43.30
N LEU A 284 6.31 9.52 -44.12
CA LEU A 284 7.09 10.75 -44.16
C LEU A 284 6.40 11.77 -45.07
N PHE A 285 6.07 12.93 -44.51
CA PHE A 285 5.49 14.03 -45.27
C PHE A 285 6.34 15.27 -45.02
N TYR A 286 7.00 15.75 -46.08
CA TYR A 286 7.90 16.89 -45.99
C TYR A 286 7.43 17.97 -46.93
N PHE A 287 7.16 19.16 -46.38
CA PHE A 287 6.73 20.32 -47.15
C PHE A 287 7.70 21.46 -46.91
N ASP A 288 8.26 21.99 -48.00
CA ASP A 288 9.22 23.07 -47.86
C ASP A 288 8.51 24.36 -47.43
N ASN A 289 9.30 25.41 -47.24
CA ASN A 289 8.75 26.68 -46.77
C ASN A 289 7.80 27.30 -47.79
N SER A 290 7.84 26.85 -49.04
CA SER A 290 6.90 27.34 -50.04
C SER A 290 5.47 27.00 -49.65
N PHE A 291 5.27 25.89 -48.94
CA PHE A 291 3.94 25.47 -48.54
C PHE A 291 3.38 26.26 -47.37
N ARG A 292 4.09 27.27 -46.90
CA ARG A 292 3.60 28.08 -45.80
C ARG A 292 2.31 28.78 -46.23
N PRO A 293 1.26 28.75 -45.39
CA PRO A 293 -0.01 29.37 -45.81
C PRO A 293 0.10 30.85 -46.13
N VAL A 294 0.92 31.58 -45.38
CA VAL A 294 1.17 32.99 -45.61
C VAL A 294 2.67 33.17 -45.81
N PRO A 295 3.15 33.29 -47.05
CA PRO A 295 4.59 33.52 -47.26
C PRO A 295 5.02 34.82 -46.61
N LEU A 296 6.25 34.82 -46.09
CA LEU A 296 6.76 35.97 -45.34
C LEU A 296 8.10 36.41 -45.89
N GLU A 297 8.33 37.72 -45.84
CA GLU A 297 9.59 38.34 -46.18
C GLU A 297 10.36 38.57 -44.90
N GLN A 298 11.32 37.70 -44.59
CA GLN A 298 12.03 37.71 -43.33
C GLN A 298 13.33 38.47 -43.46
N THR A 299 13.59 39.35 -42.50
CA THR A 299 14.79 40.17 -42.46
C THR A 299 15.54 39.89 -41.16
N TYR A 300 16.85 39.75 -41.26
CA TYR A 300 17.71 39.45 -40.12
C TYR A 300 18.64 40.62 -39.87
N VAL A 301 18.75 41.03 -38.60
CA VAL A 301 19.58 42.17 -38.22
C VAL A 301 20.56 41.69 -37.16
N GLY A 302 21.85 41.72 -37.49
CA GLY A 302 22.89 41.41 -36.54
C GLY A 302 23.72 42.64 -36.20
N ILE A 303 23.78 43.01 -34.93
CA ILE A 303 24.50 44.20 -34.53
C ILE A 303 26.00 43.92 -34.54
N THR A 304 26.74 44.66 -35.34
CA THR A 304 28.18 44.45 -35.43
C THR A 304 28.90 44.98 -34.20
N GLU A 305 28.51 46.15 -33.71
CA GLU A 305 29.21 46.78 -32.60
C GLU A 305 28.97 46.00 -31.31
N LYS A 306 30.04 45.79 -30.55
CA LYS A 306 29.99 45.04 -29.31
C LYS A 306 29.80 45.92 -28.08
N LYS A 307 29.71 47.24 -28.26
CA LYS A 307 29.55 48.15 -27.14
C LYS A 307 28.23 47.90 -26.42
N ALA A 308 28.31 47.43 -25.17
CA ALA A 308 27.11 47.04 -24.44
C ALA A 308 26.18 48.23 -24.21
N ILE A 309 26.75 49.38 -23.86
CA ILE A 309 25.92 50.57 -23.66
C ILE A 309 25.28 51.00 -24.98
N LYS A 310 26.06 51.04 -26.05
CA LYS A 310 25.53 51.37 -27.36
C LYS A 310 24.65 50.27 -27.93
N ARG A 311 24.77 49.05 -27.40
CA ARG A 311 24.01 47.92 -27.93
C ARG A 311 22.51 48.16 -27.82
N PHE A 312 22.05 48.56 -26.64
CA PHE A 312 20.62 48.77 -26.44
C PHE A 312 20.12 49.96 -27.25
N GLN A 313 20.92 51.03 -27.35
CA GLN A 313 20.52 52.16 -28.16
C GLN A 313 20.35 51.76 -29.63
N ILE A 314 21.30 51.00 -30.16
CA ILE A 314 21.21 50.54 -31.54
C ILE A 314 20.01 49.63 -31.72
N MET A 315 19.78 48.72 -30.78
CA MET A 315 18.66 47.80 -30.88
C MET A 315 17.33 48.54 -30.88
N ASN A 316 17.17 49.52 -29.99
CA ASN A 316 15.97 50.33 -29.95
C ASN A 316 15.78 51.15 -31.21
N GLU A 317 16.85 51.74 -31.74
CA GLU A 317 16.74 52.48 -33.01
C GLU A 317 16.31 51.58 -34.15
N ILE A 318 16.87 50.37 -34.22
CA ILE A 318 16.49 49.42 -35.26
C ILE A 318 15.01 49.04 -35.13
N VAL A 319 14.56 48.78 -33.91
CA VAL A 319 13.15 48.45 -33.70
C VAL A 319 12.27 49.62 -34.13
N TYR A 320 12.64 50.84 -33.74
CA TYR A 320 11.82 52.01 -34.02
C TYR A 320 11.72 52.28 -35.53
N GLU A 321 12.86 52.23 -36.22
CA GLU A 321 12.84 52.52 -37.65
C GLU A 321 12.04 51.46 -38.42
N LYS A 322 12.16 50.20 -38.02
CA LYS A 322 11.39 49.14 -38.66
C LYS A 322 9.90 49.32 -38.39
N ILE A 323 9.53 49.69 -37.16
CA ILE A 323 8.12 49.88 -36.82
C ILE A 323 7.53 51.05 -37.61
N MET A 324 8.29 52.13 -37.75
CA MET A 324 7.75 53.32 -38.42
C MET A 324 7.42 53.04 -39.88
N GLU A 325 8.04 52.03 -40.49
CA GLU A 325 7.79 51.74 -41.89
C GLU A 325 6.35 51.31 -42.11
N HIS A 326 5.80 50.50 -41.21
CA HIS A 326 4.43 50.01 -41.39
C HIS A 326 3.40 51.07 -41.04
N ALA A 327 3.80 52.13 -40.34
CA ALA A 327 2.92 53.26 -39.98
C ALA A 327 1.75 52.70 -39.18
N GLY A 328 0.50 53.07 -39.49
CA GLY A 328 -0.63 52.61 -38.73
C GLY A 328 -1.51 51.62 -39.46
N LYS A 329 -1.46 51.63 -40.79
CA LYS A 329 -2.24 50.70 -41.60
C LYS A 329 -1.58 49.33 -41.64
N ASN A 330 -1.37 48.75 -40.47
CA ASN A 330 -0.73 47.46 -40.29
C ASN A 330 -0.95 47.04 -38.83
N GLN A 331 -0.33 45.95 -38.42
CA GLN A 331 -0.39 45.51 -37.03
C GLN A 331 0.95 44.86 -36.69
N VAL A 332 1.65 45.42 -35.71
CA VAL A 332 3.01 45.01 -35.39
C VAL A 332 3.01 44.31 -34.05
N LEU A 333 3.65 43.15 -34.00
CA LEU A 333 3.80 42.37 -32.79
C LEU A 333 5.28 42.34 -32.42
N VAL A 334 5.58 42.66 -31.18
CA VAL A 334 6.95 42.70 -30.67
C VAL A 334 7.09 41.63 -29.60
N PHE A 335 8.15 40.83 -29.69
CA PHE A 335 8.41 39.76 -28.74
C PHE A 335 9.67 40.08 -27.95
N VAL A 336 9.58 40.00 -26.63
CA VAL A 336 10.73 40.15 -25.75
C VAL A 336 10.80 38.92 -24.85
N HIS A 337 11.87 38.77 -24.09
CA HIS A 337 12.11 37.59 -23.26
C HIS A 337 12.31 37.99 -21.81
N SER A 338 11.54 38.97 -21.34
CA SER A 338 11.59 39.40 -19.96
C SER A 338 10.29 40.09 -19.62
N ARG A 339 9.78 39.81 -18.41
CA ARG A 339 8.49 40.36 -17.99
C ARG A 339 8.55 41.88 -17.89
N LYS A 340 9.60 42.42 -17.28
CA LYS A 340 9.75 43.85 -17.11
C LYS A 340 10.24 44.56 -18.37
N GLU A 341 10.82 43.82 -19.32
CA GLU A 341 11.37 44.46 -20.51
C GLU A 341 10.28 44.84 -21.51
N THR A 342 9.07 44.26 -21.37
CA THR A 342 7.99 44.63 -22.27
C THR A 342 7.59 46.09 -22.11
N GLY A 343 7.34 46.51 -20.88
CA GLY A 343 7.01 47.91 -20.63
C GLY A 343 8.17 48.83 -20.96
N LYS A 344 9.39 48.38 -20.67
CA LYS A 344 10.57 49.17 -21.01
C LYS A 344 10.64 49.42 -22.51
N THR A 345 10.45 48.36 -23.31
CA THR A 345 10.48 48.51 -24.75
C THR A 345 9.36 49.41 -25.24
N ALA A 346 8.15 49.22 -24.73
CA ALA A 346 7.02 50.03 -25.17
C ALA A 346 7.26 51.51 -24.88
N ARG A 347 7.64 51.83 -23.64
CA ARG A 347 7.88 53.22 -23.27
C ARG A 347 9.07 53.82 -24.02
N ALA A 348 10.15 53.05 -24.20
CA ALA A 348 11.29 53.57 -24.95
C ALA A 348 10.93 53.87 -26.39
N ILE A 349 10.17 52.97 -27.03
CA ILE A 349 9.76 53.20 -28.41
C ILE A 349 8.87 54.44 -28.51
N ARG A 350 7.91 54.56 -27.59
CA ARG A 350 7.03 55.72 -27.59
C ARG A 350 7.81 57.01 -27.41
N ASP A 351 8.74 57.02 -26.45
CA ASP A 351 9.50 58.23 -26.17
C ASP A 351 10.41 58.61 -27.34
N MET A 352 11.05 57.62 -27.96
CA MET A 352 11.93 57.94 -29.08
C MET A 352 11.13 58.36 -30.31
N CYS A 353 9.94 57.80 -30.52
CA CYS A 353 9.08 58.31 -31.57
C CYS A 353 8.68 59.76 -31.29
N LEU A 354 8.43 60.09 -30.02
CA LEU A 354 8.11 61.46 -29.66
C LEU A 354 9.29 62.41 -29.91
N GLU A 355 10.50 61.97 -29.57
CA GLU A 355 11.64 62.89 -29.62
C GLU A 355 12.36 62.85 -30.96
N LYS A 356 12.52 61.67 -31.55
CA LYS A 356 13.23 61.51 -32.81
C LYS A 356 12.25 61.79 -33.95
N ASP A 357 12.53 62.85 -34.70
CA ASP A 357 11.71 63.33 -35.82
C ASP A 357 10.33 63.79 -35.38
N THR A 358 10.05 63.81 -34.08
CA THR A 358 8.75 64.22 -33.54
C THR A 358 7.61 63.43 -34.19
N LEU A 359 7.84 62.13 -34.38
CA LEU A 359 6.84 61.27 -35.01
C LEU A 359 5.67 61.04 -34.07
N GLY A 360 4.54 61.67 -34.36
CA GLY A 360 3.39 61.56 -33.49
C GLY A 360 2.79 60.16 -33.52
N LEU A 361 2.14 59.79 -32.40
CA LEU A 361 1.50 58.49 -32.29
C LEU A 361 0.15 58.44 -33.00
N PHE A 362 -0.34 59.58 -33.51
CA PHE A 362 -1.57 59.56 -34.28
C PHE A 362 -1.41 58.77 -35.57
N LEU A 363 -0.17 58.59 -36.03
CA LEU A 363 0.09 57.72 -37.16
C LEU A 363 -0.33 56.29 -36.86
N ARG A 364 -0.02 55.81 -35.65
CA ARG A 364 -0.44 54.47 -35.25
C ARG A 364 -1.95 54.36 -35.20
N GLU A 365 -2.62 55.36 -34.61
CA GLU A 365 -4.07 55.31 -34.47
C GLU A 365 -4.74 55.35 -35.83
N GLY A 366 -5.68 54.43 -36.04
CA GLY A 366 -6.34 54.30 -37.33
C GLY A 366 -7.56 55.20 -37.42
N SER A 367 -7.61 56.01 -38.47
CA SER A 367 -8.73 56.91 -38.74
C SER A 367 -9.01 57.83 -37.56
N ALA A 368 -7.93 58.31 -36.95
CA ALA A 368 -7.96 59.36 -35.93
C ALA A 368 -8.69 58.85 -34.69
N SER A 369 -9.77 59.51 -34.24
CA SER A 369 -10.26 59.29 -32.89
C SER A 369 -11.09 58.02 -32.76
N THR A 370 -11.48 57.42 -33.89
CA THR A 370 -12.30 56.22 -33.81
C THR A 370 -11.52 55.08 -33.15
N GLU A 371 -12.21 54.34 -32.30
CA GLU A 371 -11.72 53.22 -31.50
C GLU A 371 -10.75 53.68 -30.41
N VAL A 372 -10.39 54.96 -30.36
CA VAL A 372 -9.58 55.46 -29.25
C VAL A 372 -10.39 55.46 -27.96
N LEU A 373 -11.69 55.73 -28.07
CA LEU A 373 -12.57 55.68 -26.91
C LEU A 373 -12.65 54.26 -26.36
N ARG A 374 -12.62 53.26 -27.25
CA ARG A 374 -12.70 51.87 -26.83
C ARG A 374 -11.56 51.50 -25.90
N THR A 375 -10.32 51.83 -26.30
CA THR A 375 -9.19 51.58 -25.42
C THR A 375 -9.18 52.57 -24.25
N GLU A 376 -9.70 53.78 -24.46
CA GLU A 376 -9.84 54.72 -23.36
C GLU A 376 -10.81 54.21 -22.31
N ALA A 377 -11.92 53.60 -22.75
CA ALA A 377 -12.86 53.01 -21.80
C ALA A 377 -12.21 51.86 -21.05
N GLU A 378 -11.36 51.08 -21.72
CA GLU A 378 -10.63 49.99 -21.09
C GLU A 378 -9.29 50.42 -20.50
N GLN A 379 -9.00 51.72 -20.52
CA GLN A 379 -7.74 52.24 -20.01
C GLN A 379 -7.67 52.22 -18.48
N CYS A 380 -8.79 51.95 -17.80
CA CYS A 380 -8.84 52.00 -16.34
C CYS A 380 -8.25 50.72 -15.74
N LYS A 381 -6.93 50.61 -15.87
CA LYS A 381 -6.17 49.51 -15.29
C LYS A 381 -4.88 50.04 -14.70
N ASN A 382 -4.33 49.28 -13.76
CA ASN A 382 -3.13 49.68 -13.03
C ASN A 382 -1.89 48.88 -13.43
N LEU A 383 -1.96 48.12 -14.53
CA LEU A 383 -0.85 47.30 -14.97
C LEU A 383 0.05 48.02 -15.98
N GLU A 384 0.18 49.34 -15.87
CA GLU A 384 0.97 50.21 -16.73
C GLU A 384 0.38 50.29 -18.14
N LEU A 385 -0.71 49.57 -18.42
CA LEU A 385 -1.42 49.76 -19.68
C LEU A 385 -2.02 51.15 -19.77
N LYS A 386 -2.35 51.74 -18.62
CA LYS A 386 -2.92 53.09 -18.59
C LYS A 386 -2.01 54.09 -19.29
N ASP A 387 -0.71 53.87 -19.22
CA ASP A 387 0.27 54.72 -19.90
C ASP A 387 0.31 54.49 -21.40
N LEU A 388 -0.05 53.31 -21.89
CA LEU A 388 0.07 52.98 -23.30
C LEU A 388 -1.26 52.73 -24.00
N LEU A 389 -2.31 52.32 -23.28
CA LEU A 389 -3.59 52.05 -23.92
C LEU A 389 -4.16 53.22 -24.72
N PRO A 390 -4.06 54.49 -24.28
CA PRO A 390 -4.55 55.58 -25.14
C PRO A 390 -3.94 55.57 -26.53
N TYR A 391 -2.65 55.23 -26.64
CA TYR A 391 -2.02 55.08 -27.94
C TYR A 391 -2.20 53.65 -28.45
N GLY A 392 -1.48 53.34 -29.53
CA GLY A 392 -1.54 51.99 -30.06
C GLY A 392 -0.77 50.98 -29.24
N PHE A 393 0.11 51.46 -28.36
CA PHE A 393 0.97 50.57 -27.60
C PHE A 393 0.17 49.80 -26.54
N ALA A 394 0.64 48.59 -26.26
CA ALA A 394 0.09 47.75 -25.20
C ALA A 394 1.11 46.67 -24.88
N ILE A 395 0.97 46.07 -23.71
CA ILE A 395 1.91 45.06 -23.23
C ILE A 395 1.15 43.79 -22.90
N HIS A 396 1.88 42.67 -22.86
CA HIS A 396 1.29 41.37 -22.59
C HIS A 396 2.38 40.45 -22.08
N HIS A 397 2.35 40.15 -20.78
CA HIS A 397 3.33 39.24 -20.19
C HIS A 397 2.60 38.20 -19.37
N ALA A 398 3.20 37.02 -19.27
CA ALA A 398 2.60 35.93 -18.50
C ALA A 398 2.58 36.25 -17.01
N GLY A 399 3.65 36.83 -16.50
CA GLY A 399 3.80 37.08 -15.07
C GLY A 399 3.25 38.44 -14.67
N MET A 400 2.53 38.46 -13.56
CA MET A 400 2.03 39.70 -12.95
C MET A 400 1.18 40.51 -13.93
N THR A 401 0.27 39.83 -14.64
CA THR A 401 -0.64 40.50 -15.55
C THR A 401 -2.08 40.50 -15.07
N ARG A 402 -2.46 39.54 -14.23
CA ARG A 402 -3.84 39.41 -13.72
C ARG A 402 -4.78 39.25 -14.91
N VAL A 403 -5.96 39.87 -14.89
CA VAL A 403 -6.92 39.71 -15.98
C VAL A 403 -6.59 40.61 -17.16
N ASP A 404 -5.59 41.49 -17.02
CA ASP A 404 -5.23 42.38 -18.12
C ASP A 404 -4.80 41.62 -19.35
N ARG A 405 -4.25 40.41 -19.17
CA ARG A 405 -3.83 39.59 -20.30
C ARG A 405 -5.01 39.25 -21.20
N THR A 406 -6.08 38.72 -20.61
CA THR A 406 -7.25 38.26 -21.35
C THR A 406 -8.03 39.39 -21.99
N LEU A 407 -7.76 40.64 -21.61
CA LEU A 407 -8.37 41.80 -22.23
C LEU A 407 -7.49 42.43 -23.29
N VAL A 408 -6.18 42.50 -23.07
CA VAL A 408 -5.27 42.95 -24.12
C VAL A 408 -5.34 42.02 -25.31
N GLU A 409 -5.47 40.71 -25.05
CA GLU A 409 -5.61 39.76 -26.15
C GLU A 409 -6.86 40.07 -26.99
N ASP A 410 -7.99 40.33 -26.32
CA ASP A 410 -9.22 40.64 -27.03
C ASP A 410 -9.09 41.95 -27.80
N LEU A 411 -8.47 42.97 -27.19
CA LEU A 411 -8.32 44.24 -27.86
C LEU A 411 -7.43 44.14 -29.10
N PHE A 412 -6.33 43.40 -29.01
CA PHE A 412 -5.44 43.25 -30.16
C PHE A 412 -6.07 42.38 -31.24
N ALA A 413 -6.83 41.36 -30.83
CA ALA A 413 -7.43 40.45 -31.79
C ALA A 413 -8.40 41.17 -32.72
N ASP A 414 -9.13 42.15 -32.19
CA ASP A 414 -10.15 42.87 -32.95
C ASP A 414 -9.57 44.03 -33.76
N LYS A 415 -8.26 44.01 -34.02
CA LYS A 415 -7.58 45.03 -34.80
C LYS A 415 -7.81 46.43 -34.23
N HIS A 416 -7.46 46.57 -32.94
CA HIS A 416 -7.48 47.85 -32.26
C HIS A 416 -6.11 48.26 -31.76
N ILE A 417 -5.41 47.35 -31.07
CA ILE A 417 -4.04 47.62 -30.65
C ILE A 417 -3.14 47.59 -31.88
N GLN A 418 -2.37 48.66 -32.07
CA GLN A 418 -1.53 48.77 -33.26
C GLN A 418 -0.13 48.22 -33.04
N VAL A 419 0.47 48.49 -31.88
CA VAL A 419 1.77 47.95 -31.52
C VAL A 419 1.60 47.18 -30.21
N LEU A 420 1.95 45.91 -30.22
CA LEU A 420 1.84 45.06 -29.03
C LEU A 420 3.20 44.42 -28.77
N VAL A 421 3.75 44.69 -27.59
CA VAL A 421 5.01 44.12 -27.16
C VAL A 421 4.70 43.07 -26.09
N SER A 422 5.19 41.84 -26.30
CA SER A 422 4.76 40.73 -25.48
C SER A 422 5.93 39.78 -25.23
N THR A 423 5.77 38.96 -24.20
CA THR A 423 6.72 37.90 -23.92
C THR A 423 6.49 36.72 -24.85
N ALA A 424 7.45 35.79 -24.85
CA ALA A 424 7.35 34.63 -25.73
C ALA A 424 6.19 33.72 -25.34
N THR A 425 5.69 33.85 -24.10
CA THR A 425 4.60 33.00 -23.64
C THR A 425 3.33 33.19 -24.46
N LEU A 426 3.12 34.38 -25.02
CA LEU A 426 1.94 34.61 -25.85
C LEU A 426 1.97 33.76 -27.11
N ALA A 427 3.16 33.49 -27.65
CA ALA A 427 3.28 32.70 -28.87
C ALA A 427 2.70 31.30 -28.67
N TRP A 428 2.79 30.74 -27.47
CA TRP A 428 2.22 29.43 -27.19
C TRP A 428 0.80 29.52 -26.65
N GLY A 429 0.55 30.46 -25.73
CA GLY A 429 -0.71 30.46 -25.01
C GLY A 429 -1.92 30.74 -25.87
N VAL A 430 -1.84 31.75 -26.74
CA VAL A 430 -2.99 32.21 -27.52
C VAL A 430 -2.55 32.42 -28.96
N ASN A 431 -3.44 32.06 -29.89
CA ASN A 431 -3.16 32.20 -31.33
C ASN A 431 -3.79 33.50 -31.85
N LEU A 432 -3.05 34.59 -31.70
CA LEU A 432 -3.44 35.86 -32.29
C LEU A 432 -2.40 36.27 -33.32
N PRO A 433 -2.67 36.08 -34.62
CA PRO A 433 -1.69 36.44 -35.64
C PRO A 433 -1.57 37.95 -35.84
N ALA A 434 -0.41 38.34 -36.35
CA ALA A 434 -0.11 39.73 -36.67
C ALA A 434 0.55 39.80 -38.03
N HIS A 435 0.41 40.96 -38.70
CA HIS A 435 0.94 41.10 -40.04
C HIS A 435 2.46 40.99 -40.05
N THR A 436 3.12 41.64 -39.11
CA THR A 436 4.58 41.58 -38.98
C THR A 436 4.95 41.33 -37.53
N VAL A 437 6.00 40.55 -37.32
CA VAL A 437 6.51 40.24 -35.98
C VAL A 437 7.99 40.58 -35.95
N ILE A 438 8.42 41.21 -34.86
CA ILE A 438 9.81 41.58 -34.65
C ILE A 438 10.26 40.99 -33.33
N ILE A 439 11.43 40.35 -33.32
CA ILE A 439 11.97 39.74 -32.12
C ILE A 439 13.23 40.51 -31.72
N LYS A 440 13.29 40.93 -30.46
CA LYS A 440 14.33 41.82 -29.98
C LYS A 440 15.28 41.05 -29.06
N GLY A 441 16.58 41.24 -29.27
CA GLY A 441 17.58 40.72 -28.36
C GLY A 441 18.05 39.30 -28.62
N THR A 442 17.12 38.35 -28.51
CA THR A 442 17.33 36.90 -28.61
C THR A 442 18.13 36.35 -27.42
N GLN A 443 18.55 37.19 -26.48
CA GLN A 443 19.26 36.69 -25.32
C GLN A 443 18.29 36.40 -24.18
N VAL A 444 18.51 35.27 -23.51
CA VAL A 444 17.70 34.87 -22.36
C VAL A 444 18.64 34.44 -21.24
N TYR A 445 18.35 34.91 -20.03
CA TYR A 445 19.15 34.54 -18.86
C TYR A 445 18.74 33.15 -18.40
N SER A 446 19.64 32.18 -18.55
CA SER A 446 19.34 30.82 -18.14
C SER A 446 19.96 30.57 -16.77
N PRO A 447 19.17 30.42 -15.71
CA PRO A 447 19.76 30.21 -14.38
C PRO A 447 20.65 28.98 -14.29
N GLU A 448 20.27 27.89 -14.96
CA GLU A 448 21.11 26.69 -14.92
C GLU A 448 22.45 26.90 -15.59
N LYS A 449 22.52 27.73 -16.64
CA LYS A 449 23.79 28.09 -17.23
C LYS A 449 24.52 29.12 -16.37
N GLY A 450 23.78 29.95 -15.65
CA GLY A 450 24.36 30.98 -14.82
C GLY A 450 24.76 32.24 -15.55
N ARG A 451 24.47 32.34 -16.84
CA ARG A 451 24.87 33.49 -17.64
C ARG A 451 23.75 33.76 -18.64
N TRP A 452 24.04 34.60 -19.64
CA TRP A 452 23.13 34.86 -20.74
C TRP A 452 23.50 33.93 -21.90
N THR A 453 22.50 33.26 -22.45
CA THR A 453 22.72 32.29 -23.51
C THR A 453 21.76 32.55 -24.66
N GLU A 454 22.16 32.12 -25.84
CA GLU A 454 21.28 32.20 -27.00
C GLU A 454 20.04 31.36 -26.76
N LEU A 455 18.86 31.95 -27.00
CA LEU A 455 17.62 31.30 -26.64
C LEU A 455 17.32 30.15 -27.60
N GLY A 456 16.45 29.25 -27.14
CA GLY A 456 16.11 28.06 -27.88
C GLY A 456 15.57 28.31 -29.27
N ALA A 457 16.08 27.58 -30.26
CA ALA A 457 15.63 27.73 -31.63
C ALA A 457 14.13 27.44 -31.75
N LEU A 458 13.63 26.54 -30.91
CA LEU A 458 12.22 26.16 -30.98
C LEU A 458 11.31 27.34 -30.65
N ASP A 459 11.64 28.09 -29.60
CA ASP A 459 10.81 29.23 -29.22
C ASP A 459 10.84 30.30 -30.30
N ILE A 460 12.01 30.55 -30.90
CA ILE A 460 12.11 31.51 -31.98
C ILE A 460 11.25 31.08 -33.16
N LEU A 461 11.29 29.80 -33.52
CA LEU A 461 10.46 29.32 -34.61
C LEU A 461 8.98 29.51 -34.30
N GLN A 462 8.57 29.17 -33.08
CA GLN A 462 7.15 29.28 -32.72
C GLN A 462 6.68 30.72 -32.77
N MET A 463 7.47 31.65 -32.24
CA MET A 463 7.01 33.04 -32.19
C MET A 463 7.23 33.75 -33.52
N LEU A 464 8.04 33.19 -34.41
CA LEU A 464 8.15 33.74 -35.75
C LEU A 464 7.13 33.13 -36.72
N GLY A 465 6.48 32.05 -36.32
CA GLY A 465 5.45 31.46 -37.15
C GLY A 465 4.11 32.19 -37.13
N ARG A 466 4.02 33.33 -36.46
CA ARG A 466 2.79 34.10 -36.39
C ARG A 466 2.78 35.29 -37.33
N ALA A 467 3.76 35.38 -38.24
CA ALA A 467 3.83 36.50 -39.17
C ALA A 467 2.76 36.38 -40.23
N GLY A 468 1.86 37.37 -40.29
CA GLY A 468 0.81 37.39 -41.29
C GLY A 468 -0.45 36.68 -40.84
N ARG A 469 -1.57 37.38 -40.84
CA ARG A 469 -2.83 36.74 -40.50
C ARG A 469 -3.19 35.73 -41.59
N PRO A 470 -3.69 34.55 -41.22
CA PRO A 470 -4.08 33.57 -42.25
C PRO A 470 -5.20 34.06 -43.15
N GLN A 471 -6.06 34.96 -42.66
CA GLN A 471 -7.24 35.37 -43.39
C GLN A 471 -7.21 36.82 -43.87
N TYR A 472 -6.53 37.72 -43.16
CA TYR A 472 -6.54 39.14 -43.50
C TYR A 472 -5.25 39.64 -44.11
N ASP A 473 -4.24 38.79 -44.27
CA ASP A 473 -2.95 39.21 -44.80
C ASP A 473 -2.54 38.33 -45.96
N THR A 474 -1.68 38.88 -46.82
CA THR A 474 -1.09 38.14 -47.93
C THR A 474 0.42 38.02 -47.82
N LYS A 475 1.09 38.93 -47.12
CA LYS A 475 2.53 38.88 -46.95
C LYS A 475 2.86 38.97 -45.47
N GLY A 476 4.02 38.44 -45.12
CA GLY A 476 4.49 38.50 -43.75
C GLY A 476 5.88 39.09 -43.68
N GLU A 477 6.19 39.70 -42.54
CA GLU A 477 7.49 40.29 -42.31
C GLU A 477 7.97 39.89 -40.91
N GLY A 478 8.97 39.03 -40.87
CA GLY A 478 9.57 38.64 -39.61
C GLY A 478 10.98 39.18 -39.46
N ILE A 479 11.17 40.13 -38.56
CA ILE A 479 12.48 40.73 -38.33
C ILE A 479 13.07 40.16 -37.05
N LEU A 480 14.30 39.66 -37.15
CA LEU A 480 14.97 39.01 -36.04
C LEU A 480 16.25 39.79 -35.74
N ILE A 481 16.29 40.43 -34.58
CA ILE A 481 17.42 41.26 -34.19
C ILE A 481 18.29 40.50 -33.20
N THR A 482 19.57 40.40 -33.50
CA THR A 482 20.51 39.64 -32.68
C THR A 482 21.90 40.23 -32.91
N SER A 483 22.92 39.52 -32.45
CA SER A 483 24.29 39.98 -32.64
C SER A 483 24.82 39.49 -33.99
N HIS A 484 25.63 40.33 -34.64
CA HIS A 484 26.20 39.97 -35.92
C HIS A 484 27.20 38.82 -35.80
N GLY A 485 27.84 38.70 -34.64
CA GLY A 485 28.87 37.69 -34.46
C GLY A 485 28.35 36.34 -34.02
N GLU A 486 28.56 35.32 -34.86
CA GLU A 486 28.25 33.92 -34.62
C GLU A 486 26.76 33.65 -34.40
N LEU A 487 25.90 34.66 -34.54
CA LEU A 487 24.47 34.46 -34.32
C LEU A 487 23.66 34.60 -35.60
N GLN A 488 24.30 34.47 -36.76
CA GLN A 488 23.59 34.41 -38.03
C GLN A 488 23.25 32.99 -38.46
N TYR A 489 23.48 32.00 -37.58
CA TYR A 489 23.10 30.64 -37.90
C TYR A 489 21.59 30.47 -37.99
N TYR A 490 20.84 31.47 -37.54
CA TYR A 490 19.39 31.44 -37.68
C TYR A 490 18.99 31.34 -39.15
N LEU A 491 19.86 31.76 -40.06
CA LEU A 491 19.63 31.55 -41.47
C LEU A 491 19.51 30.06 -41.78
N SER A 492 20.45 29.26 -41.24
CA SER A 492 20.39 27.82 -41.42
C SER A 492 19.12 27.24 -40.80
N LEU A 493 18.73 27.77 -39.65
CA LEU A 493 17.53 27.29 -38.98
C LEU A 493 16.29 27.52 -39.83
N LEU A 494 16.08 28.76 -40.29
CA LEU A 494 14.82 29.10 -40.93
C LEU A 494 14.82 28.74 -42.41
N ASN A 495 15.97 28.45 -42.99
CA ASN A 495 16.07 28.13 -44.40
C ASN A 495 16.21 26.63 -44.66
N GLN A 496 15.74 25.80 -43.74
CA GLN A 496 15.78 24.34 -43.88
C GLN A 496 17.21 23.85 -44.13
N GLN A 497 18.15 24.38 -43.35
CA GLN A 497 19.56 24.04 -43.51
C GLN A 497 20.25 23.58 -42.24
N LEU A 498 19.61 23.70 -41.08
CA LEU A 498 20.26 23.27 -39.85
C LEU A 498 19.93 21.81 -39.57
N PRO A 499 20.90 20.91 -39.69
CA PRO A 499 20.61 19.50 -39.45
C PRO A 499 20.38 19.21 -37.97
N ILE A 500 19.56 18.19 -37.71
CA ILE A 500 19.29 17.78 -36.34
C ILE A 500 20.38 16.83 -35.86
N GLU A 501 21.00 17.16 -34.73
CA GLU A 501 22.05 16.35 -34.15
C GLU A 501 21.60 15.81 -32.79
N SER A 502 22.27 14.76 -32.34
CA SER A 502 21.95 14.11 -31.08
C SER A 502 22.92 14.57 -30.00
N GLN A 503 22.38 14.91 -28.83
CA GLN A 503 23.17 15.33 -27.69
C GLN A 503 23.16 14.31 -26.56
N MET A 504 22.79 13.06 -26.84
CA MET A 504 22.61 12.06 -25.81
C MET A 504 23.92 11.70 -25.13
N VAL A 505 25.05 12.03 -25.75
CA VAL A 505 26.34 11.71 -25.16
C VAL A 505 26.52 12.40 -23.83
N SER A 506 26.05 13.64 -23.70
CA SER A 506 26.21 14.38 -22.45
C SER A 506 25.47 13.71 -21.30
N LYS A 507 24.24 13.27 -21.53
CA LYS A 507 23.37 12.73 -20.48
C LYS A 507 23.22 11.22 -20.56
N LEU A 508 24.15 10.54 -21.22
CA LEU A 508 24.11 9.09 -21.37
C LEU A 508 24.08 8.33 -20.03
N PRO A 509 24.94 8.66 -19.06
CA PRO A 509 24.89 7.94 -17.78
C PRO A 509 23.53 8.03 -17.08
N ASP A 510 22.88 9.19 -17.09
CA ASP A 510 21.59 9.32 -16.42
C ASP A 510 20.51 8.52 -17.14
N MET A 511 20.49 8.58 -18.48
CA MET A 511 19.51 7.78 -19.22
C MET A 511 19.74 6.29 -19.02
N LEU A 512 21.00 5.85 -19.00
CA LEU A 512 21.28 4.44 -18.76
C LEU A 512 20.85 4.03 -17.35
N ASN A 513 21.11 4.88 -16.36
CA ASN A 513 20.71 4.57 -15.00
C ASN A 513 19.19 4.48 -14.87
N ALA A 514 18.46 5.36 -15.55
CA ALA A 514 17.01 5.28 -15.52
C ALA A 514 16.52 3.95 -16.09
N GLU A 515 17.10 3.52 -17.21
CA GLU A 515 16.72 2.25 -17.81
C GLU A 515 17.06 1.08 -16.88
N ILE A 516 18.23 1.13 -16.25
CA ILE A 516 18.62 0.06 -15.33
C ILE A 516 17.65 -0.02 -14.17
N VAL A 517 17.28 1.13 -13.61
CA VAL A 517 16.32 1.15 -12.50
C VAL A 517 14.97 0.61 -12.95
N LEU A 518 14.50 1.01 -14.12
CA LEU A 518 13.24 0.50 -14.65
C LEU A 518 13.28 -1.00 -14.98
N GLY A 519 14.46 -1.58 -15.06
CA GLY A 519 14.59 -2.98 -15.39
C GLY A 519 14.56 -3.30 -16.87
N ASN A 520 14.49 -2.28 -17.73
CA ASN A 520 14.50 -2.55 -19.17
C ASN A 520 15.81 -3.17 -19.63
N VAL A 521 16.90 -2.85 -18.95
CA VAL A 521 18.21 -3.44 -19.24
C VAL A 521 18.76 -4.03 -17.95
N GLN A 522 19.46 -5.16 -18.06
CA GLN A 522 20.08 -5.80 -16.91
C GLN A 522 21.53 -6.20 -17.15
N ASN A 523 22.07 -5.96 -18.34
CA ASN A 523 23.43 -6.35 -18.67
C ASN A 523 23.90 -5.50 -19.83
N ALA A 524 25.22 -5.53 -20.06
CA ALA A 524 25.81 -4.72 -21.12
C ALA A 524 25.21 -5.06 -22.48
N LYS A 525 24.81 -6.32 -22.67
CA LYS A 525 24.16 -6.70 -23.92
C LYS A 525 22.82 -5.99 -24.07
N ASP A 526 22.02 -5.97 -22.99
CA ASP A 526 20.73 -5.29 -23.04
C ASP A 526 20.91 -3.79 -23.25
N ALA A 527 21.92 -3.21 -22.61
CA ALA A 527 22.18 -1.78 -22.80
C ALA A 527 22.59 -1.48 -24.24
N VAL A 528 23.40 -2.36 -24.83
CA VAL A 528 23.80 -2.18 -26.22
C VAL A 528 22.61 -2.31 -27.15
N ASN A 529 21.69 -3.24 -26.86
CA ASN A 529 20.48 -3.35 -27.66
C ASN A 529 19.58 -2.12 -27.51
N TRP A 530 19.49 -1.60 -26.28
CA TRP A 530 18.67 -0.41 -26.04
C TRP A 530 19.26 0.82 -26.73
N LEU A 531 20.58 0.91 -26.79
CA LEU A 531 21.23 2.04 -27.44
C LEU A 531 20.90 2.10 -28.92
N GLY A 532 20.50 0.97 -29.51
CA GLY A 532 20.13 0.94 -30.92
C GLY A 532 18.91 1.76 -31.25
N TYR A 533 17.94 1.84 -30.35
CA TYR A 533 16.73 2.62 -30.58
C TYR A 533 16.95 4.11 -30.41
N ALA A 534 18.08 4.52 -29.83
CA ALA A 534 18.36 5.93 -29.63
C ALA A 534 18.76 6.61 -30.92
N TYR A 535 18.37 7.87 -31.06
CA TYR A 535 18.71 8.66 -32.24
C TYR A 535 20.22 8.82 -32.40
N LEU A 536 20.97 8.77 -31.30
CA LEU A 536 22.41 8.91 -31.36
C LEU A 536 23.05 7.79 -32.18
N TYR A 537 22.53 6.57 -32.05
CA TYR A 537 23.06 5.44 -32.82
C TYR A 537 22.84 5.65 -34.31
N ILE A 538 21.65 6.12 -34.70
CA ILE A 538 21.36 6.35 -36.11
C ILE A 538 22.25 7.47 -36.65
N ARG A 539 22.44 8.53 -35.86
CA ARG A 539 23.31 9.61 -36.29
C ARG A 539 24.75 9.14 -36.47
N MET A 540 25.24 8.31 -35.54
CA MET A 540 26.58 7.76 -35.69
C MET A 540 26.69 6.89 -36.94
N LEU A 541 25.66 6.10 -37.22
CA LEU A 541 25.66 5.30 -38.45
C LEU A 541 25.76 6.19 -39.68
N ARG A 542 24.92 7.22 -39.77
CA ARG A 542 24.86 8.03 -40.98
C ARG A 542 25.86 9.18 -40.98
N SER A 543 26.52 9.47 -39.86
CA SER A 543 27.52 10.53 -39.83
C SER A 543 28.60 10.20 -38.81
N PRO A 544 29.41 9.17 -39.04
CA PRO A 544 30.42 8.79 -38.03
C PRO A 544 31.45 9.87 -37.76
N THR A 545 31.80 10.67 -38.76
CA THR A 545 32.93 11.60 -38.61
C THR A 545 32.64 12.67 -37.57
N LEU A 546 31.40 13.18 -37.52
CA LEU A 546 31.08 14.28 -36.61
C LEU A 546 31.18 13.85 -35.15
N TYR A 547 30.90 12.57 -34.86
CA TYR A 547 30.91 12.06 -33.49
C TYR A 547 32.23 11.40 -33.14
N GLY A 548 33.27 11.61 -33.93
CA GLY A 548 34.58 11.07 -33.65
C GLY A 548 34.81 9.65 -34.11
N ILE A 549 33.89 9.08 -34.89
CA ILE A 549 34.05 7.72 -35.39
C ILE A 549 34.70 7.78 -36.76
N SER A 550 35.79 7.02 -36.92
CA SER A 550 36.50 6.95 -38.18
C SER A 550 35.81 5.99 -39.13
N HIS A 551 36.03 6.21 -40.44
CA HIS A 551 35.40 5.37 -41.44
C HIS A 551 35.88 3.93 -41.37
N ASP A 552 37.16 3.72 -41.03
CA ASP A 552 37.67 2.36 -40.90
C ASP A 552 36.97 1.59 -39.80
N ASP A 553 36.74 2.22 -38.65
CA ASP A 553 36.02 1.56 -37.56
C ASP A 553 34.59 1.25 -37.96
N LEU A 554 33.94 2.18 -38.67
CA LEU A 554 32.57 1.94 -39.12
C LEU A 554 32.50 0.78 -40.09
N LYS A 555 33.46 0.69 -41.02
CA LYS A 555 33.44 -0.39 -41.98
C LYS A 555 33.80 -1.73 -41.34
N GLY A 556 34.72 -1.73 -40.38
CA GLY A 556 35.09 -2.95 -39.69
C GLY A 556 34.10 -3.34 -38.62
N ASP A 557 33.16 -2.43 -38.34
CA ASP A 557 32.10 -2.69 -37.36
C ASP A 557 30.84 -1.99 -37.84
N PRO A 558 30.12 -2.60 -38.79
CA PRO A 558 29.00 -1.90 -39.43
C PRO A 558 27.88 -1.51 -38.46
N LEU A 559 27.66 -2.28 -37.40
CA LEU A 559 26.63 -1.96 -36.42
C LEU A 559 27.16 -1.14 -35.26
N LEU A 560 28.45 -0.78 -35.28
CA LEU A 560 29.08 0.01 -34.24
C LEU A 560 28.94 -0.66 -32.88
N ASP A 561 29.01 -2.00 -32.89
CA ASP A 561 28.90 -2.75 -31.64
C ASP A 561 30.02 -2.41 -30.67
N GLN A 562 31.25 -2.27 -31.16
CA GLN A 562 32.35 -1.88 -30.28
C GLN A 562 32.14 -0.50 -29.69
N ARG A 563 31.70 0.46 -30.50
CA ARG A 563 31.48 1.81 -29.99
C ARG A 563 30.34 1.83 -28.98
N ARG A 564 29.24 1.14 -29.28
CA ARG A 564 28.13 1.09 -28.33
C ARG A 564 28.53 0.41 -27.03
N LEU A 565 29.30 -0.68 -27.11
CA LEU A 565 29.74 -1.36 -25.90
C LEU A 565 30.71 -0.49 -25.10
N ASP A 566 31.57 0.27 -25.78
CA ASP A 566 32.46 1.19 -25.07
C ASP A 566 31.67 2.28 -24.35
N LEU A 567 30.65 2.83 -25.01
CA LEU A 567 29.80 3.83 -24.37
C LEU A 567 29.09 3.24 -23.16
N VAL A 568 28.54 2.03 -23.31
CA VAL A 568 27.85 1.37 -22.21
C VAL A 568 28.80 1.14 -21.04
N HIS A 569 30.01 0.67 -21.34
CA HIS A 569 30.98 0.41 -20.29
C HIS A 569 31.40 1.69 -19.58
N THR A 570 31.61 2.76 -20.35
CA THR A 570 32.00 4.03 -19.73
C THR A 570 30.90 4.56 -18.82
N ALA A 571 29.65 4.51 -19.28
CA ALA A 571 28.54 4.95 -18.45
C ALA A 571 28.39 4.07 -17.21
N ALA A 572 28.57 2.75 -17.36
CA ALA A 572 28.48 1.86 -16.23
C ALA A 572 29.57 2.15 -15.21
N LEU A 573 30.78 2.45 -15.68
CA LEU A 573 31.86 2.83 -14.77
C LEU A 573 31.53 4.11 -14.03
N MET A 574 30.98 5.11 -14.74
CA MET A 574 30.61 6.35 -14.09
C MET A 574 29.54 6.12 -13.03
N LEU A 575 28.54 5.30 -13.34
CA LEU A 575 27.49 5.00 -12.36
C LEU A 575 28.02 4.22 -11.17
N ASP A 576 28.94 3.28 -11.41
CA ASP A 576 29.49 2.46 -10.35
C ASP A 576 30.38 3.29 -9.43
N LYS A 577 31.11 4.26 -9.99
CA LYS A 577 31.96 5.12 -9.19
C LYS A 577 31.14 5.89 -8.14
N ASN A 578 29.96 6.36 -8.55
CA ASN A 578 29.04 7.03 -7.63
C ASN A 578 28.21 6.05 -6.80
N ASN A 579 28.51 4.76 -6.88
CA ASN A 579 27.81 3.73 -6.10
C ASN A 579 26.32 3.67 -6.45
N LEU A 580 26.00 4.05 -7.67
CA LEU A 580 24.62 3.95 -8.16
C LEU A 580 24.28 2.55 -8.65
N VAL A 581 25.19 1.90 -9.37
CA VAL A 581 24.94 0.59 -9.93
C VAL A 581 26.16 -0.28 -9.68
N LYS A 582 25.94 -1.46 -9.11
CA LYS A 582 27.02 -2.43 -8.92
C LYS A 582 27.24 -3.20 -10.21
N TYR A 583 28.34 -2.91 -10.90
CA TYR A 583 28.60 -3.45 -12.23
C TYR A 583 29.95 -4.18 -12.21
N ASP A 584 29.92 -5.46 -12.54
CA ASP A 584 31.12 -6.28 -12.57
C ASP A 584 31.59 -6.39 -14.02
N LYS A 585 32.84 -6.01 -14.27
CA LYS A 585 33.36 -6.01 -15.64
C LYS A 585 33.41 -7.41 -16.23
N LYS A 586 33.56 -8.43 -15.38
CA LYS A 586 33.74 -9.79 -15.87
C LYS A 586 32.50 -10.29 -16.61
N THR A 587 31.33 -10.19 -15.99
CA THR A 587 30.10 -10.69 -16.57
C THR A 587 29.24 -9.61 -17.19
N GLY A 588 29.55 -8.34 -16.93
CA GLY A 588 28.76 -7.25 -17.46
C GLY A 588 27.32 -7.25 -17.00
N ASN A 589 27.10 -7.45 -15.69
CA ASN A 589 25.77 -7.49 -15.13
C ASN A 589 25.57 -6.27 -14.22
N PHE A 590 24.34 -5.78 -14.18
CA PHE A 590 23.98 -4.57 -13.43
C PHE A 590 23.17 -4.95 -12.21
N GLN A 591 23.53 -4.37 -11.07
CA GLN A 591 22.76 -4.49 -9.84
C GLN A 591 22.28 -3.11 -9.42
N VAL A 592 20.98 -3.00 -9.16
CA VAL A 592 20.38 -1.71 -8.81
C VAL A 592 20.55 -1.47 -7.31
N THR A 593 21.13 -0.32 -6.98
CA THR A 593 21.24 0.12 -5.59
C THR A 593 20.11 1.09 -5.27
N GLU A 594 19.71 1.09 -4.00
CA GLU A 594 18.64 1.99 -3.57
C GLU A 594 19.00 3.45 -3.82
N LEU A 595 20.27 3.81 -3.66
CA LEU A 595 20.70 5.16 -4.00
C LEU A 595 20.45 5.46 -5.47
N GLY A 596 20.77 4.51 -6.35
CA GLY A 596 20.47 4.68 -7.76
C GLY A 596 19.00 4.76 -8.04
N ARG A 597 18.19 3.97 -7.33
CA ARG A 597 16.74 4.02 -7.52
C ARG A 597 16.20 5.39 -7.15
N ILE A 598 16.68 5.96 -6.04
CA ILE A 598 16.25 7.30 -5.64
C ILE A 598 16.72 8.34 -6.66
N ALA A 599 17.96 8.22 -7.13
CA ALA A 599 18.48 9.16 -8.12
C ALA A 599 17.65 9.13 -9.40
N SER A 600 17.27 7.93 -9.85
CA SER A 600 16.44 7.81 -11.05
C SER A 600 15.04 8.38 -10.80
N HIS A 601 14.45 8.09 -9.64
CA HIS A 601 13.10 8.55 -9.37
C HIS A 601 13.00 10.06 -9.25
N TYR A 602 14.01 10.69 -8.65
CA TYR A 602 13.93 12.12 -8.38
C TYR A 602 14.75 12.96 -9.35
N TYR A 603 15.27 12.36 -10.42
CA TYR A 603 15.85 13.10 -11.53
C TYR A 603 16.99 14.02 -11.08
N ILE A 604 17.85 13.50 -10.22
CA ILE A 604 19.03 14.25 -9.78
C ILE A 604 20.26 13.61 -10.40
N THR A 605 21.24 14.45 -10.73
CA THR A 605 22.43 13.98 -11.41
C THR A 605 23.29 13.13 -10.47
N ASN A 606 24.22 12.38 -11.07
CA ASN A 606 25.04 11.46 -10.28
C ASN A 606 26.03 12.22 -9.41
N ASP A 607 26.49 13.39 -9.86
CA ASP A 607 27.40 14.18 -9.04
C ASP A 607 26.72 14.64 -7.76
N THR A 608 25.47 15.08 -7.87
CA THR A 608 24.70 15.45 -6.68
C THR A 608 24.53 14.27 -5.74
N VAL A 609 24.28 13.08 -6.30
CA VAL A 609 24.13 11.89 -5.48
C VAL A 609 25.43 11.59 -4.75
N GLN A 610 26.57 11.73 -5.44
CA GLN A 610 27.85 11.48 -4.79
C GLN A 610 28.09 12.48 -3.66
N THR A 611 27.76 13.75 -3.90
CA THR A 611 27.92 14.76 -2.86
C THR A 611 27.05 14.43 -1.64
N TYR A 612 25.80 14.03 -1.88
CA TYR A 612 24.92 13.67 -0.77
C TYR A 612 25.43 12.46 -0.02
N ASN A 613 25.89 11.45 -0.75
CA ASN A 613 26.40 10.23 -0.11
C ASN A 613 27.61 10.55 0.75
N GLN A 614 28.49 11.43 0.26
CA GLN A 614 29.67 11.79 1.03
C GLN A 614 29.32 12.62 2.25
N LEU A 615 28.38 13.56 2.11
CA LEU A 615 28.19 14.57 3.15
C LEU A 615 27.21 14.12 4.22
N LEU A 616 26.13 13.43 3.84
CA LEU A 616 25.07 13.13 4.78
C LEU A 616 25.59 12.24 5.92
N LYS A 617 25.30 12.65 7.15
CA LYS A 617 25.68 11.94 8.36
C LYS A 617 24.47 11.87 9.27
N PRO A 618 24.42 10.88 10.17
CA PRO A 618 23.28 10.81 11.10
C PRO A 618 23.17 11.99 12.04
N THR A 619 24.26 12.74 12.24
CA THR A 619 24.29 13.82 13.22
C THR A 619 24.19 15.20 12.61
N LEU A 620 23.77 15.32 11.35
CA LEU A 620 23.66 16.63 10.72
C LEU A 620 22.60 17.48 11.42
N SER A 621 22.87 18.77 11.51
CA SER A 621 21.93 19.75 12.03
C SER A 621 21.30 20.52 10.89
N GLU A 622 20.49 21.52 11.24
CA GLU A 622 19.85 22.35 10.22
C GLU A 622 20.88 23.11 9.40
N ILE A 623 21.90 23.67 10.05
CA ILE A 623 22.92 24.43 9.34
C ILE A 623 23.63 23.54 8.32
N GLU A 624 24.08 22.37 8.79
CA GLU A 624 24.80 21.46 7.90
C GLU A 624 23.88 20.89 6.83
N LEU A 625 22.60 20.70 7.16
CA LEU A 625 21.66 20.22 6.14
C LEU A 625 21.48 21.24 5.03
N PHE A 626 21.33 22.52 5.39
CA PHE A 626 21.22 23.56 4.37
C PHE A 626 22.51 23.66 3.55
N ARG A 627 23.66 23.53 4.22
CA ARG A 627 24.92 23.58 3.48
C ARG A 627 25.04 22.41 2.50
N VAL A 628 24.64 21.21 2.93
CA VAL A 628 24.67 20.05 2.03
C VAL A 628 23.74 20.26 0.85
N PHE A 629 22.55 20.79 1.10
CA PHE A 629 21.64 21.10 -0.01
C PHE A 629 22.27 22.11 -0.97
N SER A 630 22.92 23.14 -0.43
CA SER A 630 23.58 24.13 -1.27
C SER A 630 24.70 23.53 -2.10
N LEU A 631 25.38 22.52 -1.59
CA LEU A 631 26.48 21.91 -2.33
C LEU A 631 26.00 20.97 -3.44
N SER A 632 24.73 21.03 -3.82
CA SER A 632 24.23 20.20 -4.90
C SER A 632 24.88 20.61 -6.22
N SER A 633 25.02 19.64 -7.13
CA SER A 633 25.62 19.92 -8.43
C SER A 633 24.64 20.60 -9.37
N GLU A 634 23.36 20.66 -9.00
CA GLU A 634 22.37 21.33 -9.85
C GLU A 634 22.70 22.81 -9.98
N PHE A 635 23.28 23.40 -8.94
CA PHE A 635 23.60 24.83 -8.92
C PHE A 635 25.09 25.10 -9.10
N LYS A 636 25.80 24.22 -9.81
CA LYS A 636 27.24 24.42 -9.99
C LYS A 636 27.53 25.69 -10.76
N ASN A 637 26.74 25.97 -11.80
CA ASN A 637 26.99 27.15 -12.63
C ASN A 637 26.55 28.44 -11.96
N ILE A 638 25.70 28.36 -10.93
CA ILE A 638 25.26 29.58 -10.26
C ILE A 638 26.42 30.22 -9.54
N THR A 639 26.68 31.49 -9.85
CA THR A 639 27.74 32.25 -9.21
C THR A 639 27.10 33.43 -8.48
N VAL A 640 27.94 34.19 -7.78
CA VAL A 640 27.48 35.35 -7.03
C VAL A 640 27.86 36.60 -7.83
N ARG A 641 26.85 37.31 -8.32
CA ARG A 641 27.09 38.52 -9.08
C ARG A 641 27.47 39.66 -8.14
N GLU A 642 28.40 40.50 -8.58
CA GLU A 642 28.92 41.56 -7.71
C GLU A 642 27.84 42.59 -7.39
N GLU A 643 26.93 42.85 -8.34
CA GLU A 643 25.91 43.86 -8.13
C GLU A 643 24.93 43.47 -7.02
N GLU A 644 24.63 42.19 -6.89
CA GLU A 644 23.70 41.70 -5.88
C GLU A 644 24.37 41.37 -4.56
N LYS A 645 25.68 41.58 -4.46
CA LYS A 645 26.41 41.21 -3.25
C LYS A 645 25.95 42.03 -2.05
N LEU A 646 25.54 43.28 -2.29
CA LEU A 646 25.07 44.12 -1.19
C LEU A 646 23.82 43.53 -0.54
N GLU A 647 22.82 43.18 -1.36
CA GLU A 647 21.60 42.59 -0.81
C GLU A 647 21.87 41.19 -0.26
N LEU A 648 22.81 40.46 -0.86
CA LEU A 648 23.19 39.17 -0.33
C LEU A 648 23.76 39.30 1.08
N GLN A 649 24.63 40.29 1.30
CA GLN A 649 25.16 40.52 2.64
C GLN A 649 24.07 40.99 3.59
N LYS A 650 23.16 41.83 3.11
CA LYS A 650 22.06 42.28 3.96
C LYS A 650 21.23 41.10 4.46
N LEU A 651 20.91 40.17 3.57
CA LEU A 651 20.15 38.98 3.97
C LEU A 651 21.00 38.07 4.84
N LEU A 652 22.31 38.02 4.59
CA LEU A 652 23.18 37.11 5.32
C LEU A 652 23.21 37.44 6.81
N GLU A 653 23.16 38.73 7.15
CA GLU A 653 23.22 39.13 8.55
C GLU A 653 22.00 38.63 9.32
N ARG A 654 20.81 38.73 8.73
CA ARG A 654 19.57 38.34 9.39
C ARG A 654 19.05 37.09 8.70
N VAL A 655 19.39 35.92 9.27
CA VAL A 655 18.83 34.66 8.79
C VAL A 655 18.48 33.79 9.99
N PRO A 656 17.39 33.03 9.88
CA PRO A 656 17.02 32.15 11.00
C PRO A 656 17.96 30.97 11.14
N ILE A 657 18.43 30.41 10.04
CA ILE A 657 19.40 29.33 10.06
C ILE A 657 20.77 29.92 9.69
N PRO A 658 21.71 29.99 10.63
CA PRO A 658 23.02 30.59 10.30
C PRO A 658 23.74 29.79 9.23
N VAL A 659 24.48 30.50 8.39
CA VAL A 659 25.20 29.87 7.28
C VAL A 659 26.63 29.60 7.73
N LYS A 660 27.01 28.33 7.73
CA LYS A 660 28.34 27.94 8.21
C LYS A 660 29.41 28.48 7.27
N GLU A 661 30.22 29.41 7.78
CA GLU A 661 31.27 30.08 7.01
C GLU A 661 30.62 30.61 5.73
N SER A 662 31.19 30.36 4.55
CA SER A 662 30.55 30.71 3.28
C SER A 662 30.21 32.21 3.24
N ILE A 663 31.26 33.04 3.22
CA ILE A 663 31.05 34.48 3.21
C ILE A 663 30.39 34.90 1.91
N GLU A 664 31.03 34.60 0.77
CA GLU A 664 30.49 34.99 -0.53
C GLU A 664 30.65 33.89 -1.57
N GLU A 665 30.73 32.63 -1.13
CA GLU A 665 30.74 31.52 -2.07
C GLU A 665 29.34 31.31 -2.64
N PRO A 666 29.23 30.62 -3.79
CA PRO A 666 27.89 30.34 -4.33
C PRO A 666 27.00 29.57 -3.38
N SER A 667 27.59 28.72 -2.54
CA SER A 667 26.80 27.95 -1.59
C SER A 667 26.03 28.87 -0.65
N ALA A 668 26.69 29.93 -0.17
CA ALA A 668 26.00 30.91 0.66
C ALA A 668 24.87 31.58 -0.11
N LYS A 669 25.10 31.88 -1.39
CA LYS A 669 24.07 32.54 -2.19
C LYS A 669 22.82 31.67 -2.28
N ILE A 670 22.99 30.41 -2.67
CA ILE A 670 21.81 29.55 -2.83
C ILE A 670 21.17 29.25 -1.48
N ASN A 671 21.98 29.16 -0.43
CA ASN A 671 21.41 28.93 0.91
C ASN A 671 20.53 30.08 1.35
N VAL A 672 21.03 31.32 1.25
CA VAL A 672 20.22 32.46 1.68
C VAL A 672 19.04 32.66 0.74
N LEU A 673 19.18 32.30 -0.54
CA LEU A 673 18.04 32.36 -1.43
C LEU A 673 16.94 31.39 -1.01
N LEU A 674 17.30 30.16 -0.66
CA LEU A 674 16.31 29.21 -0.18
C LEU A 674 15.64 29.71 1.09
N GLN A 675 16.43 30.24 2.03
CA GLN A 675 15.85 30.73 3.27
C GLN A 675 14.91 31.91 3.03
N ALA A 676 15.31 32.85 2.17
CA ALA A 676 14.46 33.98 1.86
C ALA A 676 13.20 33.57 1.13
N PHE A 677 13.27 32.56 0.27
CA PHE A 677 12.06 32.04 -0.35
C PHE A 677 11.12 31.41 0.67
N ILE A 678 11.66 30.60 1.58
CA ILE A 678 10.82 29.97 2.59
C ILE A 678 10.16 31.02 3.47
N SER A 679 10.89 32.08 3.82
CA SER A 679 10.31 33.15 4.62
C SER A 679 9.44 34.10 3.81
N GLN A 680 9.11 33.76 2.57
CA GLN A 680 8.28 34.60 1.70
C GLN A 680 8.81 36.02 1.58
N LEU A 681 10.13 36.15 1.44
CA LEU A 681 10.74 37.46 1.29
C LEU A 681 10.75 37.87 -0.19
N LYS A 682 10.90 39.17 -0.41
CA LYS A 682 11.00 39.73 -1.76
C LYS A 682 12.37 40.36 -1.95
N LEU A 683 12.84 40.31 -3.19
CA LEU A 683 14.18 40.80 -3.53
C LEU A 683 14.08 41.72 -4.74
N GLU A 684 15.03 42.65 -4.81
CA GLU A 684 15.00 43.71 -5.81
C GLU A 684 15.88 43.42 -7.02
N GLY A 685 16.47 42.24 -7.10
CA GLY A 685 17.33 41.90 -8.22
C GLY A 685 16.63 41.08 -9.28
N PHE A 686 16.68 41.52 -10.53
CA PHE A 686 16.03 40.79 -11.61
C PHE A 686 16.61 39.40 -11.77
N ALA A 687 17.94 39.31 -11.89
CA ALA A 687 18.58 38.00 -12.00
C ALA A 687 18.42 37.21 -10.70
N LEU A 688 18.49 37.90 -9.56
CA LEU A 688 18.43 37.23 -8.27
C LEU A 688 17.12 36.46 -8.09
N MET A 689 16.00 37.08 -8.48
CA MET A 689 14.72 36.39 -8.36
C MET A 689 14.64 35.19 -9.30
N ALA A 690 15.26 35.31 -10.49
CA ALA A 690 15.22 34.20 -11.43
C ALA A 690 15.93 32.97 -10.87
N ASP A 691 17.15 33.14 -10.37
CA ASP A 691 17.85 31.99 -9.82
C ASP A 691 17.24 31.55 -8.49
N MET A 692 16.57 32.46 -7.77
CA MET A 692 15.83 32.03 -6.60
C MET A 692 14.70 31.08 -6.99
N VAL A 693 13.97 31.41 -8.05
CA VAL A 693 12.92 30.52 -8.54
C VAL A 693 13.53 29.19 -8.97
N TYR A 694 14.66 29.25 -9.68
CA TYR A 694 15.30 28.03 -10.15
C TYR A 694 15.71 27.13 -8.98
N VAL A 695 16.35 27.70 -7.97
CA VAL A 695 16.80 26.90 -6.84
C VAL A 695 15.62 26.36 -6.06
N THR A 696 14.51 27.11 -6.01
CA THR A 696 13.31 26.58 -5.35
C THR A 696 12.76 25.36 -6.08
N GLN A 697 12.63 25.48 -7.41
CA GLN A 697 12.09 24.38 -8.20
C GLN A 697 12.97 23.15 -8.09
N SER A 698 14.29 23.34 -8.09
CA SER A 698 15.19 22.22 -7.87
C SER A 698 15.08 21.70 -6.44
N ALA A 699 14.92 22.61 -5.48
CA ALA A 699 14.96 22.27 -4.07
C ALA A 699 13.83 21.33 -3.69
N GLY A 700 12.66 21.50 -4.32
CA GLY A 700 11.58 20.55 -4.08
C GLY A 700 12.04 19.11 -4.21
N ARG A 701 12.46 18.71 -5.42
CA ARG A 701 12.89 17.34 -5.65
C ARG A 701 14.14 17.00 -4.86
N LEU A 702 15.07 17.95 -4.73
CA LEU A 702 16.32 17.65 -4.04
C LEU A 702 16.06 17.29 -2.59
N MET A 703 15.23 18.07 -1.89
CA MET A 703 14.91 17.78 -0.51
C MET A 703 14.11 16.50 -0.40
N ARG A 704 13.21 16.25 -1.35
CA ARG A 704 12.47 14.99 -1.32
C ARG A 704 13.41 13.79 -1.43
N ALA A 705 14.40 13.89 -2.33
CA ALA A 705 15.37 12.81 -2.49
C ALA A 705 16.23 12.64 -1.25
N ILE A 706 16.65 13.74 -0.64
CA ILE A 706 17.44 13.66 0.60
C ILE A 706 16.63 12.98 1.70
N PHE A 707 15.35 13.34 1.82
CA PHE A 707 14.49 12.70 2.80
C PHE A 707 14.38 11.22 2.54
N GLU A 708 14.19 10.83 1.27
CA GLU A 708 14.10 9.40 0.96
C GLU A 708 15.40 8.68 1.32
N ILE A 709 16.55 9.27 1.01
CA ILE A 709 17.82 8.63 1.30
C ILE A 709 17.97 8.43 2.80
N VAL A 710 17.75 9.49 3.58
CA VAL A 710 17.98 9.39 5.02
C VAL A 710 16.95 8.47 5.67
N LEU A 711 15.72 8.46 5.16
CA LEU A 711 14.69 7.56 5.69
C LEU A 711 15.07 6.11 5.43
N ASN A 712 15.58 5.80 4.24
CA ASN A 712 15.99 4.43 3.96
C ASN A 712 17.20 4.04 4.78
N ARG A 713 18.13 4.97 5.02
CA ARG A 713 19.29 4.68 5.83
C ARG A 713 18.95 4.43 7.30
N GLY A 714 17.75 4.77 7.73
CA GLY A 714 17.31 4.48 9.08
C GLY A 714 17.56 5.58 10.09
N TRP A 715 18.23 6.66 9.71
CA TRP A 715 18.48 7.76 10.63
C TRP A 715 17.18 8.48 10.96
N ALA A 716 17.00 8.86 12.22
CA ALA A 716 15.73 9.39 12.70
C ALA A 716 15.70 10.91 12.80
N GLN A 717 16.65 11.52 13.49
CA GLN A 717 16.65 12.97 13.65
C GLN A 717 16.78 13.67 12.31
N LEU A 718 17.69 13.20 11.46
CA LEU A 718 17.86 13.80 10.15
C LEU A 718 16.64 13.55 9.27
N THR A 719 15.99 12.40 9.43
CA THR A 719 14.75 12.14 8.69
C THR A 719 13.69 13.16 9.06
N ASP A 720 13.51 13.41 10.36
CA ASP A 720 12.53 14.39 10.81
C ASP A 720 12.87 15.78 10.28
N LYS A 721 14.15 16.17 10.36
CA LYS A 721 14.54 17.49 9.89
C LYS A 721 14.32 17.63 8.39
N THR A 722 14.64 16.59 7.61
CA THR A 722 14.46 16.67 6.16
C THR A 722 12.99 16.72 5.79
N LEU A 723 12.15 15.93 6.47
CA LEU A 723 10.71 15.99 6.20
C LEU A 723 10.15 17.36 6.54
N ASN A 724 10.57 17.94 7.66
CA ASN A 724 10.11 19.28 8.01
C ASN A 724 10.57 20.29 6.96
N LEU A 725 11.80 20.17 6.47
CA LEU A 725 12.28 21.10 5.46
C LEU A 725 11.50 20.95 4.15
N CYS A 726 11.19 19.72 3.77
CA CYS A 726 10.37 19.51 2.57
C CYS A 726 9.02 20.17 2.72
N LYS A 727 8.38 19.98 3.87
CA LYS A 727 7.05 20.56 4.07
C LYS A 727 7.12 22.08 4.14
N MET A 728 8.18 22.63 4.73
CA MET A 728 8.34 24.08 4.78
C MET A 728 8.54 24.66 3.38
N ILE A 729 9.33 23.99 2.55
CA ILE A 729 9.52 24.44 1.18
C ILE A 729 8.20 24.37 0.43
N ASP A 730 7.43 23.31 0.62
CA ASP A 730 6.15 23.17 -0.06
C ASP A 730 5.18 24.28 0.36
N LYS A 731 5.09 24.55 1.66
CA LYS A 731 4.11 25.48 2.19
C LYS A 731 4.61 26.92 2.25
N ARG A 732 5.89 27.16 1.99
CA ARG A 732 6.50 28.49 2.07
C ARG A 732 6.24 29.14 3.43
N MET A 733 6.50 28.37 4.49
CA MET A 733 6.36 28.91 5.83
C MET A 733 7.27 28.14 6.78
N TRP A 734 7.83 28.85 7.75
CA TRP A 734 8.63 28.20 8.77
C TRP A 734 7.74 27.43 9.75
N GLN A 735 8.35 26.45 10.40
CA GLN A 735 7.61 25.61 11.34
C GLN A 735 7.12 26.42 12.54
N SER A 736 7.89 27.42 12.95
CA SER A 736 7.52 28.20 14.13
C SER A 736 6.27 29.03 13.89
N MET A 737 5.92 29.26 12.63
CA MET A 737 4.71 30.03 12.32
C MET A 737 3.46 29.23 12.70
N CYS A 738 2.35 29.94 12.81
CA CYS A 738 1.10 29.30 13.17
C CYS A 738 0.70 28.30 12.09
N PRO A 739 0.29 27.09 12.46
CA PRO A 739 -0.09 26.08 11.45
C PRO A 739 -1.28 26.49 10.60
N LEU A 740 -2.09 27.44 11.07
CA LEU A 740 -3.26 27.85 10.31
C LEU A 740 -2.92 28.59 9.02
N ARG A 741 -1.67 29.01 8.83
CA ARG A 741 -1.29 29.62 7.57
C ARG A 741 -1.41 28.65 6.41
N GLN A 742 -1.37 27.35 6.70
CA GLN A 742 -1.50 26.36 5.63
C GLN A 742 -2.85 26.47 4.95
N PHE A 743 -3.90 26.80 5.70
CA PHE A 743 -5.16 27.19 5.09
C PHE A 743 -5.02 28.58 4.48
N ARG A 744 -5.04 28.65 3.16
CA ARG A 744 -4.87 29.92 2.46
C ARG A 744 -6.08 30.83 2.56
N LYS A 745 -7.22 30.32 3.03
CA LYS A 745 -8.44 31.12 3.07
C LYS A 745 -8.39 32.18 4.15
N LEU A 746 -7.76 31.86 5.27
CA LEU A 746 -7.71 32.78 6.40
C LEU A 746 -6.93 34.03 6.03
N PRO A 747 -7.35 35.21 6.48
CA PRO A 747 -6.59 36.43 6.18
C PRO A 747 -5.24 36.41 6.85
N GLU A 748 -4.26 37.08 6.21
CA GLU A 748 -2.91 37.10 6.73
C GLU A 748 -2.84 37.85 8.06
N GLU A 749 -3.59 38.94 8.19
CA GLU A 749 -3.52 39.73 9.42
C GLU A 749 -4.15 38.97 10.59
N VAL A 750 -5.17 38.17 10.33
CA VAL A 750 -5.79 37.39 11.40
C VAL A 750 -4.79 36.40 11.99
N VAL A 751 -4.09 35.66 11.13
CA VAL A 751 -3.09 34.71 11.61
C VAL A 751 -1.91 35.44 12.23
N LYS A 752 -1.56 36.61 11.69
CA LYS A 752 -0.51 37.42 12.28
C LYS A 752 -0.86 37.80 13.72
N LYS A 753 -2.12 38.14 13.96
CA LYS A 753 -2.57 38.48 15.30
C LYS A 753 -2.39 37.30 16.26
N ILE A 754 -2.70 36.10 15.78
CA ILE A 754 -2.51 34.90 16.60
C ILE A 754 -1.03 34.70 16.89
N GLU A 755 -0.18 34.89 15.87
CA GLU A 755 1.25 34.69 16.05
C GLU A 755 1.84 35.69 17.04
N LYS A 756 1.32 36.92 17.03
CA LYS A 756 1.82 37.94 17.96
C LYS A 756 1.64 37.48 19.41
N LYS A 757 0.47 36.94 19.72
CA LYS A 757 0.28 36.32 21.02
C LYS A 757 1.07 35.03 21.10
N ASN A 758 2.08 34.99 21.96
CA ASN A 758 2.91 33.81 22.09
C ASN A 758 2.07 32.76 22.81
N PHE A 759 1.34 31.97 22.04
CA PHE A 759 0.29 31.11 22.53
C PHE A 759 0.31 29.80 21.75
N PRO A 760 0.45 28.67 22.44
CA PRO A 760 0.57 27.38 21.74
C PRO A 760 -0.70 27.04 20.97
N PHE A 761 -0.49 26.37 19.84
CA PHE A 761 -1.62 26.00 18.97
C PHE A 761 -2.42 24.84 19.55
N GLU A 762 -1.76 23.99 20.33
CA GLU A 762 -2.42 22.81 20.90
C GLU A 762 -3.55 23.22 21.83
N ARG A 763 -3.32 24.26 22.63
CA ARG A 763 -4.34 24.75 23.56
C ARG A 763 -5.57 25.32 22.86
N LEU A 764 -5.46 25.65 21.57
CA LEU A 764 -6.56 26.27 20.86
C LEU A 764 -7.71 25.30 20.58
N TYR A 765 -7.50 24.01 20.73
CA TYR A 765 -8.57 23.04 20.50
C TYR A 765 -9.69 23.20 21.53
N ASP A 766 -9.32 23.42 22.80
CA ASP A 766 -10.31 23.43 23.88
C ASP A 766 -11.26 24.62 23.75
N LEU A 767 -10.74 25.78 23.38
CA LEU A 767 -11.54 26.99 23.37
C LEU A 767 -12.67 26.90 22.36
N ASN A 768 -13.82 27.48 22.71
CA ASN A 768 -14.95 27.59 21.79
C ASN A 768 -14.82 28.88 20.99
N HIS A 769 -15.74 29.08 20.05
CA HIS A 769 -15.62 30.20 19.11
C HIS A 769 -15.65 31.54 19.83
N ASN A 770 -16.48 31.66 20.87
CA ASN A 770 -16.52 32.91 21.63
C ASN A 770 -15.19 33.16 22.34
N GLU A 771 -14.65 32.12 22.99
CA GLU A 771 -13.37 32.27 23.67
C GLU A 771 -12.26 32.57 22.68
N ILE A 772 -12.29 31.92 21.52
CA ILE A 772 -11.28 32.19 20.49
C ILE A 772 -11.37 33.62 20.02
N GLY A 773 -12.60 34.10 19.76
CA GLY A 773 -12.75 35.48 19.34
C GLY A 773 -12.27 36.47 20.37
N GLU A 774 -12.53 36.19 21.65
CA GLU A 774 -12.03 37.05 22.71
C GLU A 774 -10.51 37.05 22.77
N LEU A 775 -9.89 35.87 22.65
CA LEU A 775 -8.44 35.77 22.74
C LEU A 775 -7.76 36.48 21.57
N ILE A 776 -8.28 36.28 20.36
CA ILE A 776 -7.73 36.95 19.19
C ILE A 776 -8.15 38.42 19.14
N ARG A 777 -9.08 38.81 20.00
CA ARG A 777 -9.64 40.16 20.12
C ARG A 777 -10.56 40.49 18.96
N MET A 778 -10.81 39.55 18.04
CA MET A 778 -11.76 39.76 16.96
C MET A 778 -12.91 38.79 17.12
N PRO A 779 -14.02 39.19 17.74
CA PRO A 779 -15.12 38.24 17.94
C PRO A 779 -15.76 37.77 16.65
N LYS A 780 -15.71 38.59 15.59
CA LYS A 780 -16.33 38.22 14.32
C LYS A 780 -15.68 36.99 13.72
N MET A 781 -14.35 36.91 13.79
CA MET A 781 -13.61 35.85 13.12
C MET A 781 -13.53 34.57 13.95
N GLY A 782 -14.11 34.56 15.15
CA GLY A 782 -13.97 33.39 16.01
C GLY A 782 -14.55 32.13 15.39
N LYS A 783 -15.71 32.25 14.73
CA LYS A 783 -16.36 31.07 14.15
C LYS A 783 -15.51 30.46 13.05
N THR A 784 -14.96 31.30 12.17
CA THR A 784 -14.14 30.77 11.08
C THR A 784 -12.88 30.11 11.62
N ILE A 785 -12.22 30.72 12.60
CA ILE A 785 -11.03 30.13 13.18
C ILE A 785 -11.36 28.80 13.83
N HIS A 786 -12.47 28.74 14.58
CA HIS A 786 -12.86 27.48 15.20
C HIS A 786 -13.24 26.42 14.17
N LYS A 787 -13.75 26.81 13.00
CA LYS A 787 -14.01 25.83 11.96
C LYS A 787 -12.71 25.32 11.36
N TYR A 788 -11.74 26.21 11.15
CA TYR A 788 -10.49 25.79 10.52
C TYR A 788 -9.63 24.98 11.47
N VAL A 789 -9.80 25.18 12.78
CA VAL A 789 -9.02 24.42 13.75
C VAL A 789 -9.33 22.93 13.64
N HIS A 790 -10.62 22.60 13.55
CA HIS A 790 -10.99 21.19 13.48
C HIS A 790 -10.78 20.60 12.09
N LEU A 791 -10.56 21.45 11.09
CA LEU A 791 -10.22 20.94 9.77
C LEU A 791 -8.78 20.43 9.73
N PHE A 792 -7.94 20.92 10.64
CA PHE A 792 -6.54 20.53 10.68
C PHE A 792 -6.40 19.05 10.99
N PRO A 793 -5.62 18.31 10.19
CA PRO A 793 -5.48 16.87 10.42
C PRO A 793 -4.94 16.57 11.81
N LYS A 794 -5.49 15.53 12.43
CA LYS A 794 -5.11 15.15 13.79
C LYS A 794 -5.54 13.71 14.02
N LEU A 795 -4.63 12.91 14.55
CA LEU A 795 -4.88 11.49 14.76
C LEU A 795 -4.66 11.15 16.24
N GLU A 796 -5.41 10.15 16.70
CA GLU A 796 -5.25 9.61 18.04
C GLU A 796 -4.70 8.19 17.94
N LEU A 797 -3.69 7.89 18.73
CA LEU A 797 -2.96 6.63 18.63
C LEU A 797 -3.21 5.78 19.86
N SER A 798 -3.50 4.51 19.64
CA SER A 798 -3.63 3.52 20.70
C SER A 798 -2.85 2.28 20.28
N VAL A 799 -2.03 1.76 21.18
CA VAL A 799 -1.11 0.67 20.87
C VAL A 799 -1.43 -0.53 21.75
N HIS A 800 -1.51 -1.70 21.13
CA HIS A 800 -1.64 -2.97 21.84
C HIS A 800 -0.35 -3.74 21.62
N LEU A 801 0.38 -3.99 22.70
CA LEU A 801 1.72 -4.57 22.63
C LEU A 801 1.70 -5.97 23.23
N GLN A 802 2.22 -6.94 22.48
CA GLN A 802 2.35 -8.30 22.97
C GLN A 802 3.63 -8.92 22.41
N PRO A 803 4.45 -9.55 23.23
CA PRO A 803 5.72 -10.10 22.74
C PRO A 803 5.55 -11.44 22.04
N ILE A 804 6.15 -11.58 20.86
CA ILE A 804 6.11 -12.84 20.14
C ILE A 804 7.23 -13.75 20.63
N THR A 805 8.47 -13.28 20.56
CA THR A 805 9.64 -14.00 21.05
C THR A 805 10.38 -13.11 22.03
N ARG A 806 11.56 -13.55 22.44
CA ARG A 806 12.38 -12.74 23.32
C ARG A 806 13.10 -11.62 22.57
N SER A 807 13.01 -11.59 21.25
CA SER A 807 13.68 -10.57 20.45
C SER A 807 12.75 -9.80 19.54
N THR A 808 11.46 -10.12 19.50
CA THR A 808 10.51 -9.42 18.66
C THR A 808 9.25 -9.10 19.45
N LEU A 809 8.58 -8.03 19.04
CA LEU A 809 7.30 -7.64 19.62
C LEU A 809 6.30 -7.41 18.50
N LYS A 810 5.07 -7.86 18.71
CA LYS A 810 3.98 -7.60 17.77
C LYS A 810 3.23 -6.36 18.25
N VAL A 811 3.26 -5.30 17.45
CA VAL A 811 2.64 -4.03 17.79
C VAL A 811 1.43 -3.84 16.90
N GLU A 812 0.27 -3.63 17.54
CA GLU A 812 -0.96 -3.31 16.83
C GLU A 812 -1.31 -1.85 17.12
N LEU A 813 -1.15 -1.00 16.11
CA LEU A 813 -1.37 0.44 16.26
C LEU A 813 -2.76 0.76 15.73
N THR A 814 -3.60 1.32 16.58
CA THR A 814 -4.95 1.74 16.19
C THR A 814 -4.94 3.25 15.95
N ILE A 815 -5.24 3.66 14.73
CA ILE A 815 -5.24 5.06 14.33
C ILE A 815 -6.68 5.51 14.17
N THR A 816 -7.08 6.51 14.97
CA THR A 816 -8.42 7.04 14.95
C THR A 816 -8.39 8.49 14.52
N PRO A 817 -8.82 8.82 13.30
CA PRO A 817 -8.84 10.23 12.89
C PRO A 817 -9.75 11.04 13.79
N ASP A 818 -9.32 12.28 14.06
CA ASP A 818 -9.98 13.14 15.03
C ASP A 818 -10.19 14.54 14.46
N PHE A 819 -10.52 14.63 13.18
CA PHE A 819 -10.73 15.91 12.53
C PHE A 819 -11.86 15.81 11.53
N GLN A 820 -12.54 16.93 11.31
CA GLN A 820 -13.56 17.00 10.28
C GLN A 820 -12.91 17.01 8.90
N TRP A 821 -13.46 16.20 8.00
CA TRP A 821 -12.89 16.02 6.67
C TRP A 821 -13.57 16.96 5.69
N ASP A 822 -12.77 17.72 4.95
CA ASP A 822 -13.25 18.61 3.90
C ASP A 822 -12.54 18.26 2.61
N GLU A 823 -13.31 17.96 1.56
CA GLU A 823 -12.71 17.57 0.30
C GLU A 823 -11.98 18.74 -0.35
N LYS A 824 -12.45 19.96 -0.13
CA LYS A 824 -11.76 21.13 -0.68
C LYS A 824 -10.36 21.28 -0.10
N VAL A 825 -10.22 21.05 1.20
CA VAL A 825 -8.95 21.27 1.89
C VAL A 825 -8.10 20.02 1.85
N HIS A 826 -8.61 18.92 2.42
CA HIS A 826 -7.80 17.71 2.54
C HIS A 826 -7.64 17.02 1.19
N GLY A 827 -8.72 16.96 0.42
CA GLY A 827 -8.68 16.32 -0.89
C GLY A 827 -9.18 14.89 -0.83
N SER A 828 -8.77 14.13 -1.85
CA SER A 828 -9.20 12.74 -1.96
C SER A 828 -8.62 11.89 -0.83
N SER A 829 -7.37 12.15 -0.46
CA SER A 829 -6.72 11.32 0.54
C SER A 829 -5.65 12.12 1.25
N GLU A 830 -5.27 11.65 2.44
CA GLU A 830 -4.21 12.24 3.25
C GLU A 830 -3.19 11.17 3.59
N ALA A 831 -1.91 11.52 3.48
CA ALA A 831 -0.82 10.58 3.68
C ALA A 831 -0.11 10.86 4.99
N PHE A 832 0.29 9.78 5.67
CA PHE A 832 1.02 9.89 6.93
C PHE A 832 2.18 8.90 6.93
N TRP A 833 3.22 9.25 7.66
CA TRP A 833 4.37 8.38 7.86
C TRP A 833 4.35 7.86 9.28
N ILE A 834 4.41 6.54 9.43
CA ILE A 834 4.43 5.89 10.73
C ILE A 834 5.86 5.51 11.03
N LEU A 835 6.41 6.07 12.11
CA LEU A 835 7.80 5.85 12.49
C LEU A 835 7.84 5.36 13.93
N VAL A 836 8.58 4.27 14.17
CA VAL A 836 8.86 3.78 15.51
C VAL A 836 10.35 3.86 15.74
N GLU A 837 10.73 4.43 16.88
CA GLU A 837 12.12 4.75 17.18
C GLU A 837 12.49 4.23 18.55
N ASP A 838 13.80 4.15 18.81
CA ASP A 838 14.29 3.67 20.09
C ASP A 838 14.20 4.78 21.14
N VAL A 839 14.85 4.55 22.28
CA VAL A 839 14.78 5.52 23.38
C VAL A 839 15.38 6.85 22.96
N ASP A 840 16.55 6.80 22.33
CA ASP A 840 17.23 8.03 21.93
C ASP A 840 16.58 8.71 20.74
N SER A 841 15.58 8.09 20.12
CA SER A 841 14.96 8.61 18.90
C SER A 841 16.02 8.88 17.84
N GLU A 842 16.97 7.95 17.72
CA GLU A 842 18.08 8.08 16.80
C GLU A 842 18.09 7.03 15.71
N VAL A 843 17.35 5.93 15.87
CA VAL A 843 17.28 4.88 14.87
C VAL A 843 15.81 4.57 14.60
N ILE A 844 15.44 4.51 13.33
CA ILE A 844 14.07 4.16 12.95
C ILE A 844 14.03 2.64 12.80
N LEU A 845 13.51 1.97 13.83
CA LEU A 845 13.45 0.52 13.81
C LEU A 845 12.50 0.01 12.75
N HIS A 846 11.42 0.76 12.49
CA HIS A 846 10.44 0.36 11.51
C HIS A 846 9.73 1.61 11.00
N HIS A 847 9.34 1.60 9.73
CA HIS A 847 8.63 2.71 9.13
C HIS A 847 7.71 2.18 8.04
N GLU A 848 6.59 2.86 7.84
CA GLU A 848 5.66 2.50 6.78
C GLU A 848 4.84 3.71 6.39
N TYR A 849 4.21 3.61 5.22
CA TYR A 849 3.45 4.70 4.63
C TYR A 849 1.96 4.44 4.85
N PHE A 850 1.28 5.38 5.49
CA PHE A 850 -0.12 5.23 5.83
C PHE A 850 -0.96 6.18 4.98
N LEU A 851 -1.94 5.64 4.28
CA LEU A 851 -2.78 6.40 3.37
C LEU A 851 -4.20 6.45 3.92
N LEU A 852 -4.65 7.64 4.26
CA LEU A 852 -6.00 7.84 4.79
C LEU A 852 -6.89 8.35 3.66
N LYS A 853 -7.94 7.61 3.35
CA LYS A 853 -8.82 7.93 2.24
C LYS A 853 -10.08 8.63 2.74
N ALA A 854 -10.64 9.49 1.90
CA ALA A 854 -11.84 10.24 2.28
C ALA A 854 -13.02 9.31 2.55
N LYS A 855 -13.15 8.25 1.75
CA LYS A 855 -14.26 7.32 1.93
C LYS A 855 -14.22 6.69 3.32
N TYR A 856 -13.05 6.26 3.75
CA TYR A 856 -12.88 5.56 5.01
C TYR A 856 -12.41 6.46 6.14
N ALA A 857 -12.45 7.78 5.93
CA ALA A 857 -12.15 8.71 7.02
C ALA A 857 -13.19 8.57 8.12
N GLN A 858 -12.83 9.01 9.32
CA GLN A 858 -13.64 8.93 10.53
C GLN A 858 -13.85 7.48 10.95
N ASP A 859 -13.07 6.55 10.42
CA ASP A 859 -13.12 5.14 10.81
C ASP A 859 -11.78 4.74 11.40
N GLU A 860 -11.81 3.88 12.42
CA GLU A 860 -10.56 3.41 13.03
C GLU A 860 -9.81 2.51 12.07
N HIS A 861 -8.49 2.74 11.98
CA HIS A 861 -7.60 1.91 11.19
C HIS A 861 -6.65 1.17 12.10
N LEU A 862 -6.38 -0.09 11.76
CA LEU A 862 -5.52 -0.96 12.55
C LEU A 862 -4.29 -1.32 11.73
N ILE A 863 -3.11 -1.08 12.29
CA ILE A 863 -1.85 -1.38 11.64
C ILE A 863 -1.06 -2.31 12.53
N THR A 864 -0.57 -3.41 11.96
CA THR A 864 0.19 -4.42 12.68
C THR A 864 1.59 -4.51 12.09
N PHE A 865 2.60 -4.49 12.96
CA PHE A 865 3.98 -4.62 12.51
C PHE A 865 4.81 -5.19 13.65
N PHE A 866 6.01 -5.66 13.30
CA PHE A 866 6.92 -6.28 14.26
C PHE A 866 8.15 -5.39 14.41
N VAL A 867 8.59 -5.22 15.65
CA VAL A 867 9.77 -4.43 15.97
C VAL A 867 10.69 -5.28 16.82
N PRO A 868 12.01 -5.14 16.70
CA PRO A 868 12.92 -5.95 17.51
C PRO A 868 13.22 -5.30 18.84
N VAL A 869 13.58 -6.12 19.82
CA VAL A 869 14.03 -5.67 21.13
C VAL A 869 15.36 -6.34 21.44
N PHE A 870 16.34 -5.56 21.90
CA PHE A 870 17.67 -6.08 22.11
C PHE A 870 17.90 -6.40 23.58
N GLU A 871 19.11 -6.91 23.87
CA GLU A 871 19.38 -7.46 25.21
C GLU A 871 19.26 -6.42 26.31
N PRO A 872 19.87 -5.22 26.22
CA PRO A 872 19.54 -4.20 27.22
C PRO A 872 18.14 -3.67 26.97
N LEU A 873 17.20 -4.04 27.83
CA LEU A 873 15.79 -3.76 27.55
C LEU A 873 15.56 -2.26 27.59
N PRO A 874 15.11 -1.66 26.49
CA PRO A 874 14.88 -0.22 26.48
C PRO A 874 13.71 0.13 27.40
N PRO A 875 13.74 1.30 28.01
CA PRO A 875 12.60 1.73 28.83
C PRO A 875 11.33 1.86 28.01
N GLN A 876 11.42 2.47 26.83
CA GLN A 876 10.25 2.67 25.98
C GLN A 876 10.68 2.91 24.54
N TYR A 877 9.72 2.72 23.63
CA TYR A 877 9.85 3.08 22.24
C TYR A 877 8.86 4.20 21.93
N PHE A 878 9.20 5.03 20.95
CA PHE A 878 8.34 6.12 20.52
C PHE A 878 7.75 5.79 19.15
N ILE A 879 6.44 5.96 19.01
CA ILE A 879 5.76 5.79 17.73
C ILE A 879 5.31 7.17 17.27
N ARG A 880 5.73 7.56 16.07
CA ARG A 880 5.42 8.87 15.51
C ARG A 880 4.61 8.68 14.24
N VAL A 881 3.51 9.41 14.14
CA VAL A 881 2.74 9.51 12.91
C VAL A 881 2.82 10.94 12.43
N VAL A 882 3.53 11.15 11.32
CA VAL A 882 3.82 12.49 10.81
C VAL A 882 3.09 12.67 9.48
N SER A 883 2.39 13.79 9.35
CA SER A 883 1.71 14.09 8.10
C SER A 883 2.73 14.33 6.99
N ASP A 884 2.44 13.78 5.82
CA ASP A 884 3.37 13.90 4.70
C ASP A 884 3.30 15.28 4.06
N ARG A 885 2.20 16.00 4.28
CA ARG A 885 1.97 17.30 3.64
C ARG A 885 1.91 18.44 4.64
N TRP A 886 1.21 18.25 5.77
CA TRP A 886 0.90 19.35 6.66
C TRP A 886 2.03 19.60 7.63
N LEU A 887 2.36 20.88 7.83
CA LEU A 887 3.35 21.26 8.83
C LEU A 887 2.75 21.21 10.23
N SER A 888 3.59 20.92 11.21
CA SER A 888 3.20 20.90 12.61
C SER A 888 2.01 19.97 12.85
N CYS A 889 1.98 18.86 12.12
CA CYS A 889 0.91 17.87 12.22
C CYS A 889 1.55 16.50 12.46
N GLU A 890 1.80 16.18 13.72
CA GLU A 890 2.34 14.88 14.10
C GLU A 890 1.80 14.50 15.46
N THR A 891 1.82 13.19 15.72
CA THR A 891 1.42 12.63 17.01
C THR A 891 2.47 11.61 17.44
N GLN A 892 2.92 11.71 18.68
CA GLN A 892 3.93 10.81 19.22
C GLN A 892 3.35 10.05 20.40
N LEU A 893 3.50 8.73 20.38
CA LEU A 893 2.96 7.87 21.42
C LEU A 893 4.09 7.02 22.00
N PRO A 894 4.51 7.26 23.24
CA PRO A 894 5.55 6.41 23.84
C PRO A 894 4.98 5.06 24.24
N VAL A 895 5.68 3.99 23.87
CA VAL A 895 5.28 2.63 24.19
C VAL A 895 6.17 2.14 25.33
N SER A 896 5.63 2.09 26.54
CA SER A 896 6.42 1.78 27.72
C SER A 896 6.71 0.29 27.83
N PHE A 897 7.95 -0.05 28.18
CA PHE A 897 8.35 -1.42 28.43
C PHE A 897 8.55 -1.73 29.90
N ARG A 898 8.03 -0.88 30.78
CA ARG A 898 8.26 -1.06 32.22
C ARG A 898 7.68 -2.38 32.71
N HIS A 899 6.49 -2.73 32.23
CA HIS A 899 5.78 -3.93 32.69
C HIS A 899 5.88 -5.08 31.72
N LEU A 900 6.84 -5.05 30.80
CA LEU A 900 6.96 -6.12 29.82
C LEU A 900 7.66 -7.33 30.44
N ILE A 901 7.09 -8.51 30.22
CA ILE A 901 7.70 -9.78 30.60
C ILE A 901 8.03 -10.53 29.32
N LEU A 902 9.31 -10.62 28.99
CA LEU A 902 9.72 -11.29 27.78
C LEU A 902 9.53 -12.80 27.91
N PRO A 903 9.26 -13.48 26.81
CA PRO A 903 9.12 -14.94 26.87
C PRO A 903 10.43 -15.62 27.21
N GLU A 904 10.31 -16.81 27.79
CA GLU A 904 11.49 -17.59 28.15
C GLU A 904 12.24 -18.00 26.89
N LYS A 905 13.57 -17.96 26.96
CA LYS A 905 14.40 -18.38 25.84
C LYS A 905 14.16 -19.86 25.55
N TYR A 906 13.95 -20.18 24.28
CA TYR A 906 13.57 -21.53 23.92
C TYR A 906 14.78 -22.46 23.96
N PRO A 907 14.58 -23.72 24.32
CA PRO A 907 15.71 -24.66 24.41
C PRO A 907 16.26 -25.00 23.04
N PRO A 908 17.49 -25.50 22.97
CA PRO A 908 18.08 -25.84 21.67
C PRO A 908 17.32 -26.94 20.98
N PRO A 909 17.26 -26.94 19.66
CA PRO A 909 16.55 -28.00 18.94
C PRO A 909 17.29 -29.33 19.06
N THR A 910 16.54 -30.41 18.83
CA THR A 910 17.10 -31.74 18.92
C THR A 910 18.20 -31.93 17.88
N GLU A 911 19.35 -32.43 18.33
CA GLU A 911 20.46 -32.67 17.43
C GLU A 911 20.16 -33.82 16.50
N LEU A 912 20.49 -33.66 15.23
CA LEU A 912 20.29 -34.71 14.23
C LEU A 912 21.45 -35.70 14.34
N LEU A 913 21.18 -36.85 14.96
CA LEU A 913 22.21 -37.87 15.10
C LEU A 913 22.59 -38.43 13.74
N ASP A 914 23.88 -38.63 13.52
CA ASP A 914 24.39 -39.18 12.26
C ASP A 914 24.38 -40.70 12.37
N LEU A 915 23.27 -41.30 11.95
CA LEU A 915 23.09 -42.74 11.98
C LEU A 915 23.01 -43.27 10.55
N GLN A 916 23.51 -44.48 10.35
CA GLN A 916 23.37 -45.12 9.05
C GLN A 916 21.88 -45.30 8.74
N PRO A 917 21.44 -44.95 7.54
CA PRO A 917 20.00 -44.95 7.25
C PRO A 917 19.39 -46.33 7.46
N LEU A 918 18.20 -46.34 8.03
CA LEU A 918 17.50 -47.60 8.28
C LEU A 918 17.02 -48.19 6.96
N PRO A 919 17.37 -49.44 6.64
CA PRO A 919 16.81 -50.08 5.46
C PRO A 919 15.32 -50.31 5.63
N VAL A 920 14.60 -50.34 4.51
CA VAL A 920 13.17 -50.59 4.54
C VAL A 920 12.87 -51.95 5.17
N SER A 921 13.81 -52.88 5.11
CA SER A 921 13.66 -54.18 5.76
C SER A 921 13.71 -54.09 7.27
N ALA A 922 13.83 -52.88 7.84
CA ALA A 922 13.74 -52.74 9.29
C ALA A 922 12.36 -53.17 9.79
N LEU A 923 11.30 -52.81 9.07
CA LEU A 923 9.97 -53.34 9.34
C LEU A 923 10.00 -54.86 9.23
N ARG A 924 9.79 -55.56 10.35
CA ARG A 924 9.92 -57.01 10.33
C ARG A 924 8.90 -57.66 9.40
N ASN A 925 7.69 -57.11 9.35
CA ASN A 925 6.65 -57.68 8.50
C ASN A 925 6.94 -57.39 7.03
N SER A 926 6.86 -58.43 6.20
CA SER A 926 7.16 -58.27 4.78
C SER A 926 6.09 -57.45 4.07
N ALA A 927 4.83 -57.60 4.50
CA ALA A 927 3.74 -56.83 3.90
C ALA A 927 3.98 -55.34 4.09
N PHE A 928 4.42 -54.95 5.29
CA PHE A 928 4.76 -53.55 5.54
C PHE A 928 5.94 -53.10 4.69
N GLU A 929 6.92 -53.98 4.48
CA GLU A 929 8.06 -53.66 3.63
C GLU A 929 7.61 -53.36 2.21
N SER A 930 6.65 -54.14 1.71
CA SER A 930 6.20 -54.00 0.33
C SER A 930 5.67 -52.61 0.02
N LEU A 931 5.25 -51.86 1.04
CA LEU A 931 4.74 -50.51 0.80
C LEU A 931 5.85 -49.58 0.33
N TYR A 932 7.07 -49.74 0.86
CA TYR A 932 8.14 -48.78 0.64
C TYR A 932 9.31 -49.33 -0.15
N GLN A 933 9.42 -50.66 -0.31
CA GLN A 933 10.59 -51.22 -0.99
C GLN A 933 10.67 -50.76 -2.44
N ASP A 934 9.57 -50.30 -3.02
CA ASP A 934 9.59 -49.71 -4.36
C ASP A 934 9.96 -48.23 -4.32
N LYS A 935 9.44 -47.50 -3.35
CA LYS A 935 9.66 -46.06 -3.26
C LYS A 935 11.14 -45.71 -3.06
N PHE A 936 11.78 -46.32 -2.06
CA PHE A 936 13.15 -46.01 -1.72
C PHE A 936 13.75 -47.17 -0.94
N PRO A 937 15.07 -47.33 -0.95
CA PRO A 937 15.68 -48.41 -0.16
C PRO A 937 15.97 -48.01 1.28
N PHE A 938 16.09 -46.72 1.57
CA PHE A 938 16.42 -46.24 2.90
C PHE A 938 15.60 -45.00 3.23
N PHE A 939 15.42 -44.77 4.52
CA PHE A 939 14.72 -43.58 5.01
C PHE A 939 15.71 -42.43 5.19
N ASN A 940 15.18 -41.20 5.14
CA ASN A 940 15.98 -40.02 5.40
C ASN A 940 16.35 -39.98 6.88
N PRO A 941 17.41 -39.23 7.23
CA PRO A 941 17.93 -39.32 8.62
C PRO A 941 16.90 -39.00 9.69
N ILE A 942 15.97 -38.09 9.43
CA ILE A 942 14.94 -37.78 10.41
C ILE A 942 14.10 -39.01 10.71
N GLN A 943 13.65 -39.71 9.66
CA GLN A 943 12.84 -40.90 9.86
C GLN A 943 13.63 -42.00 10.55
N THR A 944 14.92 -42.15 10.19
CA THR A 944 15.74 -43.15 10.85
C THR A 944 15.89 -42.87 12.33
N GLN A 945 16.07 -41.60 12.69
CA GLN A 945 16.20 -41.23 14.10
C GLN A 945 14.90 -41.46 14.86
N VAL A 946 13.77 -41.11 14.24
CA VAL A 946 12.47 -41.25 14.92
C VAL A 946 12.01 -42.70 14.98
N PHE A 947 12.49 -43.56 14.08
CA PHE A 947 11.87 -44.86 13.85
C PHE A 947 11.74 -45.67 15.14
N ASN A 948 12.79 -45.74 15.95
CA ASN A 948 12.73 -46.58 17.14
C ASN A 948 11.60 -46.15 18.06
N THR A 949 11.55 -44.86 18.41
CA THR A 949 10.52 -44.37 19.31
C THR A 949 9.13 -44.49 18.69
N VAL A 950 9.00 -44.16 17.40
CA VAL A 950 7.67 -44.11 16.80
C VAL A 950 7.14 -45.49 16.43
N TYR A 951 7.99 -46.50 16.37
CA TYR A 951 7.56 -47.83 15.95
C TYR A 951 7.66 -48.87 17.05
N ASN A 952 8.81 -49.00 17.71
CA ASN A 952 8.94 -50.00 18.74
C ASN A 952 8.25 -49.58 20.03
N SER A 953 8.36 -48.31 20.40
CA SER A 953 7.74 -47.82 21.62
C SER A 953 6.25 -47.58 21.41
N ASP A 954 5.56 -47.33 22.52
CA ASP A 954 4.12 -47.11 22.50
C ASP A 954 3.71 -45.78 23.10
N ASP A 955 4.67 -44.98 23.58
CA ASP A 955 4.36 -43.72 24.22
C ASP A 955 4.07 -42.64 23.18
N ASN A 956 3.52 -41.52 23.66
CA ASN A 956 3.26 -40.39 22.80
C ASN A 956 4.56 -39.80 22.28
N VAL A 957 4.54 -39.35 21.03
CA VAL A 957 5.74 -38.83 20.36
C VAL A 957 5.36 -37.58 19.59
N PHE A 958 6.17 -36.54 19.72
CA PHE A 958 6.01 -35.30 18.98
C PHE A 958 7.16 -35.16 17.99
N VAL A 959 6.84 -34.93 16.73
CA VAL A 959 7.84 -34.80 15.67
C VAL A 959 7.70 -33.42 15.05
N GLY A 960 8.74 -32.61 15.18
CA GLY A 960 8.76 -31.30 14.54
C GLY A 960 9.87 -31.19 13.53
N ALA A 961 9.52 -31.10 12.26
CA ALA A 961 10.49 -31.05 11.18
C ALA A 961 9.99 -30.10 10.12
N PRO A 962 10.89 -29.52 9.32
CA PRO A 962 10.45 -28.63 8.24
C PRO A 962 9.62 -29.37 7.21
N THR A 963 8.74 -28.65 6.52
CA THR A 963 7.90 -29.26 5.50
C THR A 963 8.76 -29.93 4.43
N GLY A 964 8.32 -31.10 3.99
CA GLY A 964 9.10 -31.88 3.04
C GLY A 964 10.09 -32.83 3.66
N SER A 965 10.18 -32.90 4.98
CA SER A 965 11.05 -33.85 5.65
C SER A 965 10.47 -35.26 5.70
N GLY A 966 9.19 -35.43 5.39
CA GLY A 966 8.58 -36.74 5.40
C GLY A 966 8.08 -37.16 6.76
N LYS A 967 7.29 -36.30 7.41
CA LYS A 967 6.68 -36.67 8.69
C LYS A 967 5.52 -37.64 8.48
N THR A 968 4.90 -37.61 7.29
CA THR A 968 3.84 -38.56 6.99
C THR A 968 4.33 -39.99 7.11
N ILE A 969 5.61 -40.23 6.82
CA ILE A 969 6.18 -41.56 6.98
C ILE A 969 6.23 -41.94 8.45
N CYS A 970 6.49 -40.98 9.34
CA CYS A 970 6.43 -41.25 10.78
C CYS A 970 5.00 -41.59 11.21
N ALA A 971 4.03 -40.85 10.68
CA ALA A 971 2.63 -41.17 10.96
C ALA A 971 2.30 -42.58 10.49
N GLU A 972 2.78 -42.95 9.31
CA GLU A 972 2.56 -44.30 8.80
C GLU A 972 3.26 -45.34 9.66
N PHE A 973 4.41 -44.98 10.24
CA PHE A 973 5.07 -45.87 11.19
C PHE A 973 4.18 -46.16 12.38
N ALA A 974 3.60 -45.11 12.95
CA ALA A 974 2.70 -45.30 14.08
C ALA A 974 1.49 -46.14 13.69
N ILE A 975 0.91 -45.87 12.52
CA ILE A 975 -0.23 -46.64 12.04
C ILE A 975 0.14 -48.10 11.84
N LEU A 976 1.32 -48.35 11.29
CA LEU A 976 1.77 -49.72 11.08
C LEU A 976 1.96 -50.45 12.39
N ARG A 977 2.50 -49.76 13.41
CA ARG A 977 2.60 -50.39 14.72
C ARG A 977 1.22 -50.73 15.25
N MET A 978 0.26 -49.81 15.12
CA MET A 978 -1.09 -50.07 15.59
C MET A 978 -1.70 -51.28 14.90
N LEU A 979 -1.55 -51.36 13.57
CA LEU A 979 -2.08 -52.48 12.83
C LEU A 979 -1.41 -53.79 13.22
N LEU A 980 -0.09 -53.75 13.44
CA LEU A 980 0.64 -54.95 13.80
C LEU A 980 0.21 -55.47 15.17
N GLN A 981 0.07 -54.58 16.15
CA GLN A 981 -0.28 -55.03 17.49
C GLN A 981 -1.75 -55.44 17.57
N SER A 982 -2.63 -54.69 16.90
CA SER A 982 -4.05 -54.98 16.88
C SER A 982 -4.54 -55.00 15.44
N SER A 983 -5.15 -56.12 15.03
CA SER A 983 -5.64 -56.24 13.67
C SER A 983 -6.78 -55.26 13.40
N GLU A 984 -7.66 -55.07 14.38
CA GLU A 984 -8.83 -54.22 14.22
C GLU A 984 -8.66 -52.84 14.88
N GLY A 985 -7.43 -52.44 15.16
CA GLY A 985 -7.22 -51.14 15.77
C GLY A 985 -7.70 -50.02 14.87
N ARG A 986 -8.15 -48.94 15.48
CA ARG A 986 -8.71 -47.80 14.77
C ARG A 986 -7.84 -46.57 15.00
N CYS A 987 -7.48 -45.88 13.93
CA CYS A 987 -6.64 -44.69 13.99
C CYS A 987 -7.38 -43.50 13.40
N VAL A 988 -7.14 -42.32 13.97
CA VAL A 988 -7.76 -41.08 13.52
C VAL A 988 -6.65 -40.13 13.10
N TYR A 989 -6.78 -39.56 11.91
CA TYR A 989 -5.80 -38.63 11.36
C TYR A 989 -6.49 -37.29 11.13
N ILE A 990 -5.92 -36.23 11.71
CA ILE A 990 -6.53 -34.90 11.70
C ILE A 990 -5.60 -33.96 10.94
N THR A 991 -6.16 -33.27 9.95
CA THR A 991 -5.44 -32.26 9.19
C THR A 991 -6.26 -30.98 9.18
N PRO A 992 -5.68 -29.83 9.52
CA PRO A 992 -6.48 -28.60 9.58
C PRO A 992 -7.13 -28.23 8.26
N MET A 993 -6.49 -28.52 7.14
CA MET A 993 -7.01 -28.12 5.84
C MET A 993 -7.73 -29.29 5.17
N GLU A 994 -8.85 -28.98 4.53
CA GLU A 994 -9.62 -30.02 3.85
C GLU A 994 -8.89 -30.54 2.62
N ALA A 995 -8.17 -29.66 1.91
CA ALA A 995 -7.39 -30.10 0.76
C ALA A 995 -6.30 -31.08 1.18
N LEU A 996 -5.62 -30.79 2.29
CA LEU A 996 -4.64 -31.73 2.82
C LEU A 996 -5.29 -33.06 3.18
N ALA A 997 -6.50 -33.00 3.77
CA ALA A 997 -7.18 -34.24 4.13
C ALA A 997 -7.49 -35.08 2.90
N GLU A 998 -7.98 -34.44 1.84
CA GLU A 998 -8.27 -35.18 0.61
C GLU A 998 -7.01 -35.76 -0.01
N GLN A 999 -5.92 -34.97 -0.02
CA GLN A 999 -4.66 -35.47 -0.56
C GLN A 999 -4.15 -36.66 0.22
N VAL A 1000 -4.20 -36.58 1.56
CA VAL A 1000 -3.73 -37.69 2.39
C VAL A 1000 -4.61 -38.91 2.19
N TYR A 1001 -5.92 -38.71 2.07
CA TYR A 1001 -6.81 -39.84 1.83
C TYR A 1001 -6.50 -40.52 0.51
N MET A 1002 -6.28 -39.72 -0.54
CA MET A 1002 -5.94 -40.28 -1.85
C MET A 1002 -4.64 -41.05 -1.78
N ASP A 1003 -3.65 -40.51 -1.06
CA ASP A 1003 -2.36 -41.19 -0.95
C ASP A 1003 -2.48 -42.49 -0.15
N TRP A 1004 -3.23 -42.49 0.95
CA TRP A 1004 -3.26 -43.65 1.83
C TRP A 1004 -4.23 -44.71 1.36
N TYR A 1005 -5.15 -44.35 0.46
CA TYR A 1005 -6.10 -45.33 -0.04
C TYR A 1005 -5.39 -46.48 -0.73
N GLU A 1006 -4.49 -46.16 -1.67
CA GLU A 1006 -3.75 -47.20 -2.36
C GLU A 1006 -2.79 -47.92 -1.42
N LYS A 1007 -2.25 -47.21 -0.44
CA LYS A 1007 -1.24 -47.80 0.43
C LYS A 1007 -1.83 -48.83 1.39
N PHE A 1008 -2.94 -48.47 2.04
CA PHE A 1008 -3.54 -49.34 3.06
C PHE A 1008 -4.76 -50.09 2.56
N GLN A 1009 -5.70 -49.40 1.91
CA GLN A 1009 -6.92 -50.06 1.47
C GLN A 1009 -6.63 -51.16 0.45
N ASP A 1010 -5.71 -50.91 -0.47
CA ASP A 1010 -5.43 -51.87 -1.53
C ASP A 1010 -4.39 -52.91 -1.13
N ARG A 1011 -3.19 -52.47 -0.74
CA ARG A 1011 -2.12 -53.41 -0.46
C ARG A 1011 -2.35 -54.17 0.84
N LEU A 1012 -2.81 -53.48 1.87
CA LEU A 1012 -2.98 -54.08 3.19
C LEU A 1012 -4.42 -54.49 3.49
N ASN A 1013 -5.37 -54.11 2.65
CA ASN A 1013 -6.78 -54.47 2.82
C ASN A 1013 -7.30 -54.02 4.19
N LYS A 1014 -7.04 -52.76 4.52
CA LYS A 1014 -7.55 -52.12 5.72
C LYS A 1014 -8.44 -50.95 5.31
N LYS A 1015 -9.62 -50.88 5.89
CA LYS A 1015 -10.59 -49.85 5.48
C LYS A 1015 -10.05 -48.46 5.80
N VAL A 1016 -10.10 -47.58 4.79
CA VAL A 1016 -9.74 -46.18 4.95
C VAL A 1016 -10.92 -45.34 4.51
N VAL A 1017 -11.35 -44.42 5.37
CA VAL A 1017 -12.51 -43.59 5.10
C VAL A 1017 -12.16 -42.14 5.34
N LEU A 1018 -12.89 -41.25 4.67
CA LEU A 1018 -12.73 -39.81 4.82
C LEU A 1018 -14.03 -39.23 5.34
N LEU A 1019 -13.95 -38.50 6.45
CA LEU A 1019 -15.14 -37.96 7.07
C LEU A 1019 -15.75 -36.83 6.25
N THR A 1020 -17.07 -36.76 6.27
CA THR A 1020 -17.83 -35.77 5.50
C THR A 1020 -18.66 -34.93 6.47
N GLY A 1021 -19.52 -34.09 5.89
CA GLY A 1021 -20.30 -33.17 6.72
C GLY A 1021 -21.34 -33.87 7.59
N GLU A 1022 -22.10 -34.78 6.98
CA GLU A 1022 -23.25 -35.36 7.67
C GLU A 1022 -22.82 -36.24 8.84
N THR A 1023 -23.59 -36.18 9.92
CA THR A 1023 -23.20 -36.86 11.15
C THR A 1023 -23.48 -38.36 11.09
N SER A 1024 -24.59 -38.77 10.48
CA SER A 1024 -24.91 -40.19 10.40
C SER A 1024 -23.90 -40.93 9.54
N THR A 1025 -23.55 -40.36 8.39
CA THR A 1025 -22.53 -40.98 7.54
C THR A 1025 -21.18 -41.01 8.24
N ASP A 1026 -20.86 -39.95 8.99
CA ASP A 1026 -19.63 -39.94 9.77
C ASP A 1026 -19.62 -41.06 10.80
N LEU A 1027 -20.76 -41.28 11.47
CA LEU A 1027 -20.84 -42.36 12.44
C LEU A 1027 -20.65 -43.71 11.78
N LYS A 1028 -21.27 -43.92 10.61
CA LYS A 1028 -21.11 -45.18 9.90
C LYS A 1028 -19.65 -45.40 9.51
N LEU A 1029 -19.02 -44.36 8.96
CA LEU A 1029 -17.62 -44.48 8.54
C LEU A 1029 -16.71 -44.76 9.74
N LEU A 1030 -16.94 -44.06 10.85
CA LEU A 1030 -16.15 -44.29 12.05
C LEU A 1030 -16.34 -45.71 12.56
N GLY A 1031 -17.55 -46.23 12.45
CA GLY A 1031 -17.79 -47.60 12.87
C GLY A 1031 -17.07 -48.61 12.00
N LYS A 1032 -17.05 -48.40 10.69
CA LYS A 1032 -16.49 -49.37 9.77
C LYS A 1032 -15.12 -48.98 9.23
N GLY A 1033 -14.47 -47.98 9.81
CA GLY A 1033 -13.21 -47.49 9.30
C GLY A 1033 -12.05 -47.82 10.21
N ASN A 1034 -10.97 -48.35 9.61
CA ASN A 1034 -9.74 -48.57 10.36
C ASN A 1034 -8.93 -47.29 10.48
N ILE A 1035 -8.79 -46.56 9.38
CA ILE A 1035 -8.06 -45.30 9.36
C ILE A 1035 -9.04 -44.19 9.00
N ILE A 1036 -9.15 -43.20 9.88
CA ILE A 1036 -10.12 -42.13 9.73
C ILE A 1036 -9.36 -40.84 9.41
N ILE A 1037 -9.65 -40.26 8.26
CA ILE A 1037 -9.09 -38.97 7.87
C ILE A 1037 -10.16 -37.91 8.08
N SER A 1038 -9.80 -36.82 8.74
CA SER A 1038 -10.81 -35.84 9.11
C SER A 1038 -10.18 -34.46 9.27
N THR A 1039 -11.04 -33.46 9.26
CA THR A 1039 -10.68 -32.09 9.59
C THR A 1039 -11.09 -31.79 11.02
N PRO A 1040 -10.55 -30.73 11.62
CA PRO A 1040 -10.89 -30.45 13.03
C PRO A 1040 -12.37 -30.25 13.28
N GLU A 1041 -13.09 -29.59 12.38
CA GLU A 1041 -14.51 -29.29 12.65
C GLU A 1041 -15.35 -30.56 12.63
N LYS A 1042 -15.12 -31.44 11.65
CA LYS A 1042 -15.90 -32.66 11.56
C LYS A 1042 -15.65 -33.56 12.76
N TRP A 1043 -14.39 -33.75 13.14
CA TRP A 1043 -14.11 -34.54 14.32
C TRP A 1043 -14.62 -33.86 15.58
N ASP A 1044 -14.69 -32.53 15.59
CA ASP A 1044 -15.23 -31.83 16.75
C ASP A 1044 -16.71 -32.14 16.92
N ILE A 1045 -17.48 -32.00 15.85
CA ILE A 1045 -18.91 -32.29 15.95
C ILE A 1045 -19.14 -33.77 16.22
N LEU A 1046 -18.19 -34.62 15.80
CA LEU A 1046 -18.34 -36.05 16.05
C LEU A 1046 -18.02 -36.42 17.50
N SER A 1047 -17.01 -35.78 18.09
CA SER A 1047 -16.52 -36.16 19.41
C SER A 1047 -17.10 -35.32 20.53
N ARG A 1048 -17.89 -34.29 20.23
CA ARG A 1048 -18.52 -33.54 21.31
C ARG A 1048 -19.32 -34.44 22.22
N ARG A 1049 -20.11 -35.35 21.65
CA ARG A 1049 -20.84 -36.34 22.42
C ARG A 1049 -20.03 -37.61 22.64
N TRP A 1050 -18.79 -37.48 23.12
CA TRP A 1050 -17.95 -38.66 23.27
C TRP A 1050 -18.43 -39.60 24.37
N LYS A 1051 -19.26 -39.09 25.29
CA LYS A 1051 -19.74 -39.93 26.38
C LYS A 1051 -20.76 -40.95 25.90
N GLN A 1052 -21.30 -40.75 24.70
CA GLN A 1052 -22.36 -41.61 24.19
C GLN A 1052 -21.87 -42.57 23.10
N ARG A 1053 -21.13 -42.06 22.12
CA ARG A 1053 -20.59 -42.93 21.07
C ARG A 1053 -19.36 -43.66 21.59
N LYS A 1054 -19.46 -44.99 21.68
CA LYS A 1054 -18.32 -45.78 22.17
C LYS A 1054 -17.18 -45.78 21.17
N ASN A 1055 -17.49 -45.63 19.88
CA ASN A 1055 -16.44 -45.66 18.86
C ASN A 1055 -15.46 -44.52 19.05
N VAL A 1056 -15.94 -43.35 19.46
CA VAL A 1056 -15.03 -42.23 19.71
C VAL A 1056 -14.12 -42.53 20.89
N GLN A 1057 -14.65 -43.24 21.90
CA GLN A 1057 -13.86 -43.51 23.10
C GLN A 1057 -12.69 -44.42 22.81
N ASN A 1058 -12.91 -45.51 22.07
CA ASN A 1058 -11.89 -46.54 21.88
C ASN A 1058 -11.28 -46.38 20.49
N ILE A 1059 -10.23 -45.55 20.43
CA ILE A 1059 -9.36 -45.46 19.26
C ILE A 1059 -7.94 -45.68 19.75
N ASN A 1060 -7.20 -46.57 19.06
CA ASN A 1060 -5.87 -46.91 19.51
C ASN A 1060 -4.90 -45.75 19.28
N LEU A 1061 -5.03 -45.05 18.16
CA LEU A 1061 -4.07 -44.04 17.77
C LEU A 1061 -4.81 -42.78 17.32
N PHE A 1062 -4.25 -41.62 17.67
CA PHE A 1062 -4.79 -40.33 17.28
C PHE A 1062 -3.63 -39.47 16.78
N VAL A 1063 -3.59 -39.22 15.48
CA VAL A 1063 -2.49 -38.51 14.83
C VAL A 1063 -2.96 -37.10 14.48
N VAL A 1064 -2.17 -36.11 14.87
CA VAL A 1064 -2.44 -34.72 14.53
C VAL A 1064 -1.33 -34.25 13.61
N ASP A 1065 -1.71 -33.77 12.43
CA ASP A 1065 -0.75 -33.25 11.48
C ASP A 1065 -0.83 -31.73 11.42
N GLU A 1066 0.34 -31.11 11.25
CA GLU A 1066 0.45 -29.66 11.20
C GLU A 1066 -0.14 -29.02 12.45
N VAL A 1067 0.28 -29.53 13.61
CA VAL A 1067 -0.23 -28.99 14.86
C VAL A 1067 0.24 -27.56 15.09
N HIS A 1068 1.23 -27.11 14.34
CA HIS A 1068 1.66 -25.71 14.44
C HIS A 1068 0.61 -24.74 13.94
N LEU A 1069 -0.39 -25.22 13.19
CA LEU A 1069 -1.49 -24.36 12.78
C LEU A 1069 -2.43 -24.03 13.94
N ILE A 1070 -2.13 -24.51 15.14
CA ILE A 1070 -2.95 -24.16 16.31
C ILE A 1070 -2.90 -22.66 16.55
N GLY A 1071 -1.81 -22.01 16.12
CA GLY A 1071 -1.73 -20.57 16.28
C GLY A 1071 -2.65 -19.82 15.33
N GLY A 1072 -2.75 -20.29 14.10
CA GLY A 1072 -3.48 -19.56 13.08
C GLY A 1072 -4.98 -19.65 13.26
N GLU A 1073 -5.70 -19.07 12.29
CA GLU A 1073 -7.15 -19.13 12.27
C GLU A 1073 -7.61 -20.58 12.16
N ASN A 1074 -8.72 -20.88 12.82
CA ASN A 1074 -9.29 -22.21 12.99
C ASN A 1074 -8.40 -23.07 13.89
N GLY A 1075 -7.43 -22.46 14.55
CA GLY A 1075 -6.62 -23.13 15.54
C GLY A 1075 -7.36 -23.57 16.78
N PRO A 1076 -8.25 -22.72 17.32
CA PRO A 1076 -8.97 -23.11 18.54
C PRO A 1076 -9.72 -24.42 18.43
N VAL A 1077 -10.29 -24.74 17.27
CA VAL A 1077 -10.98 -26.03 17.12
C VAL A 1077 -9.99 -27.17 17.27
N LEU A 1078 -8.80 -27.05 16.66
CA LEU A 1078 -7.78 -28.06 16.79
C LEU A 1078 -7.33 -28.21 18.23
N GLU A 1079 -7.13 -27.09 18.92
CA GLU A 1079 -6.73 -27.15 20.33
C GLU A 1079 -7.80 -27.84 21.17
N VAL A 1080 -9.07 -27.51 20.92
CA VAL A 1080 -10.16 -28.10 21.69
C VAL A 1080 -10.24 -29.60 21.45
N ILE A 1081 -10.11 -30.04 20.20
CA ILE A 1081 -10.24 -31.47 19.95
C ILE A 1081 -9.05 -32.24 20.52
N CYS A 1082 -7.84 -31.66 20.46
CA CYS A 1082 -6.69 -32.31 21.06
C CYS A 1082 -6.83 -32.40 22.58
N SER A 1083 -7.28 -31.32 23.21
CA SER A 1083 -7.49 -31.34 24.65
C SER A 1083 -8.56 -32.34 25.04
N ARG A 1084 -9.63 -32.43 24.24
CA ARG A 1084 -10.68 -33.40 24.53
C ARG A 1084 -10.16 -34.83 24.37
N MET A 1085 -9.29 -35.06 23.39
CA MET A 1085 -8.71 -36.39 23.24
C MET A 1085 -7.85 -36.75 24.45
N ARG A 1086 -7.05 -35.79 24.93
CA ARG A 1086 -6.27 -36.04 26.15
C ARG A 1086 -7.19 -36.34 27.33
N TYR A 1087 -8.26 -35.57 27.46
CA TYR A 1087 -9.21 -35.79 28.56
C TYR A 1087 -9.84 -37.17 28.47
N ILE A 1088 -10.25 -37.59 27.27
CA ILE A 1088 -10.83 -38.91 27.09
C ILE A 1088 -9.82 -39.98 27.45
N SER A 1089 -8.58 -39.82 27.00
CA SER A 1089 -7.54 -40.79 27.33
C SER A 1089 -7.36 -40.91 28.83
N SER A 1090 -7.47 -39.79 29.55
CA SER A 1090 -7.39 -39.84 31.01
C SER A 1090 -8.54 -40.64 31.60
N GLN A 1091 -9.73 -40.57 30.98
CA GLN A 1091 -10.91 -41.20 31.56
C GLN A 1091 -11.04 -42.66 31.15
N ILE A 1092 -10.86 -42.96 29.86
CA ILE A 1092 -11.24 -44.27 29.30
C ILE A 1092 -10.44 -45.40 29.90
N GLU A 1093 -9.27 -45.10 30.48
CA GLU A 1093 -8.35 -46.02 31.16
C GLU A 1093 -7.58 -46.89 30.17
N ARG A 1094 -7.82 -46.76 28.87
CA ARG A 1094 -6.98 -47.38 27.84
C ARG A 1094 -6.34 -46.24 27.06
N PRO A 1095 -5.07 -45.95 27.28
CA PRO A 1095 -4.50 -44.71 26.74
C PRO A 1095 -4.59 -44.65 25.22
N ILE A 1096 -4.92 -43.47 24.72
CA ILE A 1096 -4.98 -43.18 23.29
C ILE A 1096 -3.66 -42.55 22.91
N ARG A 1097 -2.84 -43.28 22.16
CA ARG A 1097 -1.53 -42.76 21.78
C ARG A 1097 -1.69 -41.54 20.89
N ILE A 1098 -0.94 -40.48 21.20
CA ILE A 1098 -1.00 -39.23 20.47
C ILE A 1098 0.32 -39.05 19.74
N VAL A 1099 0.26 -38.93 18.42
CA VAL A 1099 1.43 -38.64 17.59
C VAL A 1099 1.17 -37.30 16.91
N ALA A 1100 1.99 -36.31 17.23
CA ALA A 1100 1.82 -34.95 16.73
C ALA A 1100 2.94 -34.64 15.74
N LEU A 1101 2.56 -34.22 14.54
CA LEU A 1101 3.51 -33.82 13.50
C LEU A 1101 3.36 -32.33 13.26
N SER A 1102 4.47 -31.62 13.24
CA SER A 1102 4.43 -30.17 13.16
C SER A 1102 5.68 -29.67 12.44
N SER A 1103 5.67 -28.39 12.11
CA SER A 1103 6.87 -27.74 11.62
C SER A 1103 7.84 -27.49 12.77
N SER A 1104 9.01 -26.96 12.42
CA SER A 1104 10.02 -26.66 13.44
C SER A 1104 9.47 -25.64 14.43
N LEU A 1105 9.26 -26.08 15.66
CA LEU A 1105 8.64 -25.27 16.71
C LEU A 1105 9.69 -24.86 17.72
N SER A 1106 9.74 -23.56 18.03
CA SER A 1106 10.66 -23.08 19.05
C SER A 1106 10.26 -23.59 20.43
N ASN A 1107 8.98 -23.42 20.78
CA ASN A 1107 8.48 -23.86 22.08
C ASN A 1107 7.84 -25.25 21.95
N ALA A 1108 8.64 -26.20 21.47
CA ALA A 1108 8.16 -27.57 21.38
C ALA A 1108 7.99 -28.22 22.75
N LYS A 1109 8.66 -27.71 23.77
CA LYS A 1109 8.49 -28.24 25.12
C LYS A 1109 7.06 -28.04 25.61
N ASP A 1110 6.48 -26.88 25.34
CA ASP A 1110 5.10 -26.61 25.77
C ASP A 1110 4.12 -27.55 25.10
N VAL A 1111 4.27 -27.76 23.78
CA VAL A 1111 3.37 -28.64 23.06
C VAL A 1111 3.54 -30.08 23.53
N ALA A 1112 4.79 -30.52 23.73
CA ALA A 1112 5.03 -31.88 24.21
C ALA A 1112 4.44 -32.09 25.58
N HIS A 1113 4.58 -31.11 26.48
CA HIS A 1113 3.98 -31.22 27.80
C HIS A 1113 2.45 -31.25 27.70
N TRP A 1114 1.89 -30.44 26.81
CA TRP A 1114 0.44 -30.40 26.64
C TRP A 1114 -0.09 -31.75 26.18
N LEU A 1115 0.58 -32.37 25.20
CA LEU A 1115 0.11 -33.62 24.64
C LEU A 1115 0.69 -34.84 25.34
N GLY A 1116 1.43 -34.64 26.43
CA GLY A 1116 1.92 -35.76 27.21
C GLY A 1116 3.15 -36.44 26.66
N CYS A 1117 3.79 -35.87 25.63
CA CYS A 1117 5.00 -36.45 25.09
C CYS A 1117 6.17 -36.21 26.02
N SER A 1118 6.92 -37.28 26.29
CA SER A 1118 8.08 -37.16 27.17
C SER A 1118 9.22 -36.43 26.47
N ALA A 1119 10.20 -36.02 27.27
CA ALA A 1119 11.33 -35.27 26.72
C ALA A 1119 12.16 -36.14 25.78
N THR A 1120 12.29 -37.43 26.09
CA THR A 1120 13.05 -38.33 25.22
C THR A 1120 12.33 -38.57 23.91
N SER A 1121 10.99 -38.55 23.94
CA SER A 1121 10.19 -38.81 22.75
C SER A 1121 9.83 -37.56 21.98
N THR A 1122 10.34 -36.39 22.39
CA THR A 1122 10.11 -35.15 21.68
C THR A 1122 11.24 -34.92 20.70
N PHE A 1123 10.91 -34.81 19.42
CA PHE A 1123 11.89 -34.61 18.35
C PHE A 1123 11.60 -33.28 17.67
N ASN A 1124 12.27 -32.23 18.13
CA ASN A 1124 12.12 -30.89 17.57
C ASN A 1124 13.41 -30.57 16.80
N PHE A 1125 13.32 -30.57 15.48
CA PHE A 1125 14.48 -30.34 14.63
C PHE A 1125 14.51 -28.90 14.14
N HIS A 1126 15.72 -28.41 13.92
CA HIS A 1126 15.93 -27.06 13.41
C HIS A 1126 15.54 -27.00 11.93
N PRO A 1127 15.14 -25.82 11.44
CA PRO A 1127 14.78 -25.70 10.01
C PRO A 1127 15.89 -26.06 9.05
N ASN A 1128 17.16 -26.03 9.47
CA ASN A 1128 18.27 -26.36 8.60
C ASN A 1128 18.55 -27.85 8.53
N VAL A 1129 17.58 -28.69 8.89
CA VAL A 1129 17.75 -30.13 8.88
C VAL A 1129 17.09 -30.78 7.67
N ARG A 1130 16.47 -29.98 6.80
CA ARG A 1130 15.73 -30.54 5.69
C ARG A 1130 16.65 -31.34 4.77
N PRO A 1131 16.20 -32.50 4.28
CA PRO A 1131 17.07 -33.30 3.39
C PRO A 1131 17.53 -32.54 2.16
N VAL A 1132 16.69 -31.67 1.61
CA VAL A 1132 17.04 -30.84 0.48
C VAL A 1132 17.29 -29.43 1.00
N PRO A 1133 18.53 -28.96 1.05
CA PRO A 1133 18.80 -27.63 1.61
C PRO A 1133 18.06 -26.54 0.85
N LEU A 1134 17.58 -25.55 1.60
CA LEU A 1134 16.78 -24.47 1.04
C LEU A 1134 17.63 -23.21 0.91
N GLU A 1135 17.63 -22.63 -0.28
CA GLU A 1135 18.32 -21.37 -0.55
C GLU A 1135 17.26 -20.30 -0.71
N LEU A 1136 17.11 -19.45 0.30
CA LEU A 1136 16.02 -18.49 0.38
C LEU A 1136 16.55 -17.09 0.10
N HIS A 1137 15.88 -16.38 -0.80
CA HIS A 1137 16.20 -15.01 -1.15
C HIS A 1137 14.97 -14.15 -0.97
N ILE A 1138 15.16 -12.95 -0.42
CA ILE A 1138 14.07 -12.02 -0.16
C ILE A 1138 14.37 -10.71 -0.88
N GLN A 1139 13.39 -10.21 -1.63
CA GLN A 1139 13.51 -8.96 -2.35
C GLN A 1139 12.45 -8.00 -1.86
N GLY A 1140 12.85 -6.76 -1.61
CA GLY A 1140 11.96 -5.73 -1.12
C GLY A 1140 11.69 -4.69 -2.19
N PHE A 1141 10.40 -4.37 -2.37
CA PHE A 1141 9.97 -3.33 -3.29
C PHE A 1141 9.31 -2.22 -2.49
N ASN A 1142 9.95 -1.06 -2.45
CA ASN A 1142 9.50 0.05 -1.62
C ASN A 1142 8.41 0.85 -2.34
N ILE A 1143 7.30 0.16 -2.63
CA ILE A 1143 6.15 0.75 -3.29
C ILE A 1143 4.93 0.50 -2.43
N SER A 1144 4.27 1.57 -1.99
CA SER A 1144 3.12 1.42 -1.11
C SER A 1144 1.92 0.86 -1.87
N HIS A 1145 1.64 1.39 -3.06
CA HIS A 1145 0.47 0.96 -3.82
C HIS A 1145 0.64 -0.49 -4.24
N THR A 1146 -0.44 -1.28 -4.07
CA THR A 1146 -0.34 -2.71 -4.34
C THR A 1146 -0.28 -3.00 -5.83
N GLN A 1147 -1.12 -2.34 -6.62
CA GLN A 1147 -1.13 -2.58 -8.06
C GLN A 1147 0.20 -2.19 -8.69
N THR A 1148 0.73 -1.03 -8.29
CA THR A 1148 2.05 -0.62 -8.78
C THR A 1148 3.13 -1.59 -8.35
N ARG A 1149 3.02 -2.11 -7.12
CA ARG A 1149 3.99 -3.09 -6.64
C ARG A 1149 3.95 -4.36 -7.50
N LEU A 1150 2.76 -4.85 -7.81
CA LEU A 1150 2.65 -6.04 -8.65
C LEU A 1150 3.19 -5.79 -10.05
N LEU A 1151 2.87 -4.63 -10.62
CA LEU A 1151 3.37 -4.30 -11.95
C LEU A 1151 4.89 -4.23 -11.96
N SER A 1152 5.48 -3.67 -10.89
CA SER A 1152 6.93 -3.62 -10.80
C SER A 1152 7.52 -5.01 -10.58
N MET A 1153 6.77 -5.90 -9.91
CA MET A 1153 7.26 -7.25 -9.66
C MET A 1153 7.17 -8.12 -10.90
N ALA A 1154 6.35 -7.72 -11.87
CA ALA A 1154 6.08 -8.56 -13.04
C ALA A 1154 7.34 -9.08 -13.73
N LYS A 1155 8.29 -8.20 -14.03
CA LYS A 1155 9.50 -8.61 -14.76
C LYS A 1155 10.52 -9.31 -13.86
N PRO A 1156 10.75 -8.86 -12.62
CA PRO A 1156 11.68 -9.59 -11.75
C PRO A 1156 11.31 -11.06 -11.57
N VAL A 1157 10.04 -11.42 -11.73
CA VAL A 1157 9.67 -12.83 -11.71
C VAL A 1157 10.40 -13.59 -12.82
N TYR A 1158 10.34 -13.07 -14.04
CA TYR A 1158 11.02 -13.72 -15.16
C TYR A 1158 12.53 -13.67 -14.97
N HIS A 1159 13.05 -12.56 -14.45
CA HIS A 1159 14.48 -12.48 -14.22
C HIS A 1159 14.96 -13.52 -13.23
N ALA A 1160 14.22 -13.71 -12.13
CA ALA A 1160 14.56 -14.73 -11.16
C ALA A 1160 14.43 -16.13 -11.75
N ILE A 1161 13.41 -16.35 -12.58
CA ILE A 1161 13.27 -17.63 -13.25
C ILE A 1161 14.49 -17.94 -14.09
N THR A 1162 14.96 -16.96 -14.86
CA THR A 1162 16.15 -17.17 -15.69
C THR A 1162 17.39 -17.37 -14.83
N LYS A 1163 17.51 -16.61 -13.74
CA LYS A 1163 18.73 -16.63 -12.95
C LYS A 1163 18.88 -17.93 -12.16
N HIS A 1164 17.84 -18.31 -11.41
CA HIS A 1164 17.99 -19.40 -10.45
C HIS A 1164 17.75 -20.76 -11.11
N SER A 1165 16.59 -20.94 -11.74
CA SER A 1165 16.20 -22.22 -12.33
C SER A 1165 15.83 -22.00 -13.79
N PRO A 1166 16.82 -22.02 -14.69
CA PRO A 1166 16.49 -21.82 -16.11
C PRO A 1166 15.85 -23.03 -16.76
N LYS A 1167 16.25 -24.24 -16.35
CA LYS A 1167 15.79 -25.47 -16.99
C LYS A 1167 15.03 -26.40 -16.05
N LYS A 1168 14.54 -25.88 -14.92
CA LYS A 1168 13.90 -26.73 -13.94
C LYS A 1168 12.54 -26.16 -13.54
N PRO A 1169 11.63 -27.01 -13.07
CA PRO A 1169 10.25 -26.56 -12.83
C PRO A 1169 10.17 -25.42 -11.84
N VAL A 1170 9.21 -24.51 -12.06
CA VAL A 1170 9.03 -23.32 -11.26
C VAL A 1170 7.56 -23.21 -10.88
N ILE A 1171 7.29 -22.73 -9.67
CA ILE A 1171 5.93 -22.44 -9.21
C ILE A 1171 5.91 -21.00 -8.72
N VAL A 1172 4.91 -20.24 -9.17
CA VAL A 1172 4.75 -18.84 -8.80
C VAL A 1172 3.43 -18.69 -8.06
N PHE A 1173 3.47 -18.09 -6.88
CA PHE A 1173 2.30 -17.89 -6.05
C PHE A 1173 1.88 -16.43 -6.13
N VAL A 1174 0.63 -16.18 -6.48
CA VAL A 1174 0.09 -14.84 -6.64
C VAL A 1174 -1.09 -14.66 -5.71
N PRO A 1175 -1.46 -13.43 -5.33
CA PRO A 1175 -2.54 -13.26 -4.34
C PRO A 1175 -3.91 -13.69 -4.82
N SER A 1176 -4.33 -13.29 -6.03
CA SER A 1176 -5.73 -13.42 -6.44
C SER A 1176 -5.83 -14.31 -7.67
N ARG A 1177 -7.07 -14.64 -8.03
CA ARG A 1177 -7.32 -15.47 -9.21
C ARG A 1177 -7.00 -14.71 -10.48
N LYS A 1178 -7.43 -13.45 -10.59
CA LYS A 1178 -7.15 -12.67 -11.79
C LYS A 1178 -5.65 -12.45 -11.98
N GLN A 1179 -4.94 -12.19 -10.88
CA GLN A 1179 -3.51 -11.98 -10.95
C GLN A 1179 -2.80 -13.21 -11.49
N THR A 1180 -3.39 -14.40 -11.29
CA THR A 1180 -2.79 -15.62 -11.83
C THR A 1180 -2.69 -15.56 -13.34
N ARG A 1181 -3.81 -15.30 -14.00
CA ARG A 1181 -3.82 -15.20 -15.45
C ARG A 1181 -2.98 -14.02 -15.92
N LEU A 1182 -3.06 -12.89 -15.22
CA LEU A 1182 -2.28 -11.72 -15.61
C LEU A 1182 -0.79 -12.02 -15.57
N THR A 1183 -0.34 -12.70 -14.52
CA THR A 1183 1.08 -13.01 -14.38
C THR A 1183 1.51 -14.04 -15.41
N ALA A 1184 0.66 -15.02 -15.71
CA ALA A 1184 1.00 -15.98 -16.75
C ALA A 1184 1.19 -15.29 -18.09
N ILE A 1185 0.27 -14.38 -18.43
CA ILE A 1185 0.38 -13.66 -19.70
C ILE A 1185 1.62 -12.76 -19.69
N ASP A 1186 1.91 -12.11 -18.57
CA ASP A 1186 3.08 -11.25 -18.49
C ASP A 1186 4.37 -12.04 -18.66
N ILE A 1187 4.44 -13.22 -18.04
CA ILE A 1187 5.62 -14.07 -18.20
C ILE A 1187 5.78 -14.49 -19.65
N LEU A 1188 4.68 -14.87 -20.30
CA LEU A 1188 4.76 -15.26 -21.71
C LEU A 1188 5.22 -14.10 -22.57
N THR A 1189 4.69 -12.90 -22.34
CA THR A 1189 5.09 -11.75 -23.14
C THR A 1189 6.56 -11.41 -22.92
N THR A 1190 7.01 -11.49 -21.67
CA THR A 1190 8.41 -11.18 -21.37
C THR A 1190 9.35 -12.19 -22.02
N CYS A 1191 9.00 -13.48 -21.96
CA CYS A 1191 9.85 -14.50 -22.56
C CYS A 1191 9.84 -14.38 -24.08
N ALA A 1192 8.69 -14.03 -24.67
CA ALA A 1192 8.62 -13.88 -26.12
C ALA A 1192 9.35 -12.63 -26.58
N ALA A 1193 9.41 -11.59 -25.74
CA ALA A 1193 10.17 -10.40 -26.06
C ALA A 1193 11.65 -10.73 -26.24
N ASP A 1194 12.19 -11.55 -25.35
CA ASP A 1194 13.52 -12.10 -25.56
C ASP A 1194 13.47 -13.10 -26.70
N ILE A 1195 14.63 -13.34 -27.32
CA ILE A 1195 14.71 -14.22 -28.47
C ILE A 1195 14.34 -15.66 -28.12
N GLN A 1196 14.28 -15.99 -26.82
CA GLN A 1196 13.97 -17.34 -26.41
C GLN A 1196 12.59 -17.78 -26.91
N ARG A 1197 11.57 -16.95 -26.71
CA ARG A 1197 10.19 -17.24 -27.10
C ARG A 1197 9.79 -18.54 -26.41
N GLN A 1198 9.51 -19.63 -27.15
CA GLN A 1198 9.01 -20.86 -26.57
C GLN A 1198 10.17 -21.64 -25.94
N ARG A 1199 10.51 -21.23 -24.71
CA ARG A 1199 11.57 -21.85 -23.94
C ARG A 1199 11.05 -22.64 -22.76
N PHE A 1200 9.82 -22.40 -22.32
CA PHE A 1200 9.24 -23.07 -21.16
C PHE A 1200 8.47 -24.33 -21.55
N LEU A 1201 8.44 -24.67 -22.83
CA LEU A 1201 7.77 -25.87 -23.31
C LEU A 1201 8.84 -26.85 -23.76
N HIS A 1202 8.87 -28.02 -23.12
CA HIS A 1202 9.89 -29.02 -23.41
C HIS A 1202 9.40 -30.17 -24.28
N CYS A 1203 8.10 -30.27 -24.50
CA CYS A 1203 7.54 -31.30 -25.38
C CYS A 1203 6.98 -30.65 -26.64
N THR A 1204 6.76 -31.49 -27.65
CA THR A 1204 6.20 -31.00 -28.90
C THR A 1204 4.74 -30.63 -28.72
N GLU A 1205 4.29 -29.65 -29.50
CA GLU A 1205 2.89 -29.25 -29.46
C GLU A 1205 1.98 -30.36 -29.97
N LYS A 1206 2.50 -31.20 -30.86
CA LYS A 1206 1.75 -32.37 -31.32
C LYS A 1206 1.48 -33.31 -30.16
N ASP A 1207 2.37 -33.33 -29.17
CA ASP A 1207 2.10 -34.09 -27.96
C ASP A 1207 1.09 -33.38 -27.07
N LEU A 1208 1.06 -32.05 -27.12
CA LEU A 1208 0.20 -31.25 -26.26
C LEU A 1208 -1.26 -31.23 -26.70
N ILE A 1209 -1.53 -31.32 -28.01
CA ILE A 1209 -2.91 -31.14 -28.48
C ILE A 1209 -3.90 -32.11 -27.83
N PRO A 1210 -3.58 -33.40 -27.64
CA PRO A 1210 -4.56 -34.27 -26.96
C PRO A 1210 -4.94 -33.77 -25.58
N TYR A 1211 -3.99 -33.22 -24.82
CA TYR A 1211 -4.32 -32.67 -23.51
C TYR A 1211 -5.13 -31.38 -23.64
N LEU A 1212 -4.76 -30.51 -24.58
CA LEU A 1212 -5.47 -29.24 -24.73
C LEU A 1212 -6.90 -29.45 -25.18
N GLU A 1213 -7.18 -30.57 -25.86
CA GLU A 1213 -8.53 -30.85 -26.33
C GLU A 1213 -9.51 -30.95 -25.16
N LYS A 1214 -9.08 -31.60 -24.08
CA LYS A 1214 -9.97 -31.78 -22.93
C LYS A 1214 -10.19 -30.50 -22.15
N LEU A 1215 -9.37 -29.47 -22.39
CA LEU A 1215 -9.50 -28.21 -21.68
C LEU A 1215 -10.55 -27.33 -22.32
N SER A 1216 -11.12 -26.42 -21.52
CA SER A 1216 -12.15 -25.50 -21.99
C SER A 1216 -11.72 -24.04 -22.01
N ASP A 1217 -10.90 -23.60 -21.05
CA ASP A 1217 -10.50 -22.21 -20.98
C ASP A 1217 -9.58 -21.88 -22.14
N SER A 1218 -9.90 -20.82 -22.88
CA SER A 1218 -9.09 -20.45 -24.04
C SER A 1218 -7.73 -19.91 -23.62
N THR A 1219 -7.70 -19.00 -22.64
CA THR A 1219 -6.44 -18.40 -22.21
C THR A 1219 -5.49 -19.44 -21.64
N LEU A 1220 -6.03 -20.37 -20.85
CA LEU A 1220 -5.20 -21.44 -20.30
C LEU A 1220 -4.60 -22.30 -21.40
N LYS A 1221 -5.40 -22.63 -22.42
CA LYS A 1221 -4.89 -23.41 -23.53
C LYS A 1221 -3.81 -22.66 -24.30
N GLU A 1222 -4.03 -21.37 -24.55
CA GLU A 1222 -3.04 -20.57 -25.25
C GLU A 1222 -1.72 -20.50 -24.47
N THR A 1223 -1.81 -20.30 -23.15
CA THR A 1223 -0.59 -20.24 -22.35
C THR A 1223 0.11 -21.59 -22.31
N LEU A 1224 -0.65 -22.68 -22.15
CA LEU A 1224 -0.05 -24.00 -22.12
C LEU A 1224 0.64 -24.32 -23.45
N LEU A 1225 0.10 -23.81 -24.54
CA LEU A 1225 0.75 -24.00 -25.83
C LEU A 1225 2.14 -23.36 -25.87
N ASN A 1226 2.41 -22.38 -25.02
CA ASN A 1226 3.71 -21.73 -24.95
C ASN A 1226 4.54 -22.19 -23.76
N GLY A 1227 4.06 -23.16 -22.99
CA GLY A 1227 4.86 -23.75 -21.93
C GLY A 1227 4.62 -23.23 -20.53
N VAL A 1228 3.61 -22.38 -20.32
CA VAL A 1228 3.30 -21.84 -19.01
C VAL A 1228 1.84 -22.14 -18.70
N GLY A 1229 1.58 -22.76 -17.56
CA GLY A 1229 0.22 -23.00 -17.13
C GLY A 1229 -0.14 -22.14 -15.94
N TYR A 1230 -1.40 -22.17 -15.50
CA TYR A 1230 -1.80 -21.47 -14.30
C TYR A 1230 -2.97 -22.20 -13.64
N LEU A 1231 -3.13 -21.97 -12.34
CA LEU A 1231 -4.13 -22.66 -11.53
C LEU A 1231 -4.87 -21.68 -10.64
N HIS A 1232 -6.16 -21.92 -10.46
CA HIS A 1232 -6.98 -21.18 -9.52
C HIS A 1232 -8.27 -21.95 -9.29
N GLU A 1233 -9.08 -21.46 -8.35
CA GLU A 1233 -10.29 -22.18 -7.98
C GLU A 1233 -11.30 -22.20 -9.13
N GLY A 1234 -11.23 -21.21 -10.02
CA GLY A 1234 -12.15 -21.17 -11.14
C GLY A 1234 -12.02 -22.37 -12.06
N LEU A 1235 -10.80 -22.89 -12.18
CA LEU A 1235 -10.58 -24.06 -13.02
C LEU A 1235 -11.29 -25.27 -12.45
N SER A 1236 -11.81 -26.11 -13.34
CA SER A 1236 -12.46 -27.35 -12.92
C SER A 1236 -11.43 -28.29 -12.31
N PRO A 1237 -11.84 -29.15 -11.37
CA PRO A 1237 -10.89 -30.11 -10.79
C PRO A 1237 -10.21 -30.98 -11.82
N MET A 1238 -10.93 -31.36 -12.88
CA MET A 1238 -10.30 -32.10 -13.98
C MET A 1238 -9.22 -31.25 -14.64
N GLU A 1239 -9.51 -29.97 -14.86
CA GLU A 1239 -8.53 -29.08 -15.47
C GLU A 1239 -7.30 -28.93 -14.59
N ARG A 1240 -7.49 -28.75 -13.28
CA ARG A 1240 -6.36 -28.63 -12.38
C ARG A 1240 -5.54 -29.90 -12.34
N ARG A 1241 -6.20 -31.06 -12.32
CA ARG A 1241 -5.47 -32.32 -12.35
C ARG A 1241 -4.68 -32.48 -13.64
N LEU A 1242 -5.27 -32.05 -14.77
CA LEU A 1242 -4.56 -32.14 -16.05
C LEU A 1242 -3.34 -31.23 -16.05
N VAL A 1243 -3.47 -30.00 -15.54
CA VAL A 1243 -2.35 -29.08 -15.51
C VAL A 1243 -1.24 -29.62 -14.60
N GLU A 1244 -1.63 -30.16 -13.44
CA GLU A 1244 -0.64 -30.73 -12.54
C GLU A 1244 0.06 -31.93 -13.18
N GLN A 1245 -0.69 -32.74 -13.92
CA GLN A 1245 -0.09 -33.87 -14.62
C GLN A 1245 0.93 -33.40 -15.65
N LEU A 1246 0.58 -32.36 -16.41
CA LEU A 1246 1.51 -31.80 -17.38
C LEU A 1246 2.77 -31.27 -16.69
N PHE A 1247 2.59 -30.57 -15.57
CA PHE A 1247 3.74 -30.01 -14.86
C PHE A 1247 4.64 -31.10 -14.30
N SER A 1248 4.04 -32.13 -13.71
CA SER A 1248 4.83 -33.23 -13.15
C SER A 1248 5.57 -34.00 -14.24
N SER A 1249 4.90 -34.24 -15.37
CA SER A 1249 5.53 -34.97 -16.46
C SER A 1249 6.72 -34.22 -17.03
N GLY A 1250 6.75 -32.90 -16.85
CA GLY A 1250 7.82 -32.08 -17.36
C GLY A 1250 7.53 -31.38 -18.68
N ALA A 1251 6.29 -31.45 -19.17
CA ALA A 1251 5.96 -30.80 -20.42
C ALA A 1251 6.09 -29.28 -20.31
N ILE A 1252 5.60 -28.70 -19.22
CA ILE A 1252 5.65 -27.27 -19.00
C ILE A 1252 6.58 -27.02 -17.82
N GLN A 1253 7.27 -25.88 -17.85
CA GLN A 1253 8.27 -25.61 -16.81
C GLN A 1253 7.70 -24.71 -15.71
N VAL A 1254 6.72 -23.87 -16.02
CA VAL A 1254 6.23 -22.88 -15.07
C VAL A 1254 4.72 -23.01 -14.93
N VAL A 1255 4.26 -22.95 -13.68
CA VAL A 1255 2.84 -22.84 -13.37
C VAL A 1255 2.67 -21.69 -12.38
N VAL A 1256 1.57 -20.95 -12.53
CA VAL A 1256 1.24 -19.85 -11.65
C VAL A 1256 -0.01 -20.25 -10.86
N ALA A 1257 0.08 -20.20 -9.53
CA ALA A 1257 -1.00 -20.62 -8.67
C ALA A 1257 -1.39 -19.50 -7.72
N SER A 1258 -2.68 -19.42 -7.41
CA SER A 1258 -3.14 -18.49 -6.40
C SER A 1258 -2.70 -18.96 -5.02
N ARG A 1259 -2.70 -18.04 -4.06
CA ARG A 1259 -2.23 -18.37 -2.72
C ARG A 1259 -3.13 -19.41 -2.05
N SER A 1260 -4.42 -19.42 -2.43
CA SER A 1260 -5.36 -20.33 -1.76
C SER A 1260 -5.12 -21.78 -2.17
N LEU A 1261 -4.30 -22.00 -3.19
CA LEU A 1261 -4.00 -23.35 -3.65
C LEU A 1261 -2.69 -23.89 -3.10
N CYS A 1262 -2.07 -23.22 -2.13
CA CYS A 1262 -0.81 -23.69 -1.60
C CYS A 1262 -0.96 -25.05 -0.94
N TRP A 1263 -2.05 -25.25 -0.20
CA TRP A 1263 -2.30 -26.55 0.43
C TRP A 1263 -2.77 -27.57 -0.61
N GLY A 1264 -3.60 -27.14 -1.57
CA GLY A 1264 -4.25 -28.08 -2.45
C GLY A 1264 -3.29 -28.78 -3.40
N MET A 1265 -2.30 -28.07 -3.90
CA MET A 1265 -1.44 -28.61 -4.95
C MET A 1265 -0.66 -29.82 -4.44
N ASN A 1266 -0.49 -30.80 -5.33
CA ASN A 1266 0.23 -32.03 -5.05
C ASN A 1266 1.42 -32.19 -5.98
N VAL A 1267 2.17 -31.11 -6.18
CA VAL A 1267 3.33 -31.11 -7.07
C VAL A 1267 4.46 -30.36 -6.39
N ALA A 1268 5.69 -30.68 -6.78
CA ALA A 1268 6.89 -30.09 -6.21
C ALA A 1268 7.73 -29.46 -7.33
N ALA A 1269 8.36 -28.34 -7.03
CA ALA A 1269 9.15 -27.60 -8.00
C ALA A 1269 10.53 -27.30 -7.46
N HIS A 1270 11.46 -27.02 -8.37
CA HIS A 1270 12.82 -26.66 -7.97
C HIS A 1270 12.88 -25.24 -7.45
N LEU A 1271 12.08 -24.34 -8.01
CA LEU A 1271 12.04 -22.93 -7.61
C LEU A 1271 10.61 -22.54 -7.30
N VAL A 1272 10.44 -21.76 -6.23
CA VAL A 1272 9.14 -21.24 -5.82
C VAL A 1272 9.26 -19.74 -5.65
N ILE A 1273 8.39 -18.98 -6.31
CA ILE A 1273 8.41 -17.53 -6.27
C ILE A 1273 7.11 -17.05 -5.65
N ILE A 1274 7.21 -16.31 -4.56
CA ILE A 1274 6.05 -15.76 -3.88
C ILE A 1274 5.95 -14.27 -4.17
N MET A 1275 4.77 -13.81 -4.56
CA MET A 1275 4.57 -12.45 -5.00
C MET A 1275 3.75 -11.65 -4.00
N ASP A 1276 4.36 -10.62 -3.43
CA ASP A 1276 3.71 -9.53 -2.72
C ASP A 1276 3.19 -9.91 -1.35
N THR A 1277 3.15 -11.21 -1.04
CA THR A 1277 2.85 -11.74 0.30
C THR A 1277 1.70 -11.00 0.99
N GLN A 1278 0.73 -10.54 0.20
CA GLN A 1278 -0.40 -9.78 0.75
C GLN A 1278 -1.64 -10.06 -0.10
N TYR A 1279 -2.80 -9.72 0.45
CA TYR A 1279 -4.06 -9.85 -0.27
C TYR A 1279 -5.05 -8.83 0.25
N TYR A 1280 -5.90 -8.34 -0.64
CA TYR A 1280 -6.89 -7.34 -0.25
C TYR A 1280 -7.96 -7.96 0.65
N ASN A 1281 -8.44 -7.17 1.60
CA ASN A 1281 -9.50 -7.59 2.52
C ASN A 1281 -10.62 -6.57 2.42
N GLY A 1282 -11.75 -6.99 1.85
CA GLY A 1282 -12.85 -6.06 1.62
C GLY A 1282 -13.49 -5.57 2.90
N LYS A 1283 -13.61 -6.46 3.90
CA LYS A 1283 -14.31 -6.10 5.13
C LYS A 1283 -13.62 -4.94 5.84
N ILE A 1284 -12.27 -4.98 5.92
CA ILE A 1284 -11.53 -3.91 6.54
C ILE A 1284 -10.96 -2.93 5.52
N HIS A 1285 -11.31 -3.08 4.24
CA HIS A 1285 -10.87 -2.20 3.16
C HIS A 1285 -9.39 -1.88 3.25
N ALA A 1286 -8.57 -2.92 3.41
CA ALA A 1286 -7.14 -2.77 3.52
C ALA A 1286 -6.46 -4.06 3.05
N TYR A 1287 -5.14 -4.06 3.07
CA TYR A 1287 -4.34 -5.20 2.67
C TYR A 1287 -3.73 -5.84 3.91
N VAL A 1288 -3.91 -7.15 4.05
CA VAL A 1288 -3.38 -7.92 5.17
C VAL A 1288 -2.43 -8.97 4.63
N ASP A 1289 -1.24 -9.06 5.22
CA ASP A 1289 -0.21 -9.96 4.71
C ASP A 1289 -0.59 -11.42 4.97
N TYR A 1290 0.13 -12.31 4.30
CA TYR A 1290 -0.14 -13.73 4.43
C TYR A 1290 0.17 -14.20 5.85
N PRO A 1291 -0.56 -15.18 6.37
CA PRO A 1291 -0.12 -15.86 7.59
C PRO A 1291 1.21 -16.56 7.34
N ILE A 1292 2.04 -16.59 8.39
CA ILE A 1292 3.37 -17.18 8.24
C ILE A 1292 3.26 -18.66 7.91
N TYR A 1293 2.18 -19.31 8.34
CA TYR A 1293 1.99 -20.72 8.04
C TYR A 1293 1.81 -20.94 6.54
N ASP A 1294 1.06 -20.06 5.88
CA ASP A 1294 0.90 -20.17 4.43
C ASP A 1294 2.23 -19.97 3.71
N VAL A 1295 3.05 -19.03 4.17
CA VAL A 1295 4.35 -18.81 3.56
C VAL A 1295 5.23 -20.04 3.73
N LEU A 1296 5.20 -20.63 4.92
CA LEU A 1296 5.97 -21.86 5.14
C LEU A 1296 5.49 -22.98 4.24
N GLN A 1297 4.18 -23.11 4.08
CA GLN A 1297 3.64 -24.15 3.20
C GLN A 1297 4.07 -23.92 1.76
N MET A 1298 4.05 -22.67 1.30
CA MET A 1298 4.50 -22.35 -0.05
C MET A 1298 5.96 -22.71 -0.23
N VAL A 1299 6.79 -22.36 0.76
CA VAL A 1299 8.21 -22.69 0.69
C VAL A 1299 8.43 -24.19 0.67
N GLY A 1300 7.60 -24.95 1.38
CA GLY A 1300 7.79 -26.39 1.43
C GLY A 1300 7.66 -27.06 0.09
N HIS A 1301 6.99 -26.41 -0.86
CA HIS A 1301 6.87 -26.97 -2.21
C HIS A 1301 8.21 -27.00 -2.93
N ALA A 1302 9.14 -26.12 -2.54
CA ALA A 1302 10.42 -25.98 -3.24
C ALA A 1302 11.40 -27.05 -2.75
N ASN A 1303 11.09 -28.30 -3.10
CA ASN A 1303 12.01 -29.40 -2.82
C ASN A 1303 11.62 -30.60 -3.68
N ARG A 1304 12.61 -31.19 -4.33
CA ARG A 1304 12.46 -32.45 -5.05
C ARG A 1304 13.60 -33.35 -4.63
N PRO A 1305 13.39 -34.22 -3.63
CA PRO A 1305 14.53 -34.97 -3.06
C PRO A 1305 15.24 -35.86 -4.07
N LEU A 1306 14.52 -36.41 -5.05
CA LEU A 1306 15.13 -37.38 -5.94
C LEU A 1306 16.07 -36.73 -6.94
N GLN A 1307 15.69 -35.57 -7.48
CA GLN A 1307 16.37 -35.01 -8.64
C GLN A 1307 16.94 -33.61 -8.43
N ASP A 1308 16.88 -33.05 -7.22
CA ASP A 1308 17.41 -31.73 -6.94
C ASP A 1308 18.38 -31.80 -5.79
N ASP A 1309 19.56 -31.19 -5.96
CA ASP A 1309 20.51 -31.10 -4.86
C ASP A 1309 20.21 -29.93 -3.93
N GLU A 1310 19.33 -29.02 -4.33
CA GLU A 1310 18.95 -27.90 -3.48
C GLU A 1310 17.60 -27.39 -3.95
N GLY A 1311 16.97 -26.61 -3.08
CA GLY A 1311 15.71 -25.97 -3.42
C GLY A 1311 15.76 -24.48 -3.18
N ARG A 1312 15.40 -23.70 -4.19
CA ARG A 1312 15.52 -22.25 -4.12
C ARG A 1312 14.14 -21.61 -4.07
N CYS A 1313 14.02 -20.59 -3.23
CA CYS A 1313 12.77 -19.84 -3.08
C CYS A 1313 13.08 -18.36 -3.08
N VAL A 1314 12.33 -17.59 -3.87
CA VAL A 1314 12.48 -16.15 -3.97
C VAL A 1314 11.18 -15.52 -3.52
N ILE A 1315 11.27 -14.66 -2.50
CA ILE A 1315 10.10 -14.00 -1.94
C ILE A 1315 10.17 -12.53 -2.29
N MET A 1316 9.15 -12.05 -2.99
CA MET A 1316 9.05 -10.64 -3.36
C MET A 1316 7.95 -10.00 -2.52
N CYS A 1317 8.32 -8.98 -1.75
CA CYS A 1317 7.39 -8.38 -0.80
C CYS A 1317 7.75 -6.92 -0.62
N GLN A 1318 6.83 -6.18 0.00
CA GLN A 1318 7.08 -4.79 0.33
C GLN A 1318 8.28 -4.68 1.27
N GLY A 1319 9.05 -3.61 1.13
CA GLY A 1319 10.31 -3.46 1.83
C GLY A 1319 10.23 -3.62 3.33
N SER A 1320 9.15 -3.12 3.94
CA SER A 1320 9.00 -3.22 5.38
C SER A 1320 8.86 -4.67 5.83
N LYS A 1321 8.16 -5.48 5.04
CA LYS A 1321 7.86 -6.86 5.45
C LYS A 1321 9.12 -7.72 5.46
N LYS A 1322 10.21 -7.25 4.84
CA LYS A 1322 11.40 -8.05 4.63
C LYS A 1322 12.00 -8.57 5.93
N ASP A 1323 12.07 -7.70 6.95
CA ASP A 1323 12.68 -8.09 8.20
C ASP A 1323 11.92 -9.24 8.87
N PHE A 1324 10.60 -9.18 8.83
CA PHE A 1324 9.78 -10.22 9.46
C PHE A 1324 10.06 -11.59 8.84
N PHE A 1325 10.11 -11.64 7.49
CA PHE A 1325 10.42 -12.90 6.83
C PHE A 1325 11.85 -13.34 7.11
N LYS A 1326 12.78 -12.38 7.25
CA LYS A 1326 14.15 -12.75 7.59
C LYS A 1326 14.21 -13.42 8.95
N LYS A 1327 13.45 -12.89 9.92
CA LYS A 1327 13.48 -13.47 11.26
C LYS A 1327 12.79 -14.83 11.30
N PHE A 1328 11.59 -14.94 10.71
CA PHE A 1328 10.74 -16.08 11.02
C PHE A 1328 11.06 -17.31 10.16
N LEU A 1329 11.55 -17.10 8.94
CA LEU A 1329 11.70 -18.22 8.02
C LEU A 1329 12.90 -19.09 8.36
N TYR A 1330 13.99 -18.48 8.82
CA TYR A 1330 15.21 -19.22 9.10
C TYR A 1330 15.23 -19.87 10.48
N GLU A 1331 14.23 -19.63 11.31
CA GLU A 1331 14.24 -20.03 12.71
C GLU A 1331 12.99 -20.81 13.04
N PRO A 1332 13.03 -21.64 14.08
CA PRO A 1332 11.82 -22.38 14.49
C PRO A 1332 10.69 -21.43 14.85
N LEU A 1333 9.48 -21.84 14.52
CA LEU A 1333 8.30 -20.99 14.62
C LEU A 1333 7.72 -21.04 16.03
N PRO A 1334 7.50 -19.89 16.67
CA PRO A 1334 6.78 -19.86 17.95
C PRO A 1334 5.28 -19.78 17.73
N VAL A 1335 4.52 -20.65 18.39
CA VAL A 1335 3.07 -20.71 18.21
C VAL A 1335 2.39 -20.41 19.54
N GLU A 1336 1.42 -19.52 19.51
CA GLU A 1336 0.59 -19.19 20.66
C GLU A 1336 -0.84 -19.66 20.40
N SER A 1337 -1.68 -19.51 21.41
CA SER A 1337 -3.07 -19.96 21.33
C SER A 1337 -4.02 -18.77 21.31
N HIS A 1338 -5.14 -18.95 20.60
CA HIS A 1338 -6.19 -17.94 20.54
C HIS A 1338 -7.53 -18.49 21.03
N LEU A 1339 -7.50 -19.52 21.88
CA LEU A 1339 -8.74 -20.11 22.36
C LEU A 1339 -9.52 -19.14 23.25
N ASP A 1340 -8.82 -18.20 23.90
CA ASP A 1340 -9.48 -17.26 24.80
C ASP A 1340 -10.49 -16.41 24.06
N HIS A 1341 -10.22 -16.09 22.79
CA HIS A 1341 -11.16 -15.28 22.02
C HIS A 1341 -12.38 -16.07 21.57
N CYS A 1342 -12.20 -17.36 21.26
CA CYS A 1342 -13.27 -18.22 20.78
C CYS A 1342 -13.75 -19.20 21.86
N MET A 1343 -13.84 -18.75 23.10
CA MET A 1343 -14.13 -19.67 24.20
C MET A 1343 -15.61 -20.01 24.29
N HIS A 1344 -16.48 -19.17 23.71
CA HIS A 1344 -17.90 -19.26 23.97
C HIS A 1344 -18.50 -20.56 23.43
N ASP A 1345 -18.21 -20.89 22.17
CA ASP A 1345 -18.84 -22.04 21.54
C ASP A 1345 -18.46 -23.34 22.24
N HIS A 1346 -17.18 -23.49 22.57
CA HIS A 1346 -16.72 -24.74 23.20
C HIS A 1346 -17.24 -24.86 24.62
N PHE A 1347 -17.30 -23.74 25.36
CA PHE A 1347 -17.91 -23.77 26.68
C PHE A 1347 -19.38 -24.17 26.58
N ASN A 1348 -20.10 -23.62 25.61
CA ASN A 1348 -21.51 -23.99 25.44
C ASN A 1348 -21.66 -25.47 25.12
N ALA A 1349 -20.81 -25.99 24.24
CA ALA A 1349 -20.89 -27.41 23.90
C ALA A 1349 -20.61 -28.28 25.12
N GLU A 1350 -19.60 -27.92 25.91
CA GLU A 1350 -19.27 -28.68 27.11
C GLU A 1350 -20.41 -28.62 28.13
N ILE A 1351 -21.04 -27.45 28.27
CA ILE A 1351 -22.16 -27.33 29.19
C ILE A 1351 -23.32 -28.21 28.74
N VAL A 1352 -23.60 -28.20 27.44
CA VAL A 1352 -24.68 -29.05 26.92
C VAL A 1352 -24.37 -30.52 27.16
N THR A 1353 -23.13 -30.93 26.91
CA THR A 1353 -22.74 -32.33 27.09
C THR A 1353 -22.58 -32.73 28.55
N LYS A 1354 -22.92 -31.84 29.48
CA LYS A 1354 -22.84 -32.08 30.92
C LYS A 1354 -21.40 -32.30 31.40
N THR A 1355 -20.41 -31.91 30.61
CA THR A 1355 -19.04 -31.98 31.08
C THR A 1355 -18.76 -30.86 32.08
N ILE A 1356 -19.25 -29.66 31.81
CA ILE A 1356 -19.13 -28.53 32.73
C ILE A 1356 -20.48 -28.39 33.42
N GLU A 1357 -20.56 -28.85 34.67
CA GLU A 1357 -21.80 -28.76 35.43
C GLU A 1357 -21.82 -27.60 36.41
N ASN A 1358 -20.68 -26.98 36.68
CA ASN A 1358 -20.63 -25.81 37.55
C ASN A 1358 -19.45 -24.94 37.13
N LYS A 1359 -19.39 -23.75 37.72
CA LYS A 1359 -18.43 -22.75 37.25
C LYS A 1359 -17.00 -23.17 37.52
N GLN A 1360 -16.79 -23.99 38.56
CA GLN A 1360 -15.44 -24.48 38.85
C GLN A 1360 -15.01 -25.54 37.85
N ASP A 1361 -15.97 -26.32 37.34
CA ASP A 1361 -15.64 -27.31 36.32
C ASP A 1361 -15.12 -26.66 35.05
N ALA A 1362 -15.57 -25.44 34.75
CA ALA A 1362 -15.04 -24.76 33.57
C ALA A 1362 -13.59 -24.33 33.78
N VAL A 1363 -13.25 -23.87 34.98
CA VAL A 1363 -11.86 -23.50 35.24
C VAL A 1363 -10.98 -24.75 35.29
N ASP A 1364 -11.57 -25.90 35.64
CA ASP A 1364 -10.83 -27.15 35.51
C ASP A 1364 -10.62 -27.52 34.05
N TYR A 1365 -11.66 -27.34 33.23
CA TYR A 1365 -11.56 -27.64 31.81
C TYR A 1365 -10.51 -26.77 31.13
N LEU A 1366 -10.36 -25.53 31.58
CA LEU A 1366 -9.37 -24.64 30.98
C LEU A 1366 -7.94 -25.13 31.22
N THR A 1367 -7.73 -25.96 32.24
CA THR A 1367 -6.37 -26.38 32.57
C THR A 1367 -5.82 -27.35 31.54
N TRP A 1368 -6.70 -28.10 30.87
CA TRP A 1368 -6.25 -29.10 29.91
C TRP A 1368 -5.75 -28.46 28.63
N THR A 1369 -6.08 -27.19 28.40
CA THR A 1369 -5.84 -26.57 27.11
C THR A 1369 -4.39 -26.12 26.97
N PHE A 1370 -4.00 -25.88 25.71
CA PHE A 1370 -2.67 -25.35 25.42
C PHE A 1370 -2.55 -23.90 25.86
N LEU A 1371 -3.69 -23.20 25.92
CA LEU A 1371 -3.70 -21.83 26.39
C LEU A 1371 -3.18 -21.73 27.82
N TYR A 1372 -3.59 -22.67 28.66
CA TYR A 1372 -3.12 -22.68 30.05
C TYR A 1372 -1.61 -22.90 30.10
N ARG A 1373 -1.07 -23.75 29.24
CA ARG A 1373 0.37 -23.95 29.19
C ARG A 1373 1.08 -22.67 28.77
N ARG A 1374 0.54 -21.97 27.76
CA ARG A 1374 1.22 -20.80 27.24
C ARG A 1374 1.10 -19.59 28.15
N MET A 1375 0.05 -19.52 28.98
CA MET A 1375 -0.11 -18.38 29.85
C MET A 1375 1.08 -18.21 30.79
N THR A 1376 1.61 -19.32 31.30
CA THR A 1376 2.77 -19.24 32.20
C THR A 1376 4.02 -18.78 31.44
N GLN A 1377 4.23 -19.31 30.24
CA GLN A 1377 5.48 -19.03 29.53
C GLN A 1377 5.51 -17.60 28.99
N ASN A 1378 4.42 -17.15 28.39
CA ASN A 1378 4.35 -15.84 27.75
C ASN A 1378 3.11 -15.10 28.22
N PRO A 1379 3.14 -14.56 29.44
CA PRO A 1379 1.92 -13.97 30.00
C PRO A 1379 1.46 -12.71 29.29
N ASN A 1380 2.39 -11.85 28.88
CA ASN A 1380 1.99 -10.56 28.31
C ASN A 1380 1.24 -10.74 26.99
N TYR A 1381 1.48 -11.84 26.29
CA TYR A 1381 0.75 -12.10 25.06
C TYR A 1381 -0.74 -12.27 25.33
N TYR A 1382 -1.10 -12.79 26.50
CA TYR A 1382 -2.49 -13.05 26.86
C TYR A 1382 -3.02 -12.03 27.86
N ASN A 1383 -2.45 -10.82 27.87
CA ASN A 1383 -2.90 -9.76 28.77
C ASN A 1383 -2.84 -10.20 30.24
N LEU A 1384 -1.76 -10.89 30.59
CA LEU A 1384 -1.54 -11.38 31.95
C LEU A 1384 -0.38 -10.62 32.56
N GLN A 1385 -0.54 -10.18 33.81
CA GLN A 1385 0.48 -9.38 34.46
C GLN A 1385 1.61 -10.24 35.00
N GLY A 1386 1.29 -11.17 35.90
CA GLY A 1386 2.27 -12.04 36.51
C GLY A 1386 2.06 -13.49 36.12
N ILE A 1387 2.96 -14.34 36.62
CA ILE A 1387 2.88 -15.77 36.38
C ILE A 1387 2.70 -16.50 37.71
N SER A 1388 2.40 -15.75 38.76
CA SER A 1388 2.17 -16.34 40.06
C SER A 1388 0.84 -17.11 40.06
N HIS A 1389 0.68 -17.99 41.04
CA HIS A 1389 -0.56 -18.74 41.16
C HIS A 1389 -1.75 -17.81 41.35
N ARG A 1390 -1.56 -16.72 42.11
CA ARG A 1390 -2.64 -15.75 42.28
C ARG A 1390 -3.02 -15.10 40.96
N HIS A 1391 -2.03 -14.66 40.19
CA HIS A 1391 -2.31 -14.03 38.90
C HIS A 1391 -3.04 -14.98 37.97
N LEU A 1392 -2.55 -16.22 37.86
CA LEU A 1392 -3.14 -17.18 36.94
C LEU A 1392 -4.56 -17.54 37.36
N SER A 1393 -4.77 -17.78 38.65
CA SER A 1393 -6.12 -18.12 39.12
C SER A 1393 -7.08 -16.95 38.90
N ASP A 1394 -6.64 -15.73 39.21
CA ASP A 1394 -7.50 -14.58 39.00
C ASP A 1394 -7.85 -14.39 37.54
N HIS A 1395 -6.86 -14.54 36.65
CA HIS A 1395 -7.12 -14.37 35.22
C HIS A 1395 -8.06 -15.45 34.70
N LEU A 1396 -7.84 -16.71 35.09
CA LEU A 1396 -8.72 -17.78 34.65
C LEU A 1396 -10.14 -17.58 35.15
N SER A 1397 -10.29 -17.18 36.42
CA SER A 1397 -11.61 -16.95 36.97
C SER A 1397 -12.32 -15.81 36.26
N GLU A 1398 -11.59 -14.72 35.98
CA GLU A 1398 -12.17 -13.61 35.25
C GLU A 1398 -12.60 -14.03 33.85
N LEU A 1399 -11.76 -14.82 33.17
CA LEU A 1399 -12.09 -15.26 31.82
C LEU A 1399 -13.34 -16.13 31.81
N VAL A 1400 -13.41 -17.10 32.72
CA VAL A 1400 -14.56 -18.00 32.73
C VAL A 1400 -15.83 -17.25 33.12
N GLU A 1401 -15.73 -16.34 34.09
CA GLU A 1401 -16.90 -15.56 34.48
C GLU A 1401 -17.37 -14.68 33.34
N GLN A 1402 -16.44 -14.05 32.62
CA GLN A 1402 -16.80 -13.21 31.49
C GLN A 1402 -17.48 -14.03 30.40
N THR A 1403 -16.97 -15.22 30.11
CA THR A 1403 -17.58 -16.07 29.09
C THR A 1403 -18.98 -16.52 29.51
N LEU A 1404 -19.13 -16.95 30.76
CA LEU A 1404 -20.43 -17.47 31.20
C LEU A 1404 -21.46 -16.36 31.31
N SER A 1405 -21.02 -15.13 31.64
CA SER A 1405 -21.95 -14.01 31.65
C SER A 1405 -22.50 -13.73 30.25
N ASP A 1406 -21.63 -13.75 29.25
CA ASP A 1406 -22.08 -13.57 27.87
C ASP A 1406 -23.00 -14.70 27.45
N LEU A 1407 -22.68 -15.94 27.83
CA LEU A 1407 -23.55 -17.06 27.48
C LEU A 1407 -24.92 -16.92 28.12
N GLU A 1408 -24.98 -16.48 29.38
CA GLU A 1408 -26.27 -16.33 30.05
C GLU A 1408 -27.06 -15.16 29.48
N GLN A 1409 -26.36 -14.09 29.08
CA GLN A 1409 -27.05 -12.94 28.50
C GLN A 1409 -27.83 -13.31 27.25
N SER A 1410 -27.35 -14.30 26.51
CA SER A 1410 -28.01 -14.77 25.30
C SER A 1410 -29.03 -15.87 25.56
N LYS A 1411 -29.32 -16.16 26.83
CA LYS A 1411 -30.27 -17.19 27.22
C LYS A 1411 -29.83 -18.57 26.73
N CYS A 1412 -28.53 -18.74 26.50
CA CYS A 1412 -28.02 -20.05 26.12
C CYS A 1412 -27.92 -20.98 27.32
N ILE A 1413 -27.54 -20.46 28.48
CA ILE A 1413 -27.41 -21.24 29.70
C ILE A 1413 -28.13 -20.53 30.84
N SER A 1414 -28.23 -21.22 31.96
CA SER A 1414 -28.84 -20.67 33.17
C SER A 1414 -27.88 -20.87 34.33
N ILE A 1415 -27.56 -19.78 35.02
CA ILE A 1415 -26.63 -19.82 36.14
C ILE A 1415 -27.43 -19.74 37.43
N GLU A 1416 -27.28 -20.75 38.29
CA GLU A 1416 -27.99 -20.84 39.55
C GLU A 1416 -27.01 -20.74 40.70
N ASP A 1417 -27.30 -19.84 41.64
CA ASP A 1417 -26.48 -19.63 42.83
C ASP A 1417 -25.05 -19.22 42.45
N GLU A 1418 -24.91 -18.63 41.26
CA GLU A 1418 -23.64 -18.09 40.77
C GLU A 1418 -22.61 -19.20 40.51
N MET A 1419 -22.96 -20.45 40.81
CA MET A 1419 -22.01 -21.54 40.61
C MET A 1419 -22.49 -22.51 39.54
N ASP A 1420 -23.70 -23.06 39.72
CA ASP A 1420 -24.18 -24.11 38.83
C ASP A 1420 -24.61 -23.53 37.48
N VAL A 1421 -24.34 -24.27 36.42
CA VAL A 1421 -24.72 -23.88 35.07
C VAL A 1421 -25.48 -25.03 34.42
N ALA A 1422 -26.54 -24.71 33.70
CA ALA A 1422 -27.34 -25.68 32.98
C ALA A 1422 -27.67 -25.14 31.59
N PRO A 1423 -27.82 -26.00 30.60
CA PRO A 1423 -28.12 -25.52 29.25
C PRO A 1423 -29.58 -25.15 29.08
N LEU A 1424 -29.83 -24.32 28.06
CA LEU A 1424 -31.17 -23.93 27.66
C LEU A 1424 -31.37 -24.26 26.19
N ASN A 1425 -32.56 -23.93 25.68
CA ASN A 1425 -32.92 -24.32 24.32
C ASN A 1425 -31.99 -23.68 23.29
N LEU A 1426 -31.69 -22.39 23.45
CA LEU A 1426 -30.83 -21.71 22.48
C LEU A 1426 -29.44 -22.35 22.45
N GLY A 1427 -28.84 -22.56 23.61
CA GLY A 1427 -27.56 -23.23 23.65
C GLY A 1427 -27.63 -24.65 23.15
N MET A 1428 -28.74 -25.34 23.45
CA MET A 1428 -28.89 -26.72 22.99
C MET A 1428 -28.89 -26.80 21.47
N ILE A 1429 -29.66 -25.94 20.81
CA ILE A 1429 -29.72 -25.99 19.35
C ILE A 1429 -28.43 -25.49 18.74
N ALA A 1430 -27.78 -24.50 19.38
CA ALA A 1430 -26.50 -24.03 18.88
C ALA A 1430 -25.47 -25.15 18.91
N ALA A 1431 -25.45 -25.94 19.99
CA ALA A 1431 -24.55 -27.07 20.06
C ALA A 1431 -24.93 -28.16 19.08
N TYR A 1432 -26.23 -28.40 18.91
CA TYR A 1432 -26.69 -29.46 18.02
C TYR A 1432 -26.31 -29.19 16.57
N TYR A 1433 -26.50 -27.96 16.11
CA TYR A 1433 -26.24 -27.61 14.72
C TYR A 1433 -24.86 -27.02 14.50
N TYR A 1434 -24.03 -26.97 15.54
CA TYR A 1434 -22.67 -26.44 15.45
C TYR A 1434 -22.67 -25.03 14.86
N ILE A 1435 -23.34 -24.14 15.59
CA ILE A 1435 -23.57 -22.77 15.16
C ILE A 1435 -23.10 -21.84 16.26
N ASN A 1436 -22.43 -20.75 15.87
CA ASN A 1436 -21.94 -19.76 16.82
C ASN A 1436 -23.09 -19.25 17.68
N TYR A 1437 -22.78 -18.96 18.95
CA TYR A 1437 -23.82 -18.53 19.87
C TYR A 1437 -24.36 -17.15 19.49
N THR A 1438 -23.52 -16.31 18.90
CA THR A 1438 -23.98 -15.01 18.43
C THR A 1438 -25.08 -15.17 17.39
N THR A 1439 -24.90 -16.12 16.46
CA THR A 1439 -25.90 -16.36 15.42
C THR A 1439 -27.22 -16.80 16.02
N ILE A 1440 -27.18 -17.71 16.99
CA ILE A 1440 -28.43 -18.19 17.58
C ILE A 1440 -29.10 -17.11 18.41
N GLU A 1441 -28.29 -16.26 19.06
CA GLU A 1441 -28.84 -15.11 19.77
C GLU A 1441 -29.56 -14.17 18.81
N LEU A 1442 -28.92 -13.91 17.66
CA LEU A 1442 -29.53 -13.04 16.66
C LEU A 1442 -30.81 -13.65 16.12
N PHE A 1443 -30.83 -14.97 15.91
CA PHE A 1443 -32.04 -15.63 15.46
C PHE A 1443 -33.16 -15.48 16.49
N SER A 1444 -32.83 -15.67 17.76
CA SER A 1444 -33.82 -15.54 18.82
C SER A 1444 -34.38 -14.12 18.88
N MET A 1445 -33.50 -13.12 18.74
CA MET A 1445 -33.95 -11.73 18.84
C MET A 1445 -34.80 -11.32 17.63
N SER A 1446 -34.31 -11.63 16.42
CA SER A 1446 -34.96 -11.08 15.22
C SER A 1446 -36.26 -11.78 14.90
N LEU A 1447 -36.31 -13.11 15.05
CA LEU A 1447 -37.50 -13.86 14.66
C LEU A 1447 -38.68 -13.49 15.53
N ASN A 1448 -39.82 -13.20 14.90
CA ASN A 1448 -41.05 -12.89 15.60
C ASN A 1448 -42.13 -13.82 15.08
N ALA A 1449 -43.37 -13.55 15.48
CA ALA A 1449 -44.48 -14.45 15.18
C ALA A 1449 -45.00 -14.29 13.76
N LYS A 1450 -44.53 -13.31 13.00
CA LYS A 1450 -45.04 -13.09 11.64
C LYS A 1450 -43.93 -12.83 10.63
N THR A 1451 -42.74 -13.37 10.81
CA THR A 1451 -41.69 -13.24 9.81
C THR A 1451 -42.07 -14.03 8.56
N LYS A 1452 -41.80 -13.44 7.40
CA LYS A 1452 -42.03 -14.08 6.12
C LYS A 1452 -40.70 -14.58 5.55
N VAL A 1453 -40.77 -15.15 4.35
CA VAL A 1453 -39.55 -15.66 3.71
C VAL A 1453 -38.59 -14.53 3.41
N ARG A 1454 -39.11 -13.35 3.06
CA ARG A 1454 -38.26 -12.20 2.81
C ARG A 1454 -37.47 -11.81 4.06
N GLY A 1455 -38.14 -11.81 5.22
CA GLY A 1455 -37.43 -11.56 6.47
C GLY A 1455 -36.49 -12.68 6.83
N LEU A 1456 -36.89 -13.92 6.55
CA LEU A 1456 -36.07 -15.08 6.88
C LEU A 1456 -34.75 -15.06 6.14
N ILE A 1457 -34.79 -14.69 4.85
CA ILE A 1457 -33.56 -14.64 4.07
C ILE A 1457 -32.61 -13.59 4.65
N GLU A 1458 -33.14 -12.43 5.02
CA GLU A 1458 -32.31 -11.39 5.61
C GLU A 1458 -31.73 -11.83 6.95
N ILE A 1459 -32.53 -12.52 7.76
CA ILE A 1459 -32.03 -13.01 9.05
C ILE A 1459 -30.92 -14.04 8.83
N ILE A 1460 -31.13 -14.96 7.90
CA ILE A 1460 -30.13 -15.99 7.61
C ILE A 1460 -28.83 -15.35 7.13
N SER A 1461 -28.94 -14.37 6.22
CA SER A 1461 -27.75 -13.72 5.69
C SER A 1461 -27.01 -12.91 6.74
N ASN A 1462 -27.62 -12.66 7.89
CA ASN A 1462 -26.97 -11.94 8.98
C ASN A 1462 -26.22 -12.86 9.93
N ALA A 1463 -26.20 -14.17 9.66
CA ALA A 1463 -25.53 -15.11 10.55
C ALA A 1463 -24.03 -14.86 10.56
N ALA A 1464 -23.41 -15.13 11.71
CA ALA A 1464 -21.98 -14.92 11.85
C ALA A 1464 -21.16 -15.89 11.01
N GLU A 1465 -21.77 -16.98 10.55
CA GLU A 1465 -21.04 -17.94 9.73
C GLU A 1465 -20.58 -17.31 8.42
N TYR A 1466 -21.33 -16.34 7.92
CA TYR A 1466 -21.02 -15.70 6.64
C TYR A 1466 -20.11 -14.50 6.78
N GLU A 1467 -19.64 -14.19 7.98
CA GLU A 1467 -18.82 -13.00 8.19
C GLU A 1467 -17.51 -13.08 7.42
N ASN A 1468 -17.05 -14.29 7.09
CA ASN A 1468 -15.77 -14.49 6.43
C ASN A 1468 -15.88 -14.57 4.91
N ILE A 1469 -17.06 -14.35 4.35
CA ILE A 1469 -17.17 -14.37 2.88
C ILE A 1469 -16.32 -13.26 2.30
N PRO A 1470 -15.48 -13.54 1.31
CA PRO A 1470 -14.56 -12.51 0.82
C PRO A 1470 -15.29 -11.40 0.08
N ILE A 1471 -14.73 -10.20 0.16
CA ILE A 1471 -15.21 -9.04 -0.59
C ILE A 1471 -14.04 -8.60 -1.47
N ARG A 1472 -13.98 -9.11 -2.70
CA ARG A 1472 -12.84 -8.86 -3.56
C ARG A 1472 -12.94 -7.47 -4.20
N HIS A 1473 -11.86 -7.08 -4.86
CA HIS A 1473 -11.77 -5.77 -5.47
C HIS A 1473 -12.76 -5.64 -6.62
N HIS A 1474 -13.42 -4.48 -6.71
CA HIS A 1474 -14.36 -4.09 -7.75
C HIS A 1474 -15.63 -4.93 -7.74
N GLU A 1475 -15.87 -5.75 -6.73
CA GLU A 1475 -17.11 -6.51 -6.66
C GLU A 1475 -18.30 -5.62 -6.33
N ASP A 1476 -18.03 -4.41 -5.82
CA ASP A 1476 -19.11 -3.52 -5.42
C ASP A 1476 -20.00 -3.15 -6.59
N ASN A 1477 -19.40 -2.86 -7.75
CA ASN A 1477 -20.19 -2.51 -8.93
C ASN A 1477 -21.06 -3.67 -9.38
N LEU A 1478 -20.48 -4.87 -9.43
CA LEU A 1478 -21.24 -6.04 -9.88
C LEU A 1478 -22.38 -6.36 -8.91
N LEU A 1479 -22.11 -6.29 -7.61
CA LEU A 1479 -23.16 -6.53 -6.61
C LEU A 1479 -24.25 -5.48 -6.71
N ARG A 1480 -23.86 -4.21 -6.93
CA ARG A 1480 -24.86 -3.15 -7.06
C ARG A 1480 -25.73 -3.37 -8.29
N GLN A 1481 -25.13 -3.79 -9.40
CA GLN A 1481 -25.91 -4.11 -10.59
C GLN A 1481 -26.86 -5.28 -10.34
N LEU A 1482 -26.38 -6.29 -9.61
CA LEU A 1482 -27.22 -7.44 -9.30
C LEU A 1482 -28.36 -7.04 -8.37
N ALA A 1483 -28.14 -6.02 -7.53
CA ALA A 1483 -29.15 -5.64 -6.54
C ALA A 1483 -30.47 -5.24 -7.19
N GLN A 1484 -30.41 -4.64 -8.38
CA GLN A 1484 -31.64 -4.30 -9.09
C GLN A 1484 -32.36 -5.54 -9.57
N LYS A 1485 -31.60 -6.56 -10.00
CA LYS A 1485 -32.21 -7.75 -10.60
C LYS A 1485 -32.96 -8.58 -9.57
N VAL A 1486 -32.45 -8.64 -8.35
CA VAL A 1486 -33.03 -9.56 -7.36
C VAL A 1486 -34.43 -9.07 -6.97
N PRO A 1487 -35.36 -9.97 -6.63
CA PRO A 1487 -36.73 -9.51 -6.32
C PRO A 1487 -36.82 -8.64 -5.07
N HIS A 1488 -36.29 -9.11 -3.94
CA HIS A 1488 -36.40 -8.42 -2.67
C HIS A 1488 -35.20 -7.51 -2.49
N LYS A 1489 -35.39 -6.22 -2.74
CA LYS A 1489 -34.30 -5.25 -2.61
C LYS A 1489 -34.13 -4.85 -1.15
N LEU A 1490 -32.88 -4.79 -0.71
CA LEU A 1490 -32.55 -4.43 0.66
C LEU A 1490 -32.27 -2.93 0.77
N ASN A 1491 -32.88 -2.30 1.75
CA ASN A 1491 -32.73 -0.85 1.93
C ASN A 1491 -31.38 -0.54 2.58
N ASN A 1492 -30.76 0.55 2.10
CA ASN A 1492 -29.47 1.04 2.59
C ASN A 1492 -28.42 -0.05 2.53
N PRO A 1493 -28.02 -0.49 1.34
CA PRO A 1493 -27.06 -1.60 1.25
C PRO A 1493 -25.62 -1.08 1.29
N LYS A 1494 -24.85 -1.59 2.24
CA LYS A 1494 -23.40 -1.42 2.25
C LYS A 1494 -22.78 -2.57 1.49
N PHE A 1495 -22.20 -2.27 0.32
CA PHE A 1495 -21.75 -3.35 -0.55
C PHE A 1495 -20.38 -3.88 -0.16
N ASN A 1496 -19.67 -3.18 0.72
CA ASN A 1496 -18.47 -3.73 1.35
C ASN A 1496 -18.82 -4.37 2.69
N ASP A 1497 -19.83 -5.25 2.64
CA ASP A 1497 -20.38 -5.90 3.83
C ASP A 1497 -20.72 -7.33 3.42
N PRO A 1498 -20.12 -8.34 4.06
CA PRO A 1498 -20.39 -9.72 3.65
C PRO A 1498 -21.85 -10.13 3.75
N HIS A 1499 -22.60 -9.58 4.70
CA HIS A 1499 -23.99 -10.00 4.88
C HIS A 1499 -24.86 -9.55 3.71
N VAL A 1500 -24.66 -8.32 3.23
CA VAL A 1500 -25.40 -7.85 2.07
C VAL A 1500 -25.06 -8.70 0.85
N LYS A 1501 -23.78 -9.02 0.67
CA LYS A 1501 -23.38 -9.85 -0.46
C LYS A 1501 -24.02 -11.23 -0.37
N THR A 1502 -24.05 -11.82 0.83
CA THR A 1502 -24.67 -13.13 0.99
C THR A 1502 -26.15 -13.08 0.70
N ASN A 1503 -26.84 -12.03 1.16
CA ASN A 1503 -28.26 -11.90 0.87
C ASN A 1503 -28.50 -11.80 -0.64
N LEU A 1504 -27.70 -10.97 -1.32
CA LEU A 1504 -27.86 -10.82 -2.76
C LEU A 1504 -27.58 -12.13 -3.49
N LEU A 1505 -26.53 -12.84 -3.10
CA LEU A 1505 -26.19 -14.10 -3.76
C LEU A 1505 -27.26 -15.15 -3.51
N LEU A 1506 -27.81 -15.19 -2.30
CA LEU A 1506 -28.87 -16.15 -2.00
C LEU A 1506 -30.12 -15.86 -2.82
N GLN A 1507 -30.49 -14.58 -2.94
CA GLN A 1507 -31.64 -14.23 -3.76
C GLN A 1507 -31.40 -14.57 -5.23
N ALA A 1508 -30.19 -14.32 -5.72
CA ALA A 1508 -29.86 -14.68 -7.10
C ALA A 1508 -29.95 -16.18 -7.31
N HIS A 1509 -29.43 -16.96 -6.36
CA HIS A 1509 -29.51 -18.42 -6.47
C HIS A 1509 -30.95 -18.89 -6.48
N LEU A 1510 -31.80 -18.30 -5.64
CA LEU A 1510 -33.22 -18.65 -5.67
C LEU A 1510 -33.85 -18.27 -6.99
N SER A 1511 -33.34 -17.22 -7.64
CA SER A 1511 -33.88 -16.78 -8.93
C SER A 1511 -33.18 -17.42 -10.11
N ARG A 1512 -32.23 -18.33 -9.88
CA ARG A 1512 -31.51 -19.03 -10.95
C ARG A 1512 -30.86 -18.07 -11.93
N MET A 1513 -30.26 -17.00 -11.39
CA MET A 1513 -29.55 -16.04 -12.23
C MET A 1513 -28.14 -16.52 -12.50
N GLN A 1514 -27.65 -16.21 -13.70
CA GLN A 1514 -26.29 -16.55 -14.10
C GLN A 1514 -25.39 -15.35 -13.87
N LEU A 1515 -24.22 -15.58 -13.28
CA LEU A 1515 -23.33 -14.51 -12.87
C LEU A 1515 -21.88 -15.00 -12.94
N SER A 1516 -20.97 -14.20 -12.41
CA SER A 1516 -19.54 -14.44 -12.56
C SER A 1516 -19.13 -15.73 -11.85
N ALA A 1517 -17.98 -16.28 -12.28
CA ALA A 1517 -17.49 -17.51 -11.68
C ALA A 1517 -17.11 -17.31 -10.22
N GLU A 1518 -16.53 -16.16 -9.88
CA GLU A 1518 -16.20 -15.88 -8.48
C GLU A 1518 -17.45 -15.87 -7.62
N LEU A 1519 -18.52 -15.26 -8.11
CA LEU A 1519 -19.77 -15.21 -7.35
C LEU A 1519 -20.40 -16.59 -7.26
N GLN A 1520 -20.23 -17.43 -8.28
CA GLN A 1520 -20.69 -18.81 -8.18
C GLN A 1520 -19.93 -19.58 -7.12
N SER A 1521 -18.61 -19.37 -7.05
CA SER A 1521 -17.82 -20.02 -6.02
C SER A 1521 -18.26 -19.56 -4.63
N ASP A 1522 -18.55 -18.27 -4.48
CA ASP A 1522 -19.06 -17.78 -3.20
C ASP A 1522 -20.44 -18.35 -2.89
N THR A 1523 -21.28 -18.50 -3.92
CA THR A 1523 -22.62 -19.05 -3.72
C THR A 1523 -22.55 -20.48 -3.22
N GLU A 1524 -21.60 -21.26 -3.74
CA GLU A 1524 -21.44 -22.62 -3.24
C GLU A 1524 -21.09 -22.62 -1.75
N GLU A 1525 -20.18 -21.73 -1.35
CA GLU A 1525 -19.80 -21.65 0.06
C GLU A 1525 -20.98 -21.23 0.93
N ILE A 1526 -21.80 -20.30 0.44
CA ILE A 1526 -22.98 -19.88 1.20
C ILE A 1526 -23.96 -21.03 1.34
N LEU A 1527 -24.23 -21.73 0.24
CA LEU A 1527 -25.19 -22.83 0.26
C LEU A 1527 -24.68 -23.99 1.12
N SER A 1528 -23.37 -24.04 1.36
CA SER A 1528 -22.82 -25.05 2.26
C SER A 1528 -23.45 -24.96 3.65
N LYS A 1529 -23.62 -23.74 4.16
CA LYS A 1529 -24.14 -23.53 5.51
C LYS A 1529 -25.60 -23.10 5.54
N ALA A 1530 -26.17 -22.75 4.39
CA ALA A 1530 -27.55 -22.29 4.36
C ALA A 1530 -28.50 -23.33 4.97
N ILE A 1531 -28.28 -24.61 4.69
CA ILE A 1531 -29.22 -25.63 5.13
C ILE A 1531 -29.22 -25.75 6.65
N ARG A 1532 -28.04 -25.82 7.26
CA ARG A 1532 -27.99 -25.90 8.72
C ARG A 1532 -28.54 -24.64 9.36
N LEU A 1533 -28.28 -23.47 8.76
CA LEU A 1533 -28.82 -22.24 9.33
C LEU A 1533 -30.34 -22.25 9.28
N ILE A 1534 -30.92 -22.69 8.17
CA ILE A 1534 -32.38 -22.72 8.05
C ILE A 1534 -32.98 -23.75 9.01
N GLN A 1535 -32.31 -24.89 9.20
CA GLN A 1535 -32.82 -25.86 10.17
C GLN A 1535 -32.78 -25.29 11.58
N ALA A 1536 -31.72 -24.55 11.91
CA ALA A 1536 -31.66 -23.89 13.21
C ALA A 1536 -32.80 -22.89 13.37
N CYS A 1537 -33.09 -22.12 12.32
CA CYS A 1537 -34.21 -21.19 12.37
C CYS A 1537 -35.54 -21.92 12.56
N VAL A 1538 -35.69 -23.07 11.89
CA VAL A 1538 -36.90 -23.87 12.07
C VAL A 1538 -37.05 -24.29 13.52
N ASP A 1539 -35.96 -24.77 14.13
CA ASP A 1539 -36.04 -25.19 15.53
C ASP A 1539 -36.33 -24.01 16.45
N VAL A 1540 -35.72 -22.86 16.19
CA VAL A 1540 -35.99 -21.68 17.01
C VAL A 1540 -37.45 -21.29 16.93
N LEU A 1541 -38.00 -21.24 15.72
CA LEU A 1541 -39.40 -20.86 15.56
C LEU A 1541 -40.34 -21.88 16.21
N SER A 1542 -40.06 -23.16 16.02
CA SER A 1542 -40.91 -24.20 16.60
C SER A 1542 -40.83 -24.19 18.12
N SER A 1543 -39.69 -23.74 18.67
CA SER A 1543 -39.55 -23.69 20.11
C SER A 1543 -40.55 -22.73 20.74
N ASN A 1544 -40.72 -21.55 20.14
CA ASN A 1544 -41.64 -20.57 20.71
C ASN A 1544 -43.10 -20.90 20.41
N GLY A 1545 -43.34 -21.74 19.41
CA GLY A 1545 -44.68 -22.15 19.07
C GLY A 1545 -45.32 -21.42 17.90
N TRP A 1546 -44.56 -20.59 17.19
CA TRP A 1546 -45.08 -19.84 16.06
C TRP A 1546 -45.19 -20.77 14.86
N LEU A 1547 -46.41 -20.95 14.35
CA LEU A 1547 -46.63 -21.94 13.29
C LEU A 1547 -46.21 -21.38 11.92
N SER A 1548 -46.82 -20.27 11.51
CA SER A 1548 -46.58 -19.76 10.16
C SER A 1548 -45.11 -19.47 9.87
N PRO A 1549 -44.34 -18.83 10.76
CA PRO A 1549 -42.90 -18.69 10.49
C PRO A 1549 -42.18 -20.02 10.35
N ALA A 1550 -42.58 -21.03 11.12
CA ALA A 1550 -41.95 -22.34 11.00
C ALA A 1550 -42.20 -22.95 9.63
N LEU A 1551 -43.45 -22.90 9.16
CA LEU A 1551 -43.76 -23.41 7.84
C LEU A 1551 -43.04 -22.62 6.77
N ALA A 1552 -42.95 -21.30 6.93
CA ALA A 1552 -42.22 -20.47 5.98
C ALA A 1552 -40.75 -20.87 5.92
N ALA A 1553 -40.16 -21.18 7.08
CA ALA A 1553 -38.75 -21.56 7.10
C ALA A 1553 -38.54 -22.95 6.49
N MET A 1554 -39.47 -23.88 6.72
CA MET A 1554 -39.38 -25.18 6.07
C MET A 1554 -39.47 -25.04 4.56
N GLU A 1555 -40.41 -24.21 4.08
CA GLU A 1555 -40.51 -23.96 2.65
C GLU A 1555 -39.26 -23.27 2.12
N LEU A 1556 -38.67 -22.37 2.91
CA LEU A 1556 -37.42 -21.75 2.51
C LEU A 1556 -36.31 -22.76 2.35
N ALA A 1557 -36.19 -23.72 3.26
CA ALA A 1557 -35.21 -24.78 3.10
C ALA A 1557 -35.47 -25.59 1.83
N GLN A 1558 -36.71 -26.02 1.63
CA GLN A 1558 -37.01 -26.90 0.51
C GLN A 1558 -36.86 -26.18 -0.82
N MET A 1559 -37.03 -24.86 -0.83
CA MET A 1559 -36.85 -24.12 -2.08
C MET A 1559 -35.43 -23.64 -2.27
N VAL A 1560 -34.63 -23.55 -1.20
CA VAL A 1560 -33.19 -23.35 -1.37
C VAL A 1560 -32.56 -24.61 -1.95
N THR A 1561 -33.03 -25.78 -1.53
CA THR A 1561 -32.51 -27.02 -2.09
C THR A 1561 -32.74 -27.07 -3.60
N GLN A 1562 -33.95 -26.73 -4.04
CA GLN A 1562 -34.30 -26.80 -5.46
C GLN A 1562 -33.99 -25.52 -6.23
N ALA A 1563 -33.53 -24.47 -5.55
CA ALA A 1563 -33.14 -23.21 -6.18
C ALA A 1563 -34.30 -22.61 -6.98
N MET A 1564 -35.37 -22.29 -6.26
CA MET A 1564 -36.53 -21.65 -6.88
C MET A 1564 -37.28 -20.87 -5.81
N TRP A 1565 -38.06 -19.90 -6.26
CA TRP A 1565 -38.90 -19.13 -5.35
C TRP A 1565 -40.21 -19.87 -5.08
N SER A 1566 -40.95 -19.36 -4.10
CA SER A 1566 -42.22 -20.00 -3.76
C SER A 1566 -43.26 -19.82 -4.86
N LYS A 1567 -43.21 -18.69 -5.56
CA LYS A 1567 -44.22 -18.41 -6.58
C LYS A 1567 -44.00 -19.23 -7.84
N ASP A 1568 -42.76 -19.65 -8.10
CA ASP A 1568 -42.46 -20.42 -9.31
C ASP A 1568 -43.21 -21.75 -9.29
N SER A 1569 -43.63 -22.19 -10.47
CA SER A 1569 -44.35 -23.44 -10.58
C SER A 1569 -43.48 -24.61 -10.15
N TYR A 1570 -44.11 -25.65 -9.62
CA TYR A 1570 -43.36 -26.79 -9.09
C TYR A 1570 -42.61 -27.56 -10.15
N LEU A 1571 -42.90 -27.31 -11.43
CA LEU A 1571 -42.20 -28.01 -12.51
C LEU A 1571 -40.78 -27.51 -12.73
N LYS A 1572 -40.39 -26.40 -12.09
CA LYS A 1572 -39.03 -25.89 -12.25
C LYS A 1572 -37.99 -26.87 -11.73
N GLN A 1573 -38.41 -27.80 -10.86
CA GLN A 1573 -37.46 -28.78 -10.32
C GLN A 1573 -36.99 -29.75 -11.39
N LEU A 1574 -37.87 -30.07 -12.33
CA LEU A 1574 -37.55 -31.09 -13.33
C LEU A 1574 -36.37 -30.62 -14.19
N PRO A 1575 -35.39 -31.49 -14.44
CA PRO A 1575 -34.26 -31.10 -15.29
C PRO A 1575 -34.71 -30.89 -16.73
N HIS A 1576 -33.93 -30.06 -17.44
CA HIS A 1576 -34.16 -29.78 -18.85
C HIS A 1576 -35.55 -29.18 -19.09
N PHE A 1577 -35.99 -28.33 -18.18
CA PHE A 1577 -37.26 -27.63 -18.30
C PHE A 1577 -37.00 -26.13 -18.36
N THR A 1578 -37.64 -25.45 -19.30
CA THR A 1578 -37.50 -24.02 -19.49
C THR A 1578 -38.84 -23.34 -19.30
N SER A 1579 -38.84 -22.02 -19.51
CA SER A 1579 -40.07 -21.25 -19.34
C SER A 1579 -41.14 -21.71 -20.33
N GLU A 1580 -40.76 -21.94 -21.59
CA GLU A 1580 -41.72 -22.42 -22.57
C GLU A 1580 -42.14 -23.85 -22.31
N HIS A 1581 -41.24 -24.68 -21.78
CA HIS A 1581 -41.62 -26.02 -21.38
C HIS A 1581 -42.71 -26.00 -20.32
N ILE A 1582 -42.55 -25.16 -19.31
CA ILE A 1582 -43.58 -25.03 -18.28
C ILE A 1582 -44.85 -24.42 -18.85
N LYS A 1583 -44.70 -23.49 -19.78
CA LYS A 1583 -45.87 -22.86 -20.40
C LYS A 1583 -46.71 -23.87 -21.16
N ARG A 1584 -46.05 -24.78 -21.89
CA ARG A 1584 -46.80 -25.82 -22.61
C ARG A 1584 -47.55 -26.72 -21.66
N CYS A 1585 -46.92 -27.11 -20.56
CA CYS A 1585 -47.58 -27.97 -19.57
C CYS A 1585 -48.75 -27.25 -18.91
N THR A 1586 -48.59 -25.96 -18.62
CA THR A 1586 -49.63 -25.19 -17.95
C THR A 1586 -50.89 -25.11 -18.82
N ASP A 1587 -50.72 -24.90 -20.13
CA ASP A 1587 -51.86 -24.84 -21.02
C ASP A 1587 -52.60 -26.19 -21.05
N LYS A 1588 -51.84 -27.29 -21.07
CA LYS A 1588 -52.47 -28.60 -21.02
C LYS A 1588 -53.23 -28.80 -19.71
N GLY A 1589 -52.65 -28.38 -18.60
CA GLY A 1589 -53.27 -28.56 -17.29
C GLY A 1589 -52.35 -29.21 -16.29
N VAL A 1590 -51.14 -29.57 -16.74
CA VAL A 1590 -50.15 -30.19 -15.87
C VAL A 1590 -49.61 -29.13 -14.92
N GLU A 1591 -49.81 -29.33 -13.62
CA GLU A 1591 -49.40 -28.35 -12.62
C GLU A 1591 -48.46 -28.89 -11.56
N SER A 1592 -48.41 -30.21 -11.36
CA SER A 1592 -47.58 -30.79 -10.32
C SER A 1592 -46.76 -31.93 -10.91
N VAL A 1593 -45.64 -32.23 -10.24
CA VAL A 1593 -44.77 -33.31 -10.68
C VAL A 1593 -45.46 -34.66 -10.65
N PHE A 1594 -46.53 -34.79 -9.86
CA PHE A 1594 -47.29 -36.04 -9.85
C PHE A 1594 -47.98 -36.28 -11.18
N ASP A 1595 -48.41 -35.21 -11.85
CA ASP A 1595 -49.17 -35.38 -13.08
C ASP A 1595 -48.35 -36.06 -14.17
N ILE A 1596 -47.09 -35.65 -14.33
CA ILE A 1596 -46.26 -36.23 -15.39
C ILE A 1596 -45.96 -37.69 -15.08
N MET A 1597 -45.79 -38.03 -13.80
CA MET A 1597 -45.59 -39.43 -13.43
C MET A 1597 -46.81 -40.26 -13.77
N GLU A 1598 -48.01 -39.74 -13.50
CA GLU A 1598 -49.23 -40.45 -13.85
C GLU A 1598 -49.48 -40.42 -15.35
N MET A 1599 -48.93 -39.41 -16.04
CA MET A 1599 -49.16 -39.27 -17.46
C MET A 1599 -48.50 -40.41 -18.24
N GLU A 1600 -49.13 -40.78 -19.35
CA GLU A 1600 -48.61 -41.88 -20.17
C GLU A 1600 -47.27 -41.49 -20.79
N ASP A 1601 -46.45 -42.51 -21.07
CA ASP A 1601 -45.13 -42.25 -21.64
C ASP A 1601 -45.24 -41.54 -22.98
N GLU A 1602 -46.04 -42.10 -23.90
CA GLU A 1602 -46.23 -41.45 -25.20
C GLU A 1602 -46.96 -40.12 -25.05
N GLU A 1603 -47.98 -40.08 -24.19
CA GLU A 1603 -48.76 -38.85 -24.03
C GLU A 1603 -47.89 -37.72 -23.49
N ARG A 1604 -47.10 -38.00 -22.45
CA ARG A 1604 -46.24 -36.96 -21.90
C ARG A 1604 -45.09 -36.64 -22.86
N ASN A 1605 -44.67 -37.62 -23.66
CA ASN A 1605 -43.62 -37.38 -24.65
C ASN A 1605 -44.07 -36.41 -25.73
N ALA A 1606 -45.35 -36.42 -26.09
CA ALA A 1606 -45.84 -35.50 -27.10
C ALA A 1606 -45.97 -34.08 -26.55
N LEU A 1607 -46.16 -33.94 -25.23
CA LEU A 1607 -46.38 -32.63 -24.63
C LEU A 1607 -45.15 -31.74 -24.79
N LEU A 1608 -43.96 -32.29 -24.57
CA LEU A 1608 -42.73 -31.53 -24.62
C LEU A 1608 -41.71 -32.23 -25.52
N GLN A 1609 -40.79 -31.44 -26.08
CA GLN A 1609 -39.68 -32.02 -26.83
C GLN A 1609 -38.83 -32.87 -25.90
N LEU A 1610 -38.33 -33.98 -26.42
CA LEU A 1610 -37.60 -34.94 -25.60
C LEU A 1610 -36.36 -35.42 -26.36
N THR A 1611 -35.35 -35.79 -25.58
CA THR A 1611 -34.20 -36.54 -26.06
C THR A 1611 -34.05 -37.77 -25.19
N ASP A 1612 -33.22 -38.71 -25.64
CA ASP A 1612 -32.98 -39.92 -24.86
C ASP A 1612 -32.44 -39.56 -23.48
N SER A 1613 -31.38 -38.75 -23.44
CA SER A 1613 -30.80 -38.34 -22.16
C SER A 1613 -31.77 -37.49 -21.36
N GLN A 1614 -32.46 -36.56 -22.03
CA GLN A 1614 -33.39 -35.67 -21.36
C GLN A 1614 -34.52 -36.45 -20.68
N ILE A 1615 -35.19 -37.31 -21.44
CA ILE A 1615 -36.31 -38.07 -20.89
C ILE A 1615 -35.80 -39.08 -19.85
N ALA A 1616 -34.59 -39.61 -20.06
CA ALA A 1616 -34.03 -40.52 -19.07
C ALA A 1616 -33.81 -39.82 -17.74
N ASP A 1617 -33.24 -38.61 -17.76
CA ASP A 1617 -33.02 -37.87 -16.53
C ASP A 1617 -34.35 -37.45 -15.89
N VAL A 1618 -35.32 -37.03 -16.70
CA VAL A 1618 -36.61 -36.65 -16.17
C VAL A 1618 -37.28 -37.82 -15.47
N ALA A 1619 -37.24 -39.00 -16.10
CA ALA A 1619 -37.80 -40.19 -15.48
C ALA A 1619 -37.04 -40.58 -14.21
N ARG A 1620 -35.70 -40.45 -14.23
CA ARG A 1620 -34.93 -40.78 -13.04
C ARG A 1620 -35.30 -39.86 -11.88
N PHE A 1621 -35.54 -38.58 -12.16
CA PHE A 1621 -36.00 -37.68 -11.11
C PHE A 1621 -37.37 -38.09 -10.58
N CYS A 1622 -38.28 -38.49 -11.47
CA CYS A 1622 -39.63 -38.86 -11.05
C CYS A 1622 -39.61 -40.07 -10.15
N ASN A 1623 -38.68 -41.00 -10.37
CA ASN A 1623 -38.57 -42.16 -9.50
C ASN A 1623 -38.11 -41.76 -8.10
N ARG A 1624 -37.26 -40.74 -8.01
CA ARG A 1624 -36.76 -40.26 -6.74
C ARG A 1624 -37.73 -39.35 -6.01
N TYR A 1625 -38.74 -38.82 -6.71
CA TYR A 1625 -39.71 -37.95 -6.07
C TYR A 1625 -40.53 -38.73 -5.03
N PRO A 1626 -40.71 -38.18 -3.83
CA PRO A 1626 -41.37 -38.94 -2.77
C PRO A 1626 -42.84 -39.17 -3.07
N ASN A 1627 -43.29 -40.41 -2.84
CA ASN A 1627 -44.70 -40.77 -2.91
C ASN A 1627 -45.22 -41.25 -1.57
N ILE A 1628 -44.73 -40.67 -0.47
CA ILE A 1628 -45.11 -41.11 0.86
C ILE A 1628 -46.59 -40.88 1.08
N GLU A 1629 -47.23 -41.82 1.78
CA GLU A 1629 -48.62 -41.71 2.19
C GLU A 1629 -48.67 -41.62 3.70
N LEU A 1630 -49.47 -40.70 4.22
CA LEU A 1630 -49.53 -40.42 5.65
C LEU A 1630 -50.90 -40.84 6.19
N SER A 1631 -50.88 -41.71 7.20
CA SER A 1631 -52.08 -42.11 7.92
C SER A 1631 -51.86 -41.85 9.41
N TYR A 1632 -52.80 -41.13 10.02
CA TYR A 1632 -52.67 -40.69 11.39
C TYR A 1632 -53.79 -41.27 12.23
N GLU A 1633 -53.49 -41.50 13.50
CA GLU A 1633 -54.44 -42.04 14.46
C GLU A 1633 -54.33 -41.26 15.77
N VAL A 1634 -55.47 -40.91 16.34
CA VAL A 1634 -55.53 -40.24 17.63
C VAL A 1634 -55.95 -41.27 18.67
N VAL A 1635 -55.07 -41.50 19.66
CA VAL A 1635 -55.33 -42.54 20.65
C VAL A 1635 -56.39 -42.05 21.63
N ASP A 1636 -57.43 -42.85 21.81
CA ASP A 1636 -58.50 -42.59 22.76
C ASP A 1636 -59.14 -41.22 22.50
N LYS A 1637 -59.75 -41.11 21.31
CA LYS A 1637 -60.40 -39.86 20.93
C LYS A 1637 -61.52 -39.51 21.88
N ASP A 1638 -62.33 -40.50 22.27
CA ASP A 1638 -63.47 -40.26 23.15
C ASP A 1638 -63.01 -39.83 24.54
N SER A 1639 -62.01 -40.53 25.08
CA SER A 1639 -61.55 -40.30 26.45
C SER A 1639 -60.29 -39.44 26.41
N ILE A 1640 -60.49 -38.13 26.46
CA ILE A 1640 -59.40 -37.16 26.55
C ILE A 1640 -59.68 -36.23 27.71
N ARG A 1641 -58.76 -36.19 28.67
CA ARG A 1641 -58.97 -35.37 29.86
C ARG A 1641 -58.25 -34.04 29.73
N SER A 1642 -58.84 -33.01 30.34
CA SER A 1642 -58.24 -31.68 30.30
C SER A 1642 -56.88 -31.73 31.00
N GLY A 1643 -55.87 -31.14 30.36
CA GLY A 1643 -54.52 -31.19 30.86
C GLY A 1643 -53.84 -32.53 30.73
N GLY A 1644 -54.58 -33.59 30.41
CA GLY A 1644 -53.99 -34.90 30.22
C GLY A 1644 -53.29 -35.02 28.89
N PRO A 1645 -52.29 -35.90 28.82
CA PRO A 1645 -51.55 -36.07 27.56
C PRO A 1645 -52.43 -36.64 26.47
N VAL A 1646 -52.18 -36.18 25.24
CA VAL A 1646 -52.86 -36.67 24.05
C VAL A 1646 -51.80 -37.25 23.12
N VAL A 1647 -51.97 -38.51 22.73
CA VAL A 1647 -50.99 -39.21 21.90
C VAL A 1647 -51.54 -39.31 20.49
N VAL A 1648 -50.84 -38.69 19.55
CA VAL A 1648 -51.19 -38.75 18.14
C VAL A 1648 -50.18 -39.64 17.44
N LEU A 1649 -50.64 -40.75 16.88
CA LEU A 1649 -49.77 -41.73 16.24
C LEU A 1649 -49.98 -41.66 14.73
N VAL A 1650 -48.90 -41.39 14.00
CA VAL A 1650 -48.94 -41.24 12.55
C VAL A 1650 -47.92 -42.18 11.95
N GLN A 1651 -48.36 -43.01 11.00
CA GLN A 1651 -47.49 -43.96 10.31
C GLN A 1651 -47.45 -43.61 8.83
N LEU A 1652 -46.24 -43.50 8.29
CA LEU A 1652 -46.03 -43.15 6.89
C LEU A 1652 -45.00 -44.09 6.28
N GLU A 1653 -45.27 -44.53 5.05
CA GLU A 1653 -44.38 -45.45 4.34
C GLU A 1653 -44.48 -45.16 2.85
N ARG A 1654 -43.34 -45.04 2.19
CA ARG A 1654 -43.32 -44.80 0.75
C ARG A 1654 -43.42 -46.11 -0.02
N GLU A 1655 -44.25 -46.12 -1.05
CA GLU A 1655 -44.41 -47.30 -1.89
C GLU A 1655 -43.24 -47.46 -2.85
N GLU A 1656 -42.62 -46.35 -3.24
CA GLU A 1656 -41.56 -46.40 -4.23
C GLU A 1656 -40.35 -47.19 -3.74
N GLU A 1657 -39.98 -47.00 -2.47
CA GLU A 1657 -38.84 -47.69 -1.87
C GLU A 1657 -37.56 -47.43 -2.67
N VAL A 1658 -37.33 -46.17 -3.02
CA VAL A 1658 -36.15 -45.80 -3.79
C VAL A 1658 -35.00 -45.47 -2.85
N THR A 1659 -33.78 -45.65 -3.34
CA THR A 1659 -32.57 -45.39 -2.56
C THR A 1659 -31.69 -44.39 -3.30
N GLY A 1660 -30.85 -43.70 -2.54
CA GLY A 1660 -29.92 -42.74 -3.09
C GLY A 1660 -30.12 -41.36 -2.52
N PRO A 1661 -29.18 -40.46 -2.82
CA PRO A 1661 -29.30 -39.08 -2.34
C PRO A 1661 -30.36 -38.32 -3.12
N VAL A 1662 -30.68 -37.13 -2.61
CA VAL A 1662 -31.67 -36.28 -3.26
C VAL A 1662 -31.12 -35.83 -4.61
N ILE A 1663 -32.04 -35.55 -5.54
CA ILE A 1663 -31.64 -35.04 -6.85
C ILE A 1663 -31.78 -33.52 -6.84
N ALA A 1664 -30.70 -32.84 -6.44
CA ALA A 1664 -30.65 -31.38 -6.45
C ALA A 1664 -29.50 -30.95 -7.35
N PRO A 1665 -29.73 -30.69 -8.63
CA PRO A 1665 -28.62 -30.34 -9.52
C PRO A 1665 -27.94 -29.04 -9.16
N LEU A 1666 -28.74 -28.01 -8.86
CA LEU A 1666 -28.15 -26.69 -8.59
C LEU A 1666 -27.47 -26.65 -7.23
N PHE A 1667 -28.01 -27.36 -6.24
CA PHE A 1667 -27.39 -27.39 -4.93
C PHE A 1667 -26.08 -28.15 -4.99
N PRO A 1668 -24.98 -27.59 -4.48
CA PRO A 1668 -23.67 -28.24 -4.64
C PRO A 1668 -23.52 -29.55 -3.89
N GLN A 1669 -23.82 -29.55 -2.59
CA GLN A 1669 -23.53 -30.71 -1.76
C GLN A 1669 -24.62 -31.77 -1.90
N LYS A 1670 -24.44 -32.87 -1.18
CA LYS A 1670 -25.38 -33.98 -1.18
C LYS A 1670 -26.35 -33.82 -0.01
N ARG A 1671 -27.64 -33.95 -0.30
CA ARG A 1671 -28.68 -33.74 0.69
C ARG A 1671 -29.49 -35.02 0.87
N GLU A 1672 -29.81 -35.34 2.12
CA GLU A 1672 -30.75 -36.41 2.43
C GLU A 1672 -32.05 -35.78 2.91
N GLU A 1673 -33.17 -36.23 2.35
CA GLU A 1673 -34.46 -35.61 2.64
C GLU A 1673 -34.83 -35.82 4.10
N GLY A 1674 -35.30 -34.75 4.74
CA GLY A 1674 -35.74 -34.82 6.12
C GLY A 1674 -37.10 -34.18 6.29
N TRP A 1675 -37.99 -34.85 7.03
CA TRP A 1675 -39.36 -34.38 7.11
C TRP A 1675 -39.65 -33.79 8.49
N TRP A 1676 -40.78 -33.08 8.58
CA TRP A 1676 -41.21 -32.40 9.81
C TRP A 1676 -42.69 -32.66 10.01
N VAL A 1677 -43.02 -33.69 10.80
CA VAL A 1677 -44.41 -33.89 11.19
C VAL A 1677 -44.77 -32.89 12.26
N VAL A 1678 -45.72 -32.00 11.95
CA VAL A 1678 -46.07 -30.88 12.80
C VAL A 1678 -47.57 -30.89 13.06
N ILE A 1679 -47.97 -30.67 14.30
CA ILE A 1679 -49.36 -30.50 14.68
C ILE A 1679 -49.54 -29.08 15.19
N GLY A 1680 -50.53 -28.38 14.66
CA GLY A 1680 -50.76 -27.01 15.08
C GLY A 1680 -52.17 -26.57 14.74
N ASP A 1681 -52.51 -25.38 15.22
CA ASP A 1681 -53.79 -24.75 14.96
C ASP A 1681 -53.56 -23.55 14.05
N ALA A 1682 -53.99 -23.67 12.80
CA ALA A 1682 -53.82 -22.57 11.85
C ALA A 1682 -54.64 -21.36 12.27
N LYS A 1683 -55.75 -21.58 12.99
CA LYS A 1683 -56.60 -20.47 13.40
C LYS A 1683 -55.87 -19.54 14.36
N SER A 1684 -55.13 -20.09 15.32
CA SER A 1684 -54.45 -19.29 16.34
C SER A 1684 -52.96 -19.17 16.10
N ASN A 1685 -52.44 -19.73 14.99
CA ASN A 1685 -51.02 -19.67 14.66
C ASN A 1685 -50.16 -20.21 15.79
N SER A 1686 -50.51 -21.39 16.29
CA SER A 1686 -49.81 -22.02 17.40
C SER A 1686 -49.22 -23.34 16.94
N LEU A 1687 -47.92 -23.53 17.17
CA LEU A 1687 -47.25 -24.79 16.87
C LEU A 1687 -47.32 -25.66 18.11
N ILE A 1688 -48.23 -26.63 18.10
CA ILE A 1688 -48.44 -27.46 19.27
C ILE A 1688 -47.26 -28.38 19.52
N SER A 1689 -46.79 -29.05 18.45
CA SER A 1689 -45.66 -29.97 18.59
C SER A 1689 -45.01 -30.16 17.22
N ILE A 1690 -43.77 -30.61 17.25
CA ILE A 1690 -42.99 -30.85 16.04
C ILE A 1690 -42.08 -32.05 16.27
N LYS A 1691 -41.95 -32.89 15.25
CA LYS A 1691 -41.12 -34.09 15.33
C LYS A 1691 -40.38 -34.26 14.01
N ARG A 1692 -39.07 -34.13 14.05
CA ARG A 1692 -38.23 -34.28 12.86
C ARG A 1692 -37.77 -35.72 12.72
N LEU A 1693 -37.80 -36.23 11.49
CA LEU A 1693 -37.42 -37.61 11.24
C LEU A 1693 -36.97 -37.78 9.79
N THR A 1694 -36.33 -38.91 9.53
CA THR A 1694 -35.99 -39.32 8.16
C THR A 1694 -36.80 -40.56 7.82
N LEU A 1695 -37.26 -40.62 6.57
CA LEU A 1695 -38.22 -41.66 6.19
C LEU A 1695 -37.59 -43.04 6.24
N GLN A 1696 -36.50 -43.25 5.48
CA GLN A 1696 -35.85 -44.55 5.36
C GLN A 1696 -36.83 -45.62 4.89
N GLN A 1697 -37.74 -45.23 3.99
CA GLN A 1697 -38.65 -46.13 3.28
C GLN A 1697 -39.75 -46.69 4.18
N LYS A 1698 -39.68 -46.43 5.48
CA LYS A 1698 -40.69 -46.87 6.43
C LYS A 1698 -40.42 -46.22 7.78
N ALA A 1699 -41.46 -45.74 8.43
CA ALA A 1699 -41.29 -45.07 9.71
C ALA A 1699 -42.60 -45.15 10.50
N LYS A 1700 -42.47 -44.92 11.81
CA LYS A 1700 -43.61 -44.99 12.73
C LYS A 1700 -43.34 -43.96 13.84
N VAL A 1701 -43.90 -42.76 13.66
CA VAL A 1701 -43.60 -41.62 14.53
C VAL A 1701 -44.83 -41.28 15.36
N LYS A 1702 -44.64 -41.14 16.66
CA LYS A 1702 -45.69 -40.70 17.57
C LYS A 1702 -45.24 -39.43 18.27
N LEU A 1703 -46.12 -38.44 18.32
CA LEU A 1703 -45.87 -37.20 19.03
C LEU A 1703 -47.07 -36.88 19.91
N ASP A 1704 -46.81 -36.27 21.07
CA ASP A 1704 -47.83 -36.05 22.07
C ASP A 1704 -47.82 -34.60 22.54
N PHE A 1705 -48.92 -34.21 23.18
CA PHE A 1705 -49.06 -32.85 23.70
C PHE A 1705 -50.14 -32.85 24.77
N VAL A 1706 -50.26 -31.72 25.45
CA VAL A 1706 -51.25 -31.56 26.52
C VAL A 1706 -52.51 -30.95 25.95
N ALA A 1707 -53.65 -31.57 26.25
CA ALA A 1707 -54.92 -31.05 25.76
C ALA A 1707 -55.25 -29.74 26.47
N PRO A 1708 -55.50 -28.66 25.74
CA PRO A 1708 -55.76 -27.36 26.37
C PRO A 1708 -57.22 -27.12 26.70
N ALA A 1709 -57.49 -26.65 27.92
CA ALA A 1709 -58.82 -26.23 28.39
C ALA A 1709 -59.79 -27.39 28.18
N THR A 1710 -61.02 -27.14 27.71
CA THR A 1710 -62.01 -28.19 27.50
C THR A 1710 -62.80 -27.87 26.24
N GLY A 1711 -63.57 -28.84 25.79
CA GLY A 1711 -64.39 -28.68 24.61
C GLY A 1711 -63.71 -29.17 23.34
N ALA A 1712 -64.42 -29.03 22.23
CA ALA A 1712 -63.93 -29.48 20.94
C ALA A 1712 -62.87 -28.50 20.43
N HIS A 1713 -61.78 -29.05 19.91
CA HIS A 1713 -60.68 -28.27 19.35
C HIS A 1713 -60.35 -28.76 17.96
N ASN A 1714 -59.89 -27.84 17.12
CA ASN A 1714 -59.54 -28.13 15.73
C ASN A 1714 -58.03 -28.01 15.56
N TYR A 1715 -57.42 -29.04 14.98
CA TYR A 1715 -55.99 -29.08 14.76
C TYR A 1715 -55.71 -29.46 13.31
N THR A 1716 -54.53 -29.06 12.84
CA THR A 1716 -54.11 -29.31 11.46
C THR A 1716 -52.77 -30.02 11.49
N LEU A 1717 -52.74 -31.27 11.03
CA LEU A 1717 -51.51 -32.04 10.97
C LEU A 1717 -50.77 -31.71 9.67
N TYR A 1718 -49.55 -31.22 9.80
CA TYR A 1718 -48.74 -30.81 8.65
C TYR A 1718 -47.63 -31.82 8.44
N PHE A 1719 -47.40 -32.17 7.18
CA PHE A 1719 -46.25 -33.00 6.79
C PHE A 1719 -45.43 -32.19 5.78
N MET A 1720 -44.19 -31.89 6.14
CA MET A 1720 -43.36 -31.00 5.34
C MET A 1720 -42.05 -31.70 4.99
N SER A 1721 -41.40 -31.18 3.96
CA SER A 1721 -40.12 -31.70 3.49
C SER A 1721 -39.11 -30.57 3.37
N ASP A 1722 -37.84 -30.91 3.54
CA ASP A 1722 -36.77 -29.95 3.37
C ASP A 1722 -36.02 -30.12 2.05
N ALA A 1723 -36.47 -31.04 1.19
CA ALA A 1723 -35.79 -31.31 -0.07
C ALA A 1723 -36.62 -30.92 -1.28
N TYR A 1724 -37.84 -31.43 -1.40
CA TYR A 1724 -38.63 -31.18 -2.59
C TYR A 1724 -39.73 -30.16 -2.30
N MET A 1725 -40.41 -29.74 -3.37
CA MET A 1725 -41.55 -28.85 -3.26
C MET A 1725 -42.78 -29.53 -3.84
N GLY A 1726 -43.94 -29.24 -3.26
CA GLY A 1726 -45.18 -29.81 -3.71
C GLY A 1726 -45.49 -31.18 -3.15
N CYS A 1727 -44.56 -31.79 -2.41
CA CYS A 1727 -44.80 -33.06 -1.75
C CYS A 1727 -45.30 -32.89 -0.33
N ASP A 1728 -45.40 -31.65 0.15
CA ASP A 1728 -45.88 -31.40 1.50
C ASP A 1728 -47.36 -31.74 1.61
N GLN A 1729 -47.72 -32.47 2.66
CA GLN A 1729 -49.09 -32.88 2.88
C GLN A 1729 -49.64 -32.14 4.10
N GLU A 1730 -50.97 -32.09 4.19
CA GLU A 1730 -51.64 -31.39 5.26
C GLU A 1730 -52.98 -32.05 5.55
N TYR A 1731 -53.22 -32.37 6.82
CA TYR A 1731 -54.44 -33.03 7.25
C TYR A 1731 -55.08 -32.22 8.36
N LYS A 1732 -56.41 -32.28 8.44
CA LYS A 1732 -57.17 -31.61 9.49
C LYS A 1732 -57.94 -32.63 10.30
N PHE A 1733 -57.81 -32.56 11.62
CA PHE A 1733 -58.52 -33.44 12.53
C PHE A 1733 -59.02 -32.64 13.72
N SER A 1734 -60.07 -33.15 14.35
CA SER A 1734 -60.64 -32.53 15.54
C SER A 1734 -60.63 -33.51 16.70
N VAL A 1735 -60.46 -32.96 17.90
CA VAL A 1735 -60.46 -33.73 19.12
C VAL A 1735 -61.42 -33.08 20.11
N ASP A 1736 -61.88 -33.87 21.09
CA ASP A 1736 -62.77 -33.39 22.12
C ASP A 1736 -62.13 -33.60 23.48
N VAL A 1737 -62.30 -32.63 24.36
CA VAL A 1737 -61.68 -32.63 25.68
C VAL A 1737 -62.77 -32.76 26.73
N LYS A 1738 -62.63 -33.75 27.61
CA LYS A 1738 -63.63 -34.01 28.64
C LYS A 1738 -62.98 -34.08 30.02
N THR B 14 24.26 39.75 19.67
CA THR B 14 23.59 38.91 18.69
C THR B 14 24.54 37.86 18.12
N GLU B 15 25.43 37.36 18.97
CA GLU B 15 26.37 36.32 18.60
C GLU B 15 25.76 34.92 18.70
N TRP B 16 24.41 34.85 18.74
CA TRP B 16 23.76 33.54 18.82
C TRP B 16 24.03 32.72 17.58
N ARG B 17 24.24 33.37 16.43
CA ARG B 17 24.56 32.62 15.21
C ARG B 17 25.92 31.94 15.32
N VAL B 18 26.93 32.67 15.80
CA VAL B 18 28.25 32.08 16.00
C VAL B 18 28.18 30.96 17.03
N ARG B 19 27.45 31.20 18.12
CA ARG B 19 27.31 30.18 19.15
C ARG B 19 26.60 28.94 18.62
N ALA B 20 25.59 29.12 17.77
CA ALA B 20 24.87 27.98 17.20
C ALA B 20 25.76 27.20 16.24
N ILE B 21 26.54 27.91 15.43
CA ILE B 21 27.49 27.22 14.54
C ILE B 21 28.48 26.40 15.35
N SER B 22 28.97 26.97 16.45
CA SER B 22 29.89 26.22 17.30
C SER B 22 29.22 25.02 17.94
N ALA B 23 27.97 25.19 18.41
CA ALA B 23 27.29 24.13 19.12
C ALA B 23 26.80 23.03 18.19
N ALA B 24 26.76 23.31 16.88
CA ALA B 24 26.37 22.27 15.93
C ALA B 24 27.32 21.09 15.98
N ASN B 25 28.60 21.35 16.23
CA ASN B 25 29.61 20.29 16.34
C ASN B 25 29.83 19.91 17.80
N LEU B 26 28.75 19.48 18.45
CA LEU B 26 28.79 19.05 19.84
C LEU B 26 28.80 17.55 20.01
N HIS B 27 28.46 16.79 18.97
CA HIS B 27 28.50 15.33 19.07
C HIS B 27 29.92 14.82 19.13
N LEU B 28 30.88 15.57 18.54
CA LEU B 28 32.27 15.12 18.54
C LEU B 28 32.81 14.95 19.95
N ARG B 29 32.46 15.88 20.84
CA ARG B 29 32.92 15.79 22.23
C ARG B 29 32.44 14.51 22.89
N THR B 30 31.35 13.93 22.39
CA THR B 30 30.84 12.71 22.99
C THR B 30 31.74 11.51 22.72
N ASN B 31 32.73 11.65 21.83
CA ASN B 31 33.59 10.50 21.52
C ASN B 31 34.53 10.18 22.67
N HIS B 32 34.81 11.13 23.54
CA HIS B 32 35.70 10.91 24.68
C HIS B 32 35.18 11.69 25.88
N ILE B 33 35.08 11.02 27.02
CA ILE B 33 34.60 11.63 28.25
C ILE B 33 35.50 11.17 29.40
N TYR B 34 35.98 12.11 30.19
CA TYR B 34 36.78 11.80 31.37
C TYR B 34 35.96 12.03 32.63
N VAL B 35 36.04 11.08 33.56
CA VAL B 35 35.28 11.13 34.80
C VAL B 35 36.27 11.19 35.96
N SER B 36 36.10 12.18 36.83
CA SER B 36 36.95 12.28 38.01
C SER B 36 36.77 11.07 38.91
N SER B 37 37.86 10.62 39.51
CA SER B 37 37.83 9.46 40.38
C SER B 37 39.08 9.48 41.27
N ASP B 38 39.16 8.47 42.15
CA ASP B 38 40.33 8.20 42.99
C ASP B 38 40.49 9.23 44.10
N ASP B 39 39.65 10.27 44.09
CA ASP B 39 39.70 11.26 45.15
C ASP B 39 38.58 11.03 46.17
N ILE B 40 37.67 10.10 45.86
CA ILE B 40 36.44 9.96 46.63
C ILE B 40 36.65 9.00 47.78
N LYS B 41 36.07 9.33 48.92
CA LYS B 41 36.03 8.40 50.05
C LYS B 41 35.19 7.19 49.68
N GLU B 42 35.67 6.00 50.05
CA GLU B 42 34.96 4.78 49.69
C GLU B 42 33.61 4.69 50.41
N THR B 43 33.52 5.26 51.60
CA THR B 43 32.25 5.27 52.33
C THR B 43 31.24 6.15 51.60
N GLY B 44 29.96 5.77 51.71
CA GLY B 44 28.90 6.51 51.08
C GLY B 44 28.39 5.85 49.81
N TYR B 45 27.42 6.51 49.20
CA TYR B 45 26.78 5.98 48.01
C TYR B 45 27.68 6.11 46.79
N THR B 46 27.40 5.26 45.80
CA THR B 46 28.05 5.32 44.50
C THR B 46 26.98 5.45 43.44
N TYR B 47 27.15 6.44 42.55
CA TYR B 47 26.13 6.77 41.57
C TYR B 47 26.57 6.30 40.19
N ILE B 48 25.63 5.72 39.44
CA ILE B 48 25.90 5.15 38.13
C ILE B 48 25.00 5.87 37.12
N LEU B 49 25.62 6.42 36.09
CA LEU B 49 24.93 7.18 35.06
C LEU B 49 24.96 6.42 33.73
N PRO B 50 23.83 6.21 33.07
CA PRO B 50 23.86 5.59 31.75
C PRO B 50 24.49 6.52 30.72
N LYS B 51 25.07 5.92 29.68
CA LYS B 51 25.79 6.70 28.68
C LYS B 51 24.86 7.43 27.72
N ASN B 52 23.72 6.84 27.38
CA ASN B 52 22.86 7.44 26.35
C ASN B 52 22.31 8.78 26.81
N VAL B 53 21.85 8.86 28.05
CA VAL B 53 21.29 10.12 28.54
C VAL B 53 22.38 11.17 28.65
N LEU B 54 23.59 10.77 29.02
CA LEU B 54 24.69 11.73 29.09
C LEU B 54 25.03 12.25 27.70
N LYS B 55 25.06 11.37 26.70
CA LYS B 55 25.36 11.80 25.33
C LYS B 55 24.29 12.76 24.83
N LYS B 56 23.02 12.43 25.07
CA LYS B 56 21.94 13.32 24.63
C LYS B 56 22.00 14.66 25.37
N PHE B 57 22.30 14.63 26.66
CA PHE B 57 22.38 15.86 27.44
C PHE B 57 23.50 16.76 26.94
N ILE B 58 24.64 16.16 26.58
CA ILE B 58 25.75 16.94 26.04
C ILE B 58 25.37 17.50 24.67
N CYS B 59 24.69 16.69 23.85
CA CYS B 59 24.32 17.13 22.51
C CYS B 59 23.35 18.31 22.57
N ILE B 60 22.41 18.30 23.51
CA ILE B 60 21.40 19.37 23.58
C ILE B 60 21.88 20.58 24.36
N SER B 61 23.14 20.63 24.76
CA SER B 61 23.64 21.71 25.60
C SER B 61 24.17 22.87 24.75
N ASP B 62 24.78 23.83 25.42
CA ASP B 62 25.39 24.98 24.77
C ASP B 62 26.75 25.23 25.42
N LEU B 63 27.66 25.85 24.64
CA LEU B 63 29.02 26.06 25.13
C LEU B 63 29.10 27.20 26.13
N ARG B 64 28.25 28.22 25.98
CA ARG B 64 28.33 29.40 26.81
C ARG B 64 27.14 29.62 27.73
N ALA B 65 26.08 28.82 27.60
CA ALA B 65 24.92 28.94 28.46
C ALA B 65 24.71 27.61 29.18
N GLN B 66 24.70 27.66 30.51
CA GLN B 66 24.52 26.45 31.30
C GLN B 66 23.08 25.95 31.19
N ILE B 67 22.92 24.64 31.14
CA ILE B 67 21.63 23.99 31.21
C ILE B 67 21.68 22.97 32.33
N ALA B 68 20.50 22.60 32.85
CA ALA B 68 20.43 21.70 33.98
C ALA B 68 19.26 20.75 33.81
N GLY B 69 19.35 19.60 34.49
CA GLY B 69 18.29 18.63 34.48
C GLY B 69 18.24 17.83 35.77
N TYR B 70 17.05 17.68 36.34
CA TYR B 70 16.91 16.94 37.59
C TYR B 70 17.14 15.46 37.37
N LEU B 71 17.71 14.80 38.37
CA LEU B 71 18.04 13.38 38.30
C LEU B 71 17.09 12.57 39.16
N TYR B 72 16.55 11.50 38.59
CA TYR B 72 15.72 10.57 39.34
C TYR B 72 16.27 9.17 39.16
N GLY B 73 16.26 8.38 40.23
CA GLY B 73 16.87 7.08 40.16
C GLY B 73 16.41 6.16 41.27
N VAL B 74 16.88 4.92 41.19
CA VAL B 74 16.55 3.87 42.14
C VAL B 74 17.78 3.02 42.39
N SER B 75 17.92 2.55 43.63
CA SER B 75 18.98 1.61 43.93
C SER B 75 18.67 0.26 43.30
N PRO B 76 19.68 -0.44 42.77
CA PRO B 76 19.44 -1.80 42.30
C PRO B 76 19.04 -2.70 43.45
N PRO B 77 18.26 -3.75 43.19
CA PRO B 77 17.75 -4.58 44.28
C PRO B 77 18.84 -5.22 45.13
N ASP B 78 20.01 -5.48 44.53
CA ASP B 78 21.07 -6.18 45.26
C ASP B 78 21.53 -5.38 46.47
N ASN B 79 22.10 -4.20 46.24
CA ASN B 79 22.67 -3.43 47.33
C ASN B 79 22.15 -2.00 47.31
N PRO B 80 22.00 -1.37 48.49
CA PRO B 80 21.55 0.03 48.55
C PRO B 80 22.67 1.06 48.52
N GLN B 81 23.93 0.65 48.39
CA GLN B 81 25.04 1.58 48.32
C GLN B 81 25.31 2.07 46.91
N VAL B 82 24.52 1.63 45.94
CA VAL B 82 24.65 2.04 44.54
C VAL B 82 23.34 2.69 44.12
N LYS B 83 23.42 3.85 43.48
CA LYS B 83 22.26 4.54 42.95
C LYS B 83 22.32 4.54 41.45
N GLU B 84 21.28 3.99 40.82
CA GLU B 84 21.17 3.97 39.36
C GLU B 84 20.26 5.11 38.93
N ILE B 85 20.81 6.04 38.15
CA ILE B 85 20.06 7.19 37.65
C ILE B 85 19.26 6.76 36.43
N ARG B 86 17.95 6.62 36.59
CA ARG B 86 17.15 6.02 35.53
C ARG B 86 16.56 7.07 34.59
N CYS B 87 16.52 8.33 35.01
CA CYS B 87 15.86 9.36 34.22
C CYS B 87 16.50 10.70 34.47
N ILE B 88 16.36 11.59 33.48
CA ILE B 88 16.76 12.99 33.58
C ILE B 88 15.57 13.83 33.15
N VAL B 89 15.23 14.83 33.96
CA VAL B 89 14.05 15.66 33.73
C VAL B 89 14.51 17.06 33.35
N MET B 90 14.06 17.52 32.18
CA MET B 90 14.32 18.87 31.72
C MET B 90 13.12 19.75 32.04
N VAL B 91 13.36 20.92 32.61
CA VAL B 91 12.30 21.81 33.06
C VAL B 91 12.49 23.18 32.40
N PRO B 92 11.44 24.00 32.28
CA PRO B 92 11.61 25.33 31.69
C PRO B 92 12.65 26.13 32.46
N GLN B 93 13.74 26.47 31.77
CA GLN B 93 14.91 26.99 32.45
C GLN B 93 15.61 27.99 31.54
N TRP B 94 16.45 28.82 32.14
CA TRP B 94 17.31 29.69 31.35
C TRP B 94 18.57 29.97 32.15
N GLY B 95 19.73 29.90 31.50
CA GLY B 95 20.99 29.95 32.20
C GLY B 95 21.94 30.97 31.61
N THR B 96 22.73 31.57 32.49
CA THR B 96 23.86 32.39 32.11
C THR B 96 25.10 31.51 32.06
N HIS B 97 26.28 32.13 31.97
CA HIS B 97 27.52 31.36 32.02
C HIS B 97 27.94 31.02 33.44
N GLN B 98 27.19 31.45 34.45
CA GLN B 98 27.52 31.17 35.84
C GLN B 98 26.48 30.34 36.58
N THR B 99 25.21 30.42 36.19
CA THR B 99 24.15 29.75 36.95
C THR B 99 22.98 29.45 36.02
N VAL B 100 22.07 28.62 36.53
CA VAL B 100 20.86 28.24 35.82
C VAL B 100 19.66 28.63 36.66
N HIS B 101 18.68 29.28 36.05
CA HIS B 101 17.44 29.62 36.71
C HIS B 101 16.38 28.59 36.30
N LEU B 102 15.80 27.95 37.30
CA LEU B 102 14.84 26.87 37.20
C LEU B 102 13.58 27.26 37.97
N PRO B 103 12.43 26.69 37.62
CA PRO B 103 11.21 27.01 38.36
C PRO B 103 11.25 26.44 39.77
N GLY B 104 10.46 27.06 40.64
CA GLY B 104 10.41 26.60 42.03
C GLY B 104 9.85 25.21 42.16
N GLN B 105 8.87 24.87 41.32
CA GLN B 105 8.21 23.57 41.43
C GLN B 105 9.16 22.45 41.03
N LEU B 106 9.24 21.43 41.88
CA LEU B 106 9.95 20.22 41.53
C LEU B 106 9.12 19.38 40.57
N PRO B 107 9.76 18.68 39.64
CA PRO B 107 9.01 17.86 38.67
C PRO B 107 8.19 16.79 39.36
N GLN B 108 6.97 16.58 38.88
CA GLN B 108 6.04 15.62 39.46
C GLN B 108 5.33 14.89 38.33
N HIS B 109 5.48 13.57 38.29
CA HIS B 109 4.84 12.78 37.26
C HIS B 109 4.73 11.34 37.75
N GLU B 110 3.82 10.59 37.11
CA GLU B 110 3.55 9.22 37.55
C GLU B 110 4.80 8.36 37.55
N TYR B 111 5.56 8.38 36.45
CA TYR B 111 6.77 7.57 36.38
C TYR B 111 7.79 7.97 37.43
N LEU B 112 7.68 9.21 37.95
CA LEU B 112 8.62 9.66 38.96
C LEU B 112 8.26 9.17 40.35
N LYS B 113 7.11 8.51 40.51
CA LYS B 113 6.71 8.03 41.83
C LYS B 113 7.65 6.95 42.34
N GLU B 114 8.04 6.02 41.46
CA GLU B 114 8.89 4.91 41.90
C GLU B 114 10.33 5.35 42.11
N MET B 115 10.77 6.39 41.41
CA MET B 115 12.15 6.81 41.44
C MET B 115 12.34 7.96 42.42
N GLU B 116 13.35 7.85 43.27
CA GLU B 116 13.62 8.93 44.20
C GLU B 116 14.49 10.00 43.54
N PRO B 117 14.33 11.26 43.91
CA PRO B 117 15.24 12.30 43.42
C PRO B 117 16.65 12.05 43.92
N LEU B 118 17.63 12.34 43.05
CA LEU B 118 19.03 12.13 43.38
C LEU B 118 19.87 13.37 43.16
N GLY B 119 19.25 14.53 42.94
CA GLY B 119 20.01 15.74 42.71
C GLY B 119 19.80 16.30 41.32
N TRP B 120 20.84 16.88 40.74
CA TRP B 120 20.73 17.49 39.42
C TRP B 120 22.08 17.49 38.73
N ILE B 121 22.04 17.66 37.41
CA ILE B 121 23.23 17.67 36.57
C ILE B 121 23.20 18.92 35.71
N HIS B 122 24.33 19.60 35.60
CA HIS B 122 24.40 20.83 34.82
C HIS B 122 25.75 20.94 34.13
N THR B 123 25.78 21.64 33.00
CA THR B 123 27.02 21.90 32.31
C THR B 123 27.60 23.25 32.71
N GLN B 124 28.89 23.42 32.49
CA GLN B 124 29.52 24.72 32.66
C GLN B 124 30.56 24.95 31.58
N PRO B 125 30.78 26.21 31.19
CA PRO B 125 31.72 26.47 30.08
C PRO B 125 33.15 26.08 30.40
N ASN B 126 33.67 26.51 31.55
CA ASN B 126 35.07 26.33 31.89
C ASN B 126 35.19 25.37 33.06
N GLU B 127 36.04 24.35 32.91
CA GLU B 127 36.32 23.43 34.01
C GLU B 127 36.95 24.17 35.17
N SER B 128 36.45 23.89 36.38
CA SER B 128 36.97 24.51 37.59
C SER B 128 37.28 23.44 38.62
N PRO B 129 38.40 23.59 39.34
CA PRO B 129 38.73 22.57 40.36
C PRO B 129 37.71 22.48 41.48
N GLN B 130 37.10 23.60 41.88
CA GLN B 130 36.17 23.62 42.99
C GLN B 130 34.74 23.50 42.49
N LEU B 131 33.80 23.56 43.42
CA LEU B 131 32.38 23.58 43.11
C LEU B 131 31.88 25.01 43.17
N SER B 132 31.08 25.40 42.18
CA SER B 132 30.66 26.79 42.07
C SER B 132 29.79 27.17 43.26
N PRO B 133 30.06 28.31 43.92
CA PRO B 133 29.18 28.75 45.01
C PRO B 133 27.75 28.99 44.56
N GLN B 134 27.53 29.37 43.30
CA GLN B 134 26.18 29.46 42.80
C GLN B 134 25.50 28.10 42.80
N ASP B 135 26.22 27.06 42.40
CA ASP B 135 25.67 25.71 42.45
C ASP B 135 25.38 25.29 43.89
N VAL B 136 26.28 25.61 44.81
CA VAL B 136 26.06 25.29 46.22
C VAL B 136 24.79 25.97 46.72
N THR B 137 24.64 27.25 46.41
CA THR B 137 23.46 28.00 46.84
C THR B 137 22.19 27.43 46.24
N THR B 138 22.22 27.08 44.95
CA THR B 138 21.04 26.53 44.31
C THR B 138 20.64 25.20 44.96
N HIS B 139 21.63 24.33 45.19
CA HIS B 139 21.33 23.04 45.80
C HIS B 139 20.78 23.22 47.21
N ALA B 140 21.38 24.10 48.00
CA ALA B 140 20.90 24.32 49.36
C ALA B 140 19.49 24.89 49.37
N LYS B 141 19.20 25.83 48.47
CA LYS B 141 17.87 26.42 48.43
C LYS B 141 16.83 25.40 47.97
N ILE B 142 17.17 24.53 47.02
CA ILE B 142 16.23 23.47 46.64
C ILE B 142 15.98 22.54 47.82
N MET B 143 17.04 22.16 48.54
CA MET B 143 16.87 21.34 49.73
C MET B 143 15.93 22.00 50.73
N ALA B 144 16.13 23.29 50.99
CA ALA B 144 15.30 23.99 51.97
C ALA B 144 13.84 24.07 51.51
N ASP B 145 13.64 24.35 50.21
CA ASP B 145 12.27 24.52 49.71
C ASP B 145 11.50 23.20 49.75
N ASN B 146 12.13 22.12 49.28
CA ASN B 146 11.43 20.84 49.23
C ASN B 146 12.19 19.82 50.06
N PRO B 147 11.54 19.22 51.07
CA PRO B 147 12.23 18.24 51.92
C PRO B 147 12.38 16.88 51.27
N SER B 148 11.82 16.67 50.08
CA SER B 148 11.97 15.38 49.40
C SER B 148 13.44 15.10 49.09
N TRP B 149 14.25 16.15 48.92
CA TRP B 149 15.67 16.00 48.65
C TRP B 149 16.39 15.75 49.97
N ASP B 150 16.88 14.53 50.16
CA ASP B 150 17.68 14.23 51.34
C ASP B 150 19.02 14.94 51.27
N GLY B 151 19.58 15.23 52.44
CA GLY B 151 20.85 15.94 52.47
C GLY B 151 22.01 15.15 51.91
N GLU B 152 22.00 13.83 52.12
CA GLU B 152 23.11 12.98 51.75
C GLU B 152 22.87 12.17 50.48
N LYS B 153 21.64 12.10 49.99
CA LYS B 153 21.30 11.26 48.85
C LYS B 153 21.23 12.02 47.54
N THR B 154 21.47 13.33 47.54
CA THR B 154 21.38 14.15 46.34
C THR B 154 22.75 14.70 45.98
N ILE B 155 23.04 14.78 44.69
CA ILE B 155 24.35 15.19 44.20
C ILE B 155 24.21 16.18 43.06
N ILE B 156 25.24 17.00 42.92
CA ILE B 156 25.40 17.95 41.82
C ILE B 156 26.41 17.35 40.86
N ILE B 157 25.98 17.07 39.64
CA ILE B 157 26.88 16.51 38.63
C ILE B 157 27.26 17.59 37.63
N THR B 158 28.48 18.08 37.71
CA THR B 158 28.92 19.10 36.77
C THR B 158 29.62 18.45 35.58
N CYS B 159 29.15 18.78 34.39
CA CYS B 159 29.75 18.31 33.14
C CYS B 159 30.42 19.50 32.46
N SER B 160 31.67 19.75 32.83
CA SER B 160 32.37 20.92 32.33
C SER B 160 32.93 20.64 30.94
N PHE B 161 32.95 21.69 30.12
CA PHE B 161 33.42 21.60 28.75
C PHE B 161 34.88 22.02 28.68
N THR B 162 35.70 21.18 28.06
CA THR B 162 37.12 21.43 27.87
C THR B 162 37.42 21.21 26.40
N PRO B 163 38.52 21.78 25.89
CA PRO B 163 38.88 21.53 24.49
C PRO B 163 39.02 20.04 24.22
N GLY B 164 38.27 19.56 23.23
CA GLY B 164 38.27 18.16 22.89
C GLY B 164 37.16 17.35 23.53
N SER B 165 37.15 17.28 24.86
CA SER B 165 36.23 16.40 25.58
C SER B 165 35.50 17.16 26.66
N CYS B 166 34.68 16.43 27.41
CA CYS B 166 33.92 16.97 28.54
C CYS B 166 34.26 16.17 29.79
N THR B 167 34.49 16.88 30.90
CA THR B 167 34.94 16.24 32.13
C THR B 167 33.80 16.21 33.14
N LEU B 168 33.27 15.02 33.38
CA LEU B 168 32.24 14.83 34.40
C LEU B 168 32.84 14.80 35.79
N THR B 169 32.11 15.35 36.75
CA THR B 169 32.46 15.18 38.16
C THR B 169 31.20 15.37 38.99
N ALA B 170 31.25 14.88 40.22
CA ALA B 170 30.08 14.88 41.09
C ALA B 170 30.45 15.40 42.46
N TYR B 171 29.48 16.05 43.12
CA TYR B 171 29.68 16.61 44.44
C TYR B 171 28.42 16.40 45.27
N LYS B 172 28.59 16.45 46.59
CA LYS B 172 27.50 16.44 47.55
C LYS B 172 27.74 17.54 48.57
N LEU B 173 26.69 17.92 49.28
CA LEU B 173 26.81 19.00 50.26
C LEU B 173 26.94 18.44 51.67
N THR B 174 27.94 18.94 52.40
CA THR B 174 28.05 18.67 53.82
C THR B 174 27.00 19.47 54.58
N PRO B 175 26.68 19.07 55.81
CA PRO B 175 25.70 19.87 56.59
C PRO B 175 26.09 21.32 56.77
N SER B 176 27.37 21.61 56.96
CA SER B 176 27.81 23.00 57.05
C SER B 176 27.56 23.74 55.74
N GLY B 177 27.86 23.09 54.61
CA GLY B 177 27.60 23.71 53.32
C GLY B 177 26.13 23.96 53.08
N TYR B 178 25.28 23.01 53.46
CA TYR B 178 23.84 23.21 53.35
C TYR B 178 23.35 24.34 54.24
N GLU B 179 23.89 24.46 55.45
CA GLU B 179 23.53 25.59 56.30
C GLU B 179 23.95 26.92 55.69
N TRP B 180 25.17 26.97 55.13
CA TRP B 180 25.66 28.22 54.57
C TRP B 180 24.87 28.61 53.31
N GLY B 181 24.55 27.65 52.46
CA GLY B 181 23.92 27.93 51.20
C GLY B 181 22.54 28.56 51.30
N ARG B 182 21.70 28.08 52.20
CA ARG B 182 20.35 28.60 52.32
C ARG B 182 20.37 30.07 52.73
N GLN B 183 21.29 30.43 53.63
CA GLN B 183 21.39 31.81 54.11
C GLN B 183 22.26 32.68 53.20
N ASN B 184 22.96 32.09 52.25
CA ASN B 184 23.79 32.87 51.32
C ASN B 184 22.87 33.60 50.34
N THR B 185 23.09 34.92 50.21
CA THR B 185 22.33 35.74 49.28
C THR B 185 23.20 36.28 48.14
N ASP B 186 24.49 36.50 48.39
CA ASP B 186 25.39 36.99 47.37
C ASP B 186 25.50 35.98 46.22
N LYS B 187 25.46 36.49 44.99
CA LYS B 187 25.53 35.67 43.80
C LYS B 187 26.81 35.90 43.01
N GLY B 188 27.82 36.52 43.63
CA GLY B 188 29.07 36.75 42.96
C GLY B 188 29.93 35.50 42.90
N ASN B 189 31.09 35.66 42.26
CA ASN B 189 32.03 34.54 42.17
C ASN B 189 32.60 34.18 43.53
N ASN B 190 32.84 35.18 44.37
CA ASN B 190 33.41 34.95 45.70
C ASN B 190 32.43 35.47 46.76
N PRO B 191 31.48 34.66 47.21
CA PRO B 191 30.55 35.11 48.25
C PRO B 191 31.26 35.18 49.61
N LYS B 192 30.49 35.64 50.60
CA LYS B 192 31.01 35.75 51.95
C LYS B 192 30.94 34.41 52.67
N GLY B 193 32.05 34.02 53.30
CA GLY B 193 32.09 32.81 54.09
C GLY B 193 31.88 31.53 53.31
N TYR B 194 32.56 31.40 52.18
CA TYR B 194 32.50 30.19 51.36
C TYR B 194 33.83 29.47 51.44
N LEU B 195 33.78 28.19 51.81
CA LEU B 195 35.01 27.42 52.02
C LEU B 195 34.86 26.01 51.45
N PRO B 196 35.95 25.34 51.09
CA PRO B 196 35.84 24.00 50.49
C PRO B 196 35.26 22.95 51.42
N SER B 197 35.20 23.21 52.73
CA SER B 197 34.59 22.24 53.64
C SER B 197 33.11 22.08 53.37
N HIS B 198 32.52 23.00 52.60
CA HIS B 198 31.08 22.95 52.33
C HIS B 198 30.70 21.72 51.51
N TYR B 199 31.50 21.38 50.52
CA TYR B 199 31.16 20.31 49.59
C TYR B 199 32.10 19.13 49.75
N GLU B 200 31.74 18.02 49.10
CA GLU B 200 32.49 16.78 49.15
C GLU B 200 32.34 16.09 47.80
N ARG B 201 33.26 15.18 47.50
CA ARG B 201 33.26 14.50 46.21
C ARG B 201 32.70 13.09 46.38
N VAL B 202 31.71 12.75 45.55
CA VAL B 202 31.19 11.39 45.55
C VAL B 202 31.69 10.64 44.32
N GLN B 203 31.56 9.32 44.36
CA GLN B 203 32.04 8.47 43.28
C GLN B 203 30.94 8.26 42.25
N MET B 204 31.29 8.45 40.98
CA MET B 204 30.34 8.30 39.89
C MET B 204 30.97 7.47 38.79
N LEU B 205 30.17 6.57 38.22
CA LEU B 205 30.61 5.70 37.14
C LEU B 205 29.62 5.76 35.99
N LEU B 206 30.13 5.87 34.76
CA LEU B 206 29.32 5.78 33.57
C LEU B 206 29.23 4.33 33.13
N SER B 207 28.01 3.86 32.90
CA SER B 207 27.80 2.47 32.52
C SER B 207 26.80 2.38 31.38
N ASP B 208 27.07 1.50 30.44
CA ASP B 208 26.18 1.27 29.31
C ASP B 208 25.40 -0.03 29.44
N ARG B 209 25.35 -0.62 30.63
CA ARG B 209 24.63 -1.87 30.81
C ARG B 209 23.13 -1.65 30.94
N PHE B 210 22.68 -0.41 31.10
CA PHE B 210 21.26 -0.11 31.12
C PHE B 210 21.03 1.27 30.50
N LEU B 211 19.78 1.55 30.18
CA LEU B 211 19.41 2.76 29.46
C LEU B 211 18.46 3.60 30.30
N GLY B 212 18.69 4.92 30.28
CA GLY B 212 17.78 5.86 30.89
C GLY B 212 16.95 6.58 29.83
N PHE B 213 16.03 7.41 30.31
CA PHE B 213 15.14 8.14 29.43
C PHE B 213 15.06 9.60 29.88
N PHE B 214 14.27 10.37 29.14
CA PHE B 214 14.09 11.79 29.39
C PHE B 214 12.62 12.11 29.58
N MET B 215 12.36 13.15 30.35
CA MET B 215 11.02 13.72 30.48
C MET B 215 11.12 15.22 30.24
N VAL B 216 10.25 15.74 29.39
CA VAL B 216 10.34 17.13 28.95
C VAL B 216 9.00 17.82 29.17
N PRO B 217 8.97 19.14 29.33
CA PRO B 217 7.68 19.82 29.59
C PRO B 217 6.70 19.60 28.46
N ALA B 218 5.43 19.44 28.82
CA ALA B 218 4.39 19.27 27.83
C ALA B 218 3.84 20.64 27.40
N GLN B 219 3.41 20.71 26.15
CA GLN B 219 2.82 21.91 25.55
C GLN B 219 3.84 23.03 25.37
N SER B 220 5.08 22.78 25.75
CA SER B 220 6.15 23.75 25.58
C SER B 220 7.48 23.01 25.40
N SER B 221 8.58 23.73 25.53
CA SER B 221 9.91 23.14 25.46
C SER B 221 10.72 23.60 26.66
N TRP B 222 11.81 22.87 26.93
CA TRP B 222 12.59 23.15 28.13
C TRP B 222 13.34 24.47 28.02
N ASN B 223 13.85 24.79 26.83
CA ASN B 223 14.73 25.94 26.68
C ASN B 223 13.93 27.23 26.69
N TYR B 224 14.37 28.18 27.52
CA TYR B 224 13.76 29.51 27.59
C TYR B 224 14.80 30.61 27.52
N ASN B 225 16.00 30.31 27.00
CA ASN B 225 17.06 31.31 26.95
C ASN B 225 16.70 32.46 26.02
N PHE B 226 15.99 32.16 24.93
CA PHE B 226 15.65 33.22 23.98
C PHE B 226 14.38 33.95 24.40
N MET B 227 13.33 33.20 24.77
CA MET B 227 12.08 33.80 25.25
C MET B 227 12.12 33.91 26.77
N GLY B 228 13.21 34.51 27.26
CA GLY B 228 13.42 34.59 28.70
C GLY B 228 12.33 35.37 29.41
N VAL B 229 11.77 36.37 28.74
CA VAL B 229 10.72 37.19 29.35
C VAL B 229 9.51 36.32 29.69
N ARG B 230 9.34 35.20 28.98
CA ARG B 230 8.21 34.35 29.30
C ARG B 230 8.51 33.34 30.40
N HIS B 231 9.60 33.50 31.16
CA HIS B 231 9.97 32.56 32.21
C HIS B 231 9.78 33.23 33.56
N ASP B 232 9.02 32.57 34.45
CA ASP B 232 8.79 33.05 35.81
C ASP B 232 9.12 31.94 36.78
N PRO B 233 9.79 32.25 37.89
CA PRO B 233 10.14 31.19 38.86
C PRO B 233 8.94 30.47 39.44
N ASN B 234 7.76 31.10 39.45
CA ASN B 234 6.57 30.48 40.00
C ASN B 234 5.76 29.72 38.96
N MET B 235 6.26 29.57 37.74
CA MET B 235 5.49 28.94 36.68
C MET B 235 5.26 27.46 37.00
N LYS B 236 4.16 26.92 36.49
CA LYS B 236 3.82 25.51 36.63
C LYS B 236 3.94 24.83 35.27
N TYR B 237 4.21 23.53 35.31
CA TYR B 237 4.40 22.75 34.10
C TYR B 237 4.02 21.30 34.35
N GLU B 238 3.80 20.58 33.26
CA GLU B 238 3.50 19.15 33.29
C GLU B 238 4.45 18.42 32.37
N LEU B 239 4.99 17.31 32.85
CA LEU B 239 6.00 16.58 32.10
C LEU B 239 5.34 15.59 31.14
N GLN B 240 6.12 15.17 30.14
CA GLN B 240 5.73 14.15 29.19
C GLN B 240 6.96 13.34 28.82
N LEU B 241 6.72 12.12 28.36
CA LEU B 241 7.80 11.17 28.07
C LEU B 241 8.24 11.36 26.63
N ALA B 242 9.27 12.17 26.43
CA ALA B 242 9.80 12.42 25.09
C ALA B 242 11.21 12.96 25.20
N ASN B 243 12.02 12.67 24.19
CA ASN B 243 13.39 13.16 24.18
C ASN B 243 13.43 14.66 23.93
N PRO B 244 14.34 15.39 24.57
CA PRO B 244 14.38 16.84 24.40
C PRO B 244 14.96 17.24 23.06
N LYS B 245 14.70 18.49 22.70
CA LYS B 245 15.25 19.07 21.47
C LYS B 245 16.52 19.85 21.80
N GLU B 246 17.35 20.03 20.77
CA GLU B 246 18.63 20.69 20.97
C GLU B 246 18.45 22.16 21.32
N PHE B 247 19.53 22.79 21.77
CA PHE B 247 19.48 24.14 22.30
C PHE B 247 18.97 25.15 21.28
N TYR B 248 19.42 25.05 20.03
CA TYR B 248 19.06 26.02 19.00
C TYR B 248 17.98 25.48 18.06
N HIS B 249 17.11 24.62 18.56
CA HIS B 249 16.01 24.12 17.75
C HIS B 249 15.07 25.28 17.40
N GLU B 250 14.37 25.12 16.27
CA GLU B 250 13.54 26.21 15.76
C GLU B 250 12.48 26.62 16.76
N VAL B 251 11.87 25.66 17.45
CA VAL B 251 10.81 25.98 18.40
C VAL B 251 11.35 26.76 19.59
N HIS B 252 12.67 26.70 19.83
CA HIS B 252 13.22 27.41 20.98
C HIS B 252 13.42 28.88 20.70
N ARG B 253 13.49 29.29 19.43
CA ARG B 253 13.70 30.68 19.05
C ARG B 253 12.73 31.05 17.93
N PRO B 254 11.44 31.15 18.23
CA PRO B 254 10.48 31.53 17.18
C PRO B 254 10.62 32.98 16.74
N SER B 255 11.16 33.85 17.61
CA SER B 255 11.31 35.25 17.26
C SER B 255 12.28 35.44 16.11
N HIS B 256 13.35 34.65 16.03
CA HIS B 256 14.29 34.76 14.92
C HIS B 256 13.62 34.46 13.59
N PHE B 257 12.75 33.45 13.56
CA PHE B 257 12.09 33.07 12.31
C PHE B 257 10.99 34.07 11.96
N LEU B 258 10.27 34.57 12.96
CA LEU B 258 9.18 35.50 12.69
C LEU B 258 9.71 36.87 12.25
N ASN B 259 10.76 37.36 12.91
CA ASN B 259 11.28 38.68 12.59
C ASN B 259 11.89 38.71 11.20
N PHE B 260 12.54 37.62 10.79
CA PHE B 260 13.10 37.57 9.45
C PHE B 260 12.01 37.65 8.39
N ALA B 261 10.88 36.97 8.62
CA ALA B 261 9.74 37.09 7.72
C ALA B 261 9.24 38.53 7.69
N LEU B 262 9.25 39.20 8.84
CA LEU B 262 8.89 40.61 8.89
C LEU B 262 9.85 41.45 8.05
N LEU B 263 11.12 41.04 7.98
CA LEU B 263 12.10 41.71 7.14
C LEU B 263 11.79 41.49 5.67
N PRO C 153 43.16 21.87 31.55
CA PRO C 153 43.02 20.44 31.30
C PRO C 153 43.68 19.58 32.38
N ASP C 154 42.90 19.19 33.40
CA ASP C 154 43.47 18.38 34.47
C ASP C 154 43.66 16.93 34.05
N TYR C 155 42.92 16.47 33.04
CA TYR C 155 43.03 15.08 32.60
C TYR C 155 44.41 14.79 32.04
N VAL C 156 44.97 15.71 31.26
CA VAL C 156 46.32 15.51 30.74
C VAL C 156 47.35 15.69 31.84
N ALA C 157 47.11 16.63 32.77
CA ALA C 157 48.08 16.90 33.82
C ALA C 157 48.17 15.74 34.81
N HIS C 158 47.03 15.20 35.23
CA HIS C 158 46.96 14.11 36.21
C HIS C 158 46.05 13.02 35.67
N PRO C 159 46.56 12.21 34.73
CA PRO C 159 45.69 11.18 34.12
C PRO C 159 45.20 10.14 35.10
N GLU C 160 45.87 9.96 36.24
CA GLU C 160 45.44 8.94 37.20
C GLU C 160 44.11 9.30 37.86
N ARG C 161 43.84 10.60 38.05
CA ARG C 161 42.61 11.01 38.71
C ARG C 161 41.39 10.74 37.86
N TRP C 162 41.50 10.96 36.55
CA TRP C 162 40.37 10.88 35.64
C TRP C 162 40.32 9.53 34.95
N THR C 163 39.14 9.18 34.44
CA THR C 163 38.90 7.89 33.80
C THR C 163 38.27 8.13 32.44
N LYS C 164 38.98 7.74 31.38
CA LYS C 164 38.48 7.94 30.02
C LYS C 164 37.34 6.98 29.72
N TYR C 165 36.29 7.49 29.09
CA TYR C 165 35.16 6.69 28.64
C TYR C 165 34.90 6.97 27.16
N SER C 166 34.58 5.91 26.41
CA SER C 166 34.36 6.05 24.98
C SER C 166 33.02 6.70 24.68
N LEU C 167 31.98 6.32 25.43
CA LEU C 167 30.61 6.79 25.19
C LEU C 167 30.17 6.47 23.77
N GLU C 168 30.58 5.31 23.28
CA GLU C 168 30.25 4.83 21.93
C GLU C 168 30.62 5.85 20.86
N VAL C 198 4.65 -23.21 40.52
CA VAL C 198 3.84 -24.11 41.32
C VAL C 198 2.41 -24.12 40.80
N SER C 199 2.20 -24.78 39.67
CA SER C 199 0.90 -24.88 39.04
C SER C 199 0.60 -26.34 38.73
N SER C 200 -0.69 -26.67 38.70
CA SER C 200 -1.15 -28.02 38.45
C SER C 200 -1.90 -28.04 37.12
N PHE C 201 -1.49 -28.93 36.23
CA PHE C 201 -2.12 -29.08 34.93
C PHE C 201 -3.11 -30.24 34.94
N ASN C 202 -3.98 -30.27 33.94
CA ASN C 202 -4.93 -31.36 33.75
C ASN C 202 -5.76 -31.61 35.00
N GLN C 203 -6.33 -30.54 35.54
CA GLN C 203 -7.12 -30.64 36.77
C GLN C 203 -8.41 -31.43 36.52
N ASP C 204 -8.90 -32.05 37.59
CA ASP C 204 -10.17 -32.76 37.60
C ASP C 204 -10.90 -32.35 38.87
N PRO C 205 -12.20 -32.61 39.00
CA PRO C 205 -12.91 -32.15 40.21
C PRO C 205 -12.31 -32.66 41.51
N SER C 206 -11.72 -33.86 41.51
CA SER C 206 -11.03 -34.39 42.68
C SER C 206 -9.56 -34.02 42.61
N SER C 207 -9.20 -32.91 43.25
CA SER C 207 -7.82 -32.46 43.29
C SER C 207 -7.60 -31.68 44.58
N CYS C 208 -6.33 -31.54 44.97
CA CYS C 208 -6.00 -30.91 46.23
C CYS C 208 -4.56 -30.40 46.17
N GLY C 209 -4.19 -29.67 47.21
CA GLY C 209 -2.84 -29.14 47.33
C GLY C 209 -2.67 -27.82 46.62
N GLU C 210 -1.50 -27.21 46.86
CA GLU C 210 -1.16 -25.96 46.21
C GLU C 210 -1.01 -26.17 44.71
N GLY C 211 -1.24 -25.09 43.96
CA GLY C 211 -1.24 -25.18 42.52
C GLY C 211 -2.57 -25.54 41.91
N ARG C 212 -3.56 -25.87 42.73
CA ARG C 212 -4.91 -26.18 42.25
C ARG C 212 -5.63 -24.86 42.00
N VAL C 213 -5.99 -24.62 40.74
CA VAL C 213 -6.65 -23.37 40.36
C VAL C 213 -8.11 -23.45 40.80
N ILE C 214 -8.46 -22.67 41.81
CA ILE C 214 -9.81 -22.65 42.36
C ILE C 214 -10.51 -21.38 41.90
N PHE C 215 -11.73 -21.52 41.39
CA PHE C 215 -12.46 -20.37 40.89
C PHE C 215 -12.90 -19.47 42.03
N THR C 216 -12.68 -18.17 41.85
CA THR C 216 -13.16 -17.15 42.76
C THR C 216 -13.82 -16.04 41.95
N LYS C 217 -14.89 -15.46 42.48
CA LYS C 217 -15.61 -14.44 41.74
C LYS C 217 -14.69 -13.25 41.48
N PRO C 218 -14.61 -12.75 40.25
CA PRO C 218 -13.61 -11.72 39.95
C PRO C 218 -13.86 -10.40 40.65
N VAL C 219 -15.06 -10.21 41.22
CA VAL C 219 -15.47 -9.00 41.94
C VAL C 219 -15.05 -7.75 41.17
N ARG C 220 -15.27 -7.78 39.86
CA ARG C 220 -14.95 -6.65 38.98
C ARG C 220 -15.62 -5.36 39.43
N GLY C 253 -39.70 -21.55 26.31
CA GLY C 253 -39.87 -22.64 25.35
C GLY C 253 -40.97 -23.60 25.72
N PRO C 254 -42.23 -23.21 25.44
CA PRO C 254 -43.35 -24.12 25.76
C PRO C 254 -43.35 -25.41 24.95
N VAL C 255 -42.65 -25.44 23.83
CA VAL C 255 -42.62 -26.61 22.95
C VAL C 255 -41.32 -27.35 23.17
N GLU C 256 -41.41 -28.69 23.29
CA GLU C 256 -40.25 -29.53 23.52
C GLU C 256 -39.71 -30.04 22.19
N LEU C 257 -38.41 -29.92 21.99
CA LEU C 257 -37.74 -30.46 20.81
C LEU C 257 -37.09 -31.78 21.20
N ALA C 258 -37.65 -32.88 20.72
CA ALA C 258 -37.20 -34.21 21.16
C ALA C 258 -35.77 -34.49 20.71
N HIS C 259 -35.43 -34.12 19.47
CA HIS C 259 -34.13 -34.52 18.93
C HIS C 259 -32.98 -33.82 19.63
N LEU C 260 -33.25 -32.78 20.40
CA LEU C 260 -32.21 -32.16 21.20
C LEU C 260 -31.80 -33.09 22.34
N ALA C 261 -30.54 -32.94 22.77
CA ALA C 261 -29.92 -33.70 23.85
C ALA C 261 -29.70 -35.16 23.48
N GLY C 262 -29.83 -35.51 22.20
CA GLY C 262 -29.60 -36.87 21.76
C GLY C 262 -30.82 -37.76 21.96
N PRO C 263 -30.84 -38.91 21.29
CA PRO C 263 -31.96 -39.87 21.39
C PRO C 263 -31.96 -40.66 22.69
N GLY C 303 -36.75 -45.74 -16.66
CA GLY C 303 -37.47 -45.04 -15.62
C GLY C 303 -38.97 -44.95 -15.87
N PHE C 304 -39.61 -43.95 -15.27
CA PHE C 304 -41.05 -43.73 -15.42
C PHE C 304 -41.84 -44.96 -14.98
N HIS C 305 -41.74 -45.28 -13.69
CA HIS C 305 -42.43 -46.44 -13.14
C HIS C 305 -43.94 -46.36 -13.31
N GLY C 306 -44.49 -45.15 -13.46
CA GLY C 306 -45.91 -45.00 -13.70
C GLY C 306 -46.78 -45.51 -12.57
N SER C 307 -46.45 -45.12 -11.33
CA SER C 307 -47.22 -45.55 -10.18
C SER C 307 -48.66 -45.07 -10.28
N ARG C 308 -49.54 -45.74 -9.52
CA ARG C 308 -50.96 -45.45 -9.56
C ARG C 308 -51.24 -44.00 -9.17
N LYS C 309 -52.26 -43.41 -9.79
CA LYS C 309 -52.62 -42.03 -9.50
C LYS C 309 -53.00 -41.87 -8.04
N ARG C 310 -52.43 -40.86 -7.39
CA ARG C 310 -52.65 -40.65 -5.97
C ARG C 310 -54.06 -40.13 -5.73
N SER C 311 -54.49 -40.23 -4.46
CA SER C 311 -55.76 -39.63 -4.07
C SER C 311 -55.73 -38.12 -4.23
N ARG C 312 -54.60 -37.49 -3.89
CA ARG C 312 -54.36 -36.07 -4.09
C ARG C 312 -55.31 -35.23 -3.23
N ASP C 313 -55.30 -33.92 -3.46
CA ASP C 313 -56.10 -32.89 -2.78
C ASP C 313 -55.77 -32.80 -1.29
N HIS C 314 -54.85 -33.63 -0.78
CA HIS C 314 -54.33 -33.50 0.57
C HIS C 314 -52.99 -32.80 0.60
N PHE C 315 -52.57 -32.20 -0.51
CA PHE C 315 -51.30 -31.51 -0.61
C PHE C 315 -51.53 -30.00 -0.51
N ARG C 316 -50.42 -29.27 -0.39
CA ARG C 316 -50.49 -27.82 -0.25
C ARG C 316 -51.03 -27.16 -1.52
N ASN C 317 -50.30 -27.31 -2.63
CA ASN C 317 -50.68 -26.72 -3.91
C ASN C 317 -50.98 -25.22 -3.78
N LYS C 318 -50.10 -24.53 -3.06
CA LYS C 318 -50.30 -23.11 -2.80
C LYS C 318 -48.97 -22.41 -2.55
#